data_7H3D
# 
_entry.id   7H3D 
# 
_audit_conform.dict_name       mmcif_pdbx.dic 
_audit_conform.dict_version    5.397 
_audit_conform.dict_location   http://mmcif.pdb.org/dictionaries/ascii/mmcif_pdbx.dic 
# 
loop_
_database_2.database_id 
_database_2.database_code 
_database_2.pdbx_database_accession 
_database_2.pdbx_DOI 
PDB   7H3D         pdb_00007h3d 10.2210/pdb7h3d/pdb 
WWPDB D_1001406972 ?            ?                   
# 
loop_
_pdbx_audit_revision_history.ordinal 
_pdbx_audit_revision_history.data_content_type 
_pdbx_audit_revision_history.major_revision 
_pdbx_audit_revision_history.minor_revision 
_pdbx_audit_revision_history.revision_date 
1 'Structure model' 1 0 2024-04-24 
2 'Structure model' 1 1 2024-10-16 
# 
_pdbx_audit_revision_details.ordinal             1 
_pdbx_audit_revision_details.revision_ordinal    1 
_pdbx_audit_revision_details.data_content_type   'Structure model' 
_pdbx_audit_revision_details.provider            repository 
_pdbx_audit_revision_details.type                'Initial release' 
_pdbx_audit_revision_details.description         ? 
_pdbx_audit_revision_details.details             ? 
# 
loop_
_pdbx_audit_revision_group.ordinal 
_pdbx_audit_revision_group.revision_ordinal 
_pdbx_audit_revision_group.data_content_type 
_pdbx_audit_revision_group.group 
1 2 'Structure model' 'Database references' 
2 2 'Structure model' 'Structure summary'   
# 
loop_
_pdbx_audit_revision_category.ordinal 
_pdbx_audit_revision_category.revision_ordinal 
_pdbx_audit_revision_category.data_content_type 
_pdbx_audit_revision_category.category 
1 2 'Structure model' citation           
2 2 'Structure model' citation_author    
3 2 'Structure model' pdbx_entry_details 
# 
loop_
_pdbx_audit_revision_item.ordinal 
_pdbx_audit_revision_item.revision_ordinal 
_pdbx_audit_revision_item.data_content_type 
_pdbx_audit_revision_item.item 
1 2 'Structure model' '_citation.country'                 
2 2 'Structure model' '_citation.journal_abbrev'          
3 2 'Structure model' '_citation.journal_id_CSD'          
4 2 'Structure model' '_citation.journal_id_ISSN'         
5 2 'Structure model' '_citation.pdbx_database_id_DOI'    
6 2 'Structure model' '_citation.pdbx_database_id_PubMed' 
7 2 'Structure model' '_citation.title'                   
8 2 'Structure model' '_citation.year'                    
# 
_pdbx_database_status.entry_id                        7H3D 
_pdbx_database_status.status_code                     REL 
_pdbx_database_status.status_code_sf                  REL 
_pdbx_database_status.status_code_mr                  ? 
_pdbx_database_status.status_code_cs                  ? 
_pdbx_database_status.recvd_initial_deposition_date   2024-04-04 
_pdbx_database_status.status_code_nmr_data            ? 
_pdbx_database_status.deposit_site                    RCSB 
_pdbx_database_status.process_site                    RCSB 
_pdbx_database_status.SG_entry                        ? 
_pdbx_database_status.pdb_format_compatible           N 
_pdbx_database_status.methods_development_category    ? 
# 
_pdbx_contact_author.id                 1 
_pdbx_contact_author.email              frank.von-delft@diamond.ac.uk 
_pdbx_contact_author.name_first         Frank 
_pdbx_contact_author.name_last          'von Delft' 
_pdbx_contact_author.role               'principal investigator/group leader' 
_pdbx_contact_author.identifier_ORCID   0000-0003-0378-0017 
_pdbx_contact_author.name_mi            ? 
# 
loop_
_audit_author.name 
_audit_author.pdbx_ordinal 
'Lithgo, R.M.'        1  
'Fairhead, M.'        2  
'Koekemoer, L.'       3  
'Balcomb, B.H.'       4  
'Capkin, E.'          5  
'Chandran, A.V.'      6  
'Golding, M.'         7  
'Godoy, A.S.'         8  
'Aschenbrenner, J.C.' 9  
'Marples, P.G.'       10 
'Ni, X.'              11 
'Thompson, W.'        12 
'Tomlinson, C.W.E.'   13 
'Wild, C.'            14 
'Winokan, M.'         15 
'Xavier, M.-A.E.'     16 
'Fearon, D.'          17 
'von Delft, F.'       18 
# 
_citation.id                        primary 
_citation.title                     
;Crystallographic Fragment Screen of Coxsackievirus A16 2A Protease identifies new opportunities for the development of broad-spectrum anti-enterovirals.
;
_citation.journal_abbrev            Biorxiv 
_citation.journal_volume            ? 
_citation.page_first                ? 
_citation.page_last                 ? 
_citation.year                      2024 
_citation.journal_id_ASTM           ? 
_citation.country                   US 
_citation.journal_id_ISSN           2692-8205 
_citation.journal_id_CSD            ? 
_citation.book_publisher            ? 
_citation.pdbx_database_id_PubMed   38746446 
_citation.pdbx_database_id_DOI      10.1101/2024.04.29.591684 
# 
loop_
_citation_author.citation_id 
_citation_author.name 
_citation_author.identifier_ORCID 
_citation_author.ordinal 
primary 'Lithgo, R.M.'        0000-0002-4706-9916 1  
primary 'Tomlinson, C.W.E.'   0000-0002-1845-6028 2  
primary 'Fairhead, M.'        0000-0001-5361-3933 3  
primary 'Winokan, M.'         ?                   4  
primary 'Thompson, W.'        0000-0003-1474-7810 5  
primary 'Wild, C.'            0000-0003-0654-8141 6  
primary 'Aschenbrenner, J.C.' 0000-0002-4318-0481 7  
primary 'Balcomb, B.H.'       0000-0001-7599-8467 8  
primary 'Marples, P.G.'       0000-0002-8787-7969 9  
primary 'Chandran, A.V.'      0000-0001-9942-2614 10 
primary 'Golding, M.'         0009-0004-7472-8333 11 
primary 'Koekemoer, L.'       0000-0001-9226-9127 12 
primary 'Williams, E.P.'      0000-0002-1331-9518 13 
primary 'Wang, S.'            ?                   14 
primary 'Ni, X.'              0000-0002-7769-8297 15 
primary 'MacLean, E.'         0000-0003-1680-4292 16 
primary 'Giroud, C.'          0000-0002-1629-1581 17 
primary 'Godoy, A.S.'         0000-0002-0613-9164 18 
primary 'Xavier, M.A.'        0000-0002-1709-9479 19 
primary 'Walsh, M.'           0000-0001-5683-1151 20 
primary 'Fearon, D.'          0000-0003-3529-7863 21 
primary 'von Delft, F.'       0000-0003-0378-0017 22 
# 
loop_
_entity.id 
_entity.type 
_entity.src_method 
_entity.pdbx_description 
_entity.formula_weight 
_entity.pdbx_number_of_molecules 
_entity.pdbx_ec 
_entity.pdbx_mutation 
_entity.pdbx_fragment 
_entity.details 
1 polymer     man 'Protease 2A'                        16493.311 1  3.4.22.29 ? ? ? 
2 non-polymer man N-benzyl-1-methyl-1H-pyrazol-3-amine 187.241   1  ?         ? ? ? 
3 non-polymer syn 'ZINC ION'                           65.409    1  ?         ? ? ? 
4 non-polymer syn 'DIMETHYL SULFOXIDE'                 78.133    2  ?         ? ? ? 
5 water       nat water                                18.015    55 ?         ? ? ? 
# 
_entity_name_com.entity_id   1 
_entity_name_com.name        'P2A,Picornain 2A,Protein 2A' 
# 
_entity_poly.entity_id                      1 
_entity_poly.type                           'polypeptide(L)' 
_entity_poly.nstd_linkage                   no 
_entity_poly.nstd_monomer                   no 
_entity_poly.pdbx_seq_one_letter_code       
;QEQTGGSGAIYVGNYRVVNRHLATHNDWANLVWEDSSRDLLVSSTTAQGCDTIARCDCQTGVYYCSSRRKHYPVSFSKPS
LIFVEASEYYPARYQSHLMLAVGHSEPGDCGGILRCQHGVVGIVSTGGNGLVGFADVRDLLWLDEEAMEQ
;
_entity_poly.pdbx_seq_one_letter_code_can   
;QEQTGGSGAIYVGNYRVVNRHLATHNDWANLVWEDSSRDLLVSSTTAQGCDTIARCDCQTGVYYCSSRRKHYPVSFSKPS
LIFVEASEYYPARYQSHLMLAVGHSEPGDCGGILRCQHGVVGIVSTGGNGLVGFADVRDLLWLDEEAMEQ
;
_entity_poly.pdbx_strand_id                 A 
_entity_poly.pdbx_target_identifier         ? 
# 
loop_
_pdbx_entity_nonpoly.entity_id 
_pdbx_entity_nonpoly.name 
_pdbx_entity_nonpoly.comp_id 
2 N-benzyl-1-methyl-1H-pyrazol-3-amine A1AM3 
3 'ZINC ION'                           ZN    
4 'DIMETHYL SULFOXIDE'                 DMS   
5 water                                HOH   
# 
loop_
_entity_poly_seq.entity_id 
_entity_poly_seq.num 
_entity_poly_seq.mon_id 
_entity_poly_seq.hetero 
1 1   GLN n 
1 2   GLU n 
1 3   GLN n 
1 4   THR n 
1 5   GLY n 
1 6   GLY n 
1 7   SER n 
1 8   GLY n 
1 9   ALA n 
1 10  ILE n 
1 11  TYR n 
1 12  VAL n 
1 13  GLY n 
1 14  ASN n 
1 15  TYR n 
1 16  ARG n 
1 17  VAL n 
1 18  VAL n 
1 19  ASN n 
1 20  ARG n 
1 21  HIS n 
1 22  LEU n 
1 23  ALA n 
1 24  THR n 
1 25  HIS n 
1 26  ASN n 
1 27  ASP n 
1 28  TRP n 
1 29  ALA n 
1 30  ASN n 
1 31  LEU n 
1 32  VAL n 
1 33  TRP n 
1 34  GLU n 
1 35  ASP n 
1 36  SER n 
1 37  SER n 
1 38  ARG n 
1 39  ASP n 
1 40  LEU n 
1 41  LEU n 
1 42  VAL n 
1 43  SER n 
1 44  SER n 
1 45  THR n 
1 46  THR n 
1 47  ALA n 
1 48  GLN n 
1 49  GLY n 
1 50  CYS n 
1 51  ASP n 
1 52  THR n 
1 53  ILE n 
1 54  ALA n 
1 55  ARG n 
1 56  CYS n 
1 57  ASP n 
1 58  CYS n 
1 59  GLN n 
1 60  THR n 
1 61  GLY n 
1 62  VAL n 
1 63  TYR n 
1 64  TYR n 
1 65  CYS n 
1 66  SER n 
1 67  SER n 
1 68  ARG n 
1 69  ARG n 
1 70  LYS n 
1 71  HIS n 
1 72  TYR n 
1 73  PRO n 
1 74  VAL n 
1 75  SER n 
1 76  PHE n 
1 77  SER n 
1 78  LYS n 
1 79  PRO n 
1 80  SER n 
1 81  LEU n 
1 82  ILE n 
1 83  PHE n 
1 84  VAL n 
1 85  GLU n 
1 86  ALA n 
1 87  SER n 
1 88  GLU n 
1 89  TYR n 
1 90  TYR n 
1 91  PRO n 
1 92  ALA n 
1 93  ARG n 
1 94  TYR n 
1 95  GLN n 
1 96  SER n 
1 97  HIS n 
1 98  LEU n 
1 99  MET n 
1 100 LEU n 
1 101 ALA n 
1 102 VAL n 
1 103 GLY n 
1 104 HIS n 
1 105 SER n 
1 106 GLU n 
1 107 PRO n 
1 108 GLY n 
1 109 ASP n 
1 110 CYS n 
1 111 GLY n 
1 112 GLY n 
1 113 ILE n 
1 114 LEU n 
1 115 ARG n 
1 116 CYS n 
1 117 GLN n 
1 118 HIS n 
1 119 GLY n 
1 120 VAL n 
1 121 VAL n 
1 122 GLY n 
1 123 ILE n 
1 124 VAL n 
1 125 SER n 
1 126 THR n 
1 127 GLY n 
1 128 GLY n 
1 129 ASN n 
1 130 GLY n 
1 131 LEU n 
1 132 VAL n 
1 133 GLY n 
1 134 PHE n 
1 135 ALA n 
1 136 ASP n 
1 137 VAL n 
1 138 ARG n 
1 139 ASP n 
1 140 LEU n 
1 141 LEU n 
1 142 TRP n 
1 143 LEU n 
1 144 ASP n 
1 145 GLU n 
1 146 GLU n 
1 147 ALA n 
1 148 MET n 
1 149 GLU n 
1 150 GLN n 
# 
loop_
_entity_src_gen.entity_id 
_entity_src_gen.pdbx_src_id 
_entity_src_gen.pdbx_alt_source_flag 
_entity_src_gen.pdbx_seq_type 
_entity_src_gen.pdbx_beg_seq_num 
_entity_src_gen.pdbx_end_seq_num 
_entity_src_gen.gene_src_common_name 
_entity_src_gen.gene_src_genus 
_entity_src_gen.pdbx_gene_src_gene 
_entity_src_gen.gene_src_species 
_entity_src_gen.gene_src_strain 
_entity_src_gen.gene_src_tissue 
_entity_src_gen.gene_src_tissue_fraction 
_entity_src_gen.gene_src_details 
_entity_src_gen.pdbx_gene_src_fragment 
_entity_src_gen.pdbx_gene_src_scientific_name 
_entity_src_gen.pdbx_gene_src_ncbi_taxonomy_id 
_entity_src_gen.pdbx_gene_src_variant 
_entity_src_gen.pdbx_gene_src_cell_line 
_entity_src_gen.pdbx_gene_src_atcc 
_entity_src_gen.pdbx_gene_src_organ 
_entity_src_gen.pdbx_gene_src_organelle 
_entity_src_gen.pdbx_gene_src_cell 
_entity_src_gen.pdbx_gene_src_cellular_location 
_entity_src_gen.host_org_common_name 
_entity_src_gen.pdbx_host_org_scientific_name 
_entity_src_gen.pdbx_host_org_ncbi_taxonomy_id 
_entity_src_gen.host_org_genus 
_entity_src_gen.pdbx_host_org_gene 
_entity_src_gen.pdbx_host_org_organ 
_entity_src_gen.host_org_species 
_entity_src_gen.pdbx_host_org_tissue 
_entity_src_gen.pdbx_host_org_tissue_fraction 
_entity_src_gen.pdbx_host_org_strain 
_entity_src_gen.pdbx_host_org_variant 
_entity_src_gen.pdbx_host_org_cell_line 
_entity_src_gen.pdbx_host_org_atcc 
_entity_src_gen.pdbx_host_org_culture_collection 
_entity_src_gen.pdbx_host_org_cell 
_entity_src_gen.pdbx_host_org_organelle 
_entity_src_gen.pdbx_host_org_cellular_location 
_entity_src_gen.pdbx_host_org_vector_type 
_entity_src_gen.pdbx_host_org_vector 
_entity_src_gen.host_org_details 
_entity_src_gen.expression_system_id 
_entity_src_gen.plasmid_name 
_entity_src_gen.plasmid_details 
_entity_src_gen.pdbx_description 
1 1 sample 'Biological sequence' 1 150 ? ? ? ? ? ? ? ? ? 'Coxsackievirus A16' 31704 ? ? ? ? ? ? ? ? 'Escherichia coli' 562 ? ? ? ? 
? ? ? ? ? ? ? ? ? ? ? ? ? ? ? ? ? 
2 1 sample ?                     ? ?   ? ? ? ? ? ? ? ? ? 'Coxsackievirus A16' 31704 ? ? ? ? ? ? ? ? 'Escherichia coli' 562 ? ? ? ? 
? ? ? ? ? ? ? ? ? ? ? ? ? ? ? ? ? 
# 
loop_
_chem_comp.id 
_chem_comp.type 
_chem_comp.mon_nstd_flag 
_chem_comp.name 
_chem_comp.pdbx_synonyms 
_chem_comp.formula 
_chem_comp.formula_weight 
A1AM3 non-polymer         . N-benzyl-1-methyl-1H-pyrazol-3-amine ? 'C11 H13 N3'     187.241 
ALA   'L-peptide linking' y ALANINE                              ? 'C3 H7 N O2'     89.093  
ARG   'L-peptide linking' y ARGININE                             ? 'C6 H15 N4 O2 1' 175.209 
ASN   'L-peptide linking' y ASPARAGINE                           ? 'C4 H8 N2 O3'    132.118 
ASP   'L-peptide linking' y 'ASPARTIC ACID'                      ? 'C4 H7 N O4'     133.103 
CYS   'L-peptide linking' y CYSTEINE                             ? 'C3 H7 N O2 S'   121.158 
DMS   non-polymer         . 'DIMETHYL SULFOXIDE'                 ? 'C2 H6 O S'      78.133  
GLN   'L-peptide linking' y GLUTAMINE                            ? 'C5 H10 N2 O3'   146.144 
GLU   'L-peptide linking' y 'GLUTAMIC ACID'                      ? 'C5 H9 N O4'     147.129 
GLY   'peptide linking'   y GLYCINE                              ? 'C2 H5 N O2'     75.067  
HIS   'L-peptide linking' y HISTIDINE                            ? 'C6 H10 N3 O2 1' 156.162 
HOH   non-polymer         . WATER                                ? 'H2 O'           18.015  
ILE   'L-peptide linking' y ISOLEUCINE                           ? 'C6 H13 N O2'    131.173 
LEU   'L-peptide linking' y LEUCINE                              ? 'C6 H13 N O2'    131.173 
LYS   'L-peptide linking' y LYSINE                               ? 'C6 H15 N2 O2 1' 147.195 
MET   'L-peptide linking' y METHIONINE                           ? 'C5 H11 N O2 S'  149.211 
PHE   'L-peptide linking' y PHENYLALANINE                        ? 'C9 H11 N O2'    165.189 
PRO   'L-peptide linking' y PROLINE                              ? 'C5 H9 N O2'     115.130 
SER   'L-peptide linking' y SERINE                               ? 'C3 H7 N O3'     105.093 
THR   'L-peptide linking' y THREONINE                            ? 'C4 H9 N O3'     119.119 
TRP   'L-peptide linking' y TRYPTOPHAN                           ? 'C11 H12 N2 O2'  204.225 
TYR   'L-peptide linking' y TYROSINE                             ? 'C9 H11 N O3'    181.189 
VAL   'L-peptide linking' y VALINE                               ? 'C5 H11 N O2'    117.146 
ZN    non-polymer         . 'ZINC ION'                           ? 'Zn 2'           65.409  
# 
loop_
_pdbx_poly_seq_scheme.asym_id 
_pdbx_poly_seq_scheme.entity_id 
_pdbx_poly_seq_scheme.seq_id 
_pdbx_poly_seq_scheme.mon_id 
_pdbx_poly_seq_scheme.ndb_seq_num 
_pdbx_poly_seq_scheme.pdb_seq_num 
_pdbx_poly_seq_scheme.auth_seq_num 
_pdbx_poly_seq_scheme.pdb_mon_id 
_pdbx_poly_seq_scheme.auth_mon_id 
_pdbx_poly_seq_scheme.pdb_strand_id 
_pdbx_poly_seq_scheme.pdb_ins_code 
_pdbx_poly_seq_scheme.hetero 
A 1 1   GLN 1   1   ?   ?   ?   A . n 
A 1 2   GLU 2   2   ?   ?   ?   A . n 
A 1 3   GLN 3   3   ?   ?   ?   A . n 
A 1 4   THR 4   4   ?   ?   ?   A . n 
A 1 5   GLY 5   5   ?   ?   ?   A . n 
A 1 6   GLY 6   6   ?   ?   ?   A . n 
A 1 7   SER 7   7   7   SER SER A . n 
A 1 8   GLY 8   8   8   GLY GLY A . n 
A 1 9   ALA 9   9   9   ALA ALA A . n 
A 1 10  ILE 10  10  10  ILE ILE A . n 
A 1 11  TYR 11  11  11  TYR TYR A . n 
A 1 12  VAL 12  12  12  VAL VAL A . n 
A 1 13  GLY 13  13  13  GLY GLY A . n 
A 1 14  ASN 14  14  14  ASN ASN A . n 
A 1 15  TYR 15  15  15  TYR TYR A . n 
A 1 16  ARG 16  16  16  ARG ARG A . n 
A 1 17  VAL 17  17  17  VAL VAL A . n 
A 1 18  VAL 18  18  18  VAL VAL A . n 
A 1 19  ASN 19  19  19  ASN ASN A . n 
A 1 20  ARG 20  20  20  ARG ARG A . n 
A 1 21  HIS 21  21  21  HIS HIS A . n 
A 1 22  LEU 22  22  22  LEU LEU A . n 
A 1 23  ALA 23  23  23  ALA ALA A . n 
A 1 24  THR 24  24  24  THR THR A . n 
A 1 25  HIS 25  25  25  HIS HIS A . n 
A 1 26  ASN 26  26  26  ASN ASN A . n 
A 1 27  ASP 27  27  27  ASP ASP A . n 
A 1 28  TRP 28  28  28  TRP TRP A . n 
A 1 29  ALA 29  29  29  ALA ALA A . n 
A 1 30  ASN 30  30  30  ASN ASN A . n 
A 1 31  LEU 31  31  31  LEU LEU A . n 
A 1 32  VAL 32  32  32  VAL VAL A . n 
A 1 33  TRP 33  33  33  TRP TRP A . n 
A 1 34  GLU 34  34  34  GLU GLU A . n 
A 1 35  ASP 35  35  35  ASP ASP A . n 
A 1 36  SER 36  36  36  SER SER A . n 
A 1 37  SER 37  37  37  SER SER A . n 
A 1 38  ARG 38  38  38  ARG ARG A . n 
A 1 39  ASP 39  39  39  ASP ASP A . n 
A 1 40  LEU 40  40  40  LEU LEU A . n 
A 1 41  LEU 41  41  41  LEU LEU A . n 
A 1 42  VAL 42  42  42  VAL VAL A . n 
A 1 43  SER 43  43  43  SER SER A . n 
A 1 44  SER 44  44  44  SER SER A . n 
A 1 45  THR 45  45  45  THR THR A . n 
A 1 46  THR 46  46  46  THR THR A . n 
A 1 47  ALA 47  47  47  ALA ALA A . n 
A 1 48  GLN 48  48  48  GLN GLN A . n 
A 1 49  GLY 49  49  49  GLY GLY A . n 
A 1 50  CYS 50  50  50  CYS CYS A . n 
A 1 51  ASP 51  51  51  ASP ASP A . n 
A 1 52  THR 52  52  52  THR THR A . n 
A 1 53  ILE 53  53  53  ILE ILE A . n 
A 1 54  ALA 54  54  54  ALA ALA A . n 
A 1 55  ARG 55  55  55  ARG ARG A . n 
A 1 56  CYS 56  56  56  CYS CYS A . n 
A 1 57  ASP 57  57  57  ASP ASP A . n 
A 1 58  CYS 58  58  58  CYS CYS A . n 
A 1 59  GLN 59  59  59  GLN GLN A . n 
A 1 60  THR 60  60  60  THR THR A . n 
A 1 61  GLY 61  61  61  GLY GLY A . n 
A 1 62  VAL 62  62  62  VAL VAL A . n 
A 1 63  TYR 63  63  63  TYR TYR A . n 
A 1 64  TYR 64  64  64  TYR TYR A . n 
A 1 65  CYS 65  65  65  CYS CYS A . n 
A 1 66  SER 66  66  66  SER SER A . n 
A 1 67  SER 67  67  67  SER SER A . n 
A 1 68  ARG 68  68  68  ARG ARG A . n 
A 1 69  ARG 69  69  69  ARG ARG A . n 
A 1 70  LYS 70  70  70  LYS LYS A . n 
A 1 71  HIS 71  71  71  HIS HIS A . n 
A 1 72  TYR 72  72  72  TYR TYR A . n 
A 1 73  PRO 73  73  73  PRO PRO A . n 
A 1 74  VAL 74  74  74  VAL VAL A . n 
A 1 75  SER 75  75  75  SER SER A . n 
A 1 76  PHE 76  76  76  PHE PHE A . n 
A 1 77  SER 77  77  77  SER SER A . n 
A 1 78  LYS 78  78  78  LYS LYS A . n 
A 1 79  PRO 79  79  79  PRO PRO A . n 
A 1 80  SER 80  80  80  SER SER A . n 
A 1 81  LEU 81  81  81  LEU LEU A . n 
A 1 82  ILE 82  82  82  ILE ILE A . n 
A 1 83  PHE 83  83  83  PHE PHE A . n 
A 1 84  VAL 84  84  84  VAL VAL A . n 
A 1 85  GLU 85  85  85  GLU GLU A . n 
A 1 86  ALA 86  86  86  ALA ALA A . n 
A 1 87  SER 87  87  87  SER SER A . n 
A 1 88  GLU 88  88  88  GLU GLU A . n 
A 1 89  TYR 89  89  89  TYR TYR A . n 
A 1 90  TYR 90  90  90  TYR TYR A . n 
A 1 91  PRO 91  91  91  PRO PRO A . n 
A 1 92  ALA 92  92  92  ALA ALA A . n 
A 1 93  ARG 93  93  93  ARG ARG A . n 
A 1 94  TYR 94  94  94  TYR TYR A . n 
A 1 95  GLN 95  95  95  GLN GLN A . n 
A 1 96  SER 96  96  96  SER SER A . n 
A 1 97  HIS 97  97  97  HIS HIS A . n 
A 1 98  LEU 98  98  98  LEU LEU A . n 
A 1 99  MET 99  99  99  MET MET A . n 
A 1 100 LEU 100 100 100 LEU LEU A . n 
A 1 101 ALA 101 101 101 ALA ALA A . n 
A 1 102 VAL 102 102 102 VAL VAL A . n 
A 1 103 GLY 103 103 103 GLY GLY A . n 
A 1 104 HIS 104 104 104 HIS HIS A . n 
A 1 105 SER 105 105 105 SER SER A . n 
A 1 106 GLU 106 106 106 GLU GLU A . n 
A 1 107 PRO 107 107 107 PRO PRO A . n 
A 1 108 GLY 108 108 108 GLY GLY A . n 
A 1 109 ASP 109 109 109 ASP ASP A . n 
A 1 110 CYS 110 110 110 CYS CYS A . n 
A 1 111 GLY 111 111 111 GLY GLY A . n 
A 1 112 GLY 112 112 112 GLY GLY A . n 
A 1 113 ILE 113 113 113 ILE ILE A . n 
A 1 114 LEU 114 114 114 LEU LEU A . n 
A 1 115 ARG 115 115 115 ARG ARG A . n 
A 1 116 CYS 116 116 116 CYS CYS A . n 
A 1 117 GLN 117 117 117 GLN GLN A . n 
A 1 118 HIS 118 118 118 HIS HIS A . n 
A 1 119 GLY 119 119 119 GLY GLY A . n 
A 1 120 VAL 120 120 120 VAL VAL A . n 
A 1 121 VAL 121 121 121 VAL VAL A . n 
A 1 122 GLY 122 122 122 GLY GLY A . n 
A 1 123 ILE 123 123 123 ILE ILE A . n 
A 1 124 VAL 124 124 124 VAL VAL A . n 
A 1 125 SER 125 125 125 SER SER A . n 
A 1 126 THR 126 126 126 THR THR A . n 
A 1 127 GLY 127 127 127 GLY GLY A . n 
A 1 128 GLY 128 128 128 GLY GLY A . n 
A 1 129 ASN 129 129 129 ASN ASN A . n 
A 1 130 GLY 130 130 130 GLY GLY A . n 
A 1 131 LEU 131 131 131 LEU LEU A . n 
A 1 132 VAL 132 132 132 VAL VAL A . n 
A 1 133 GLY 133 133 133 GLY GLY A . n 
A 1 134 PHE 134 134 134 PHE PHE A . n 
A 1 135 ALA 135 135 135 ALA ALA A . n 
A 1 136 ASP 136 136 136 ASP ASP A . n 
A 1 137 VAL 137 137 137 VAL VAL A . n 
A 1 138 ARG 138 138 138 ARG ARG A . n 
A 1 139 ASP 139 139 139 ASP ASP A . n 
A 1 140 LEU 140 140 140 LEU LEU A . n 
A 1 141 LEU 141 141 141 LEU LEU A . n 
A 1 142 TRP 142 142 142 TRP TRP A . n 
A 1 143 LEU 143 143 143 LEU LEU A . n 
A 1 144 ASP 144 144 144 ASP ASP A . n 
A 1 145 GLU 145 145 145 GLU GLU A . n 
A 1 146 GLU 146 146 ?   ?   ?   A . n 
A 1 147 ALA 147 147 ?   ?   ?   A . n 
A 1 148 MET 148 148 ?   ?   ?   A . n 
A 1 149 GLU 149 149 ?   ?   ?   A . n 
A 1 150 GLN 150 150 ?   ?   ?   A . n 
# 
loop_
_pdbx_nonpoly_scheme.asym_id 
_pdbx_nonpoly_scheme.entity_id 
_pdbx_nonpoly_scheme.mon_id 
_pdbx_nonpoly_scheme.ndb_seq_num 
_pdbx_nonpoly_scheme.pdb_seq_num 
_pdbx_nonpoly_scheme.auth_seq_num 
_pdbx_nonpoly_scheme.pdb_mon_id 
_pdbx_nonpoly_scheme.auth_mon_id 
_pdbx_nonpoly_scheme.pdb_strand_id 
_pdbx_nonpoly_scheme.pdb_ins_code 
B 2 A1AM3 1  201 201 A1AM3 LIG A . 
C 3 ZN    1  202 1   ZN    ZN  A . 
D 4 DMS   1  203 0   DMS   DMS A . 
E 4 DMS   1  204 3   DMS   DMS A . 
F 5 HOH   1  301 39  HOH   HOH A . 
F 5 HOH   2  302 45  HOH   HOH A . 
F 5 HOH   3  303 40  HOH   HOH A . 
F 5 HOH   4  304 27  HOH   HOH A . 
F 5 HOH   5  305 7   HOH   HOH A . 
F 5 HOH   6  306 5   HOH   HOH A . 
F 5 HOH   7  307 20  HOH   HOH A . 
F 5 HOH   8  308 11  HOH   HOH A . 
F 5 HOH   9  309 15  HOH   HOH A . 
F 5 HOH   10 310 54  HOH   HOH A . 
F 5 HOH   11 311 29  HOH   HOH A . 
F 5 HOH   12 312 16  HOH   HOH A . 
F 5 HOH   13 313 13  HOH   HOH A . 
F 5 HOH   14 314 30  HOH   HOH A . 
F 5 HOH   15 315 9   HOH   HOH A . 
F 5 HOH   16 316 21  HOH   HOH A . 
F 5 HOH   17 317 32  HOH   HOH A . 
F 5 HOH   18 318 18  HOH   HOH A . 
F 5 HOH   19 319 25  HOH   HOH A . 
F 5 HOH   20 320 8   HOH   HOH A . 
F 5 HOH   21 321 34  HOH   HOH A . 
F 5 HOH   22 322 36  HOH   HOH A . 
F 5 HOH   23 323 1   HOH   HOH A . 
F 5 HOH   24 324 17  HOH   HOH A . 
F 5 HOH   25 325 4   HOH   HOH A . 
F 5 HOH   26 326 24  HOH   HOH A . 
F 5 HOH   27 327 19  HOH   HOH A . 
F 5 HOH   28 328 56  HOH   HOH A . 
F 5 HOH   29 329 33  HOH   HOH A . 
F 5 HOH   30 330 10  HOH   HOH A . 
F 5 HOH   31 331 41  HOH   HOH A . 
F 5 HOH   32 332 6   HOH   HOH A . 
F 5 HOH   33 333 23  HOH   HOH A . 
F 5 HOH   34 334 12  HOH   HOH A . 
F 5 HOH   35 335 46  HOH   HOH A . 
F 5 HOH   36 336 3   HOH   HOH A . 
F 5 HOH   37 337 35  HOH   HOH A . 
F 5 HOH   38 338 14  HOH   HOH A . 
F 5 HOH   39 339 31  HOH   HOH A . 
F 5 HOH   40 340 26  HOH   HOH A . 
F 5 HOH   41 341 55  HOH   HOH A . 
F 5 HOH   42 342 2   HOH   HOH A . 
F 5 HOH   43 343 51  HOH   HOH A . 
F 5 HOH   44 344 48  HOH   HOH A . 
F 5 HOH   45 345 52  HOH   HOH A . 
F 5 HOH   46 346 49  HOH   HOH A . 
F 5 HOH   47 347 22  HOH   HOH A . 
F 5 HOH   48 348 28  HOH   HOH A . 
F 5 HOH   49 349 47  HOH   HOH A . 
F 5 HOH   50 350 42  HOH   HOH A . 
F 5 HOH   51 351 50  HOH   HOH A . 
F 5 HOH   52 352 43  HOH   HOH A . 
F 5 HOH   53 353 38  HOH   HOH A . 
F 5 HOH   54 354 53  HOH   HOH A . 
F 5 HOH   55 355 57  HOH   HOH A . 
# 
loop_
_software.classification 
_software.name 
_software.version 
_software.citation_id 
_software.pdbx_ordinal 
refinement       REFMAC  5.8.0267 ? 1 
refinement       REFMAC5 .        ? 2 
'data scaling'   Aimless .        ? 3 
phasing          PHASER  .        ? 4 
'data reduction' XDS     .        ? 5 
# 
_cell.entry_id           7H3D 
_cell.length_a           72.942 
_cell.length_b           60.675 
_cell.length_c           32.470 
_cell.angle_alpha        90.00 
_cell.angle_beta         92.93 
_cell.angle_gamma        90.00 
_cell.Z_PDB              4 
_cell.pdbx_unique_axis   ? 
# 
_symmetry.entry_id                         7H3D 
_symmetry.space_group_name_H-M             'C 1 2 1' 
_symmetry.pdbx_full_space_group_name_H-M   ? 
_symmetry.cell_setting                     ? 
_symmetry.Int_Tables_number                5 
# 
_exptl.entry_id          7H3D 
_exptl.method            'X-RAY DIFFRACTION' 
_exptl.crystals_number   1 
# 
_exptl_crystal.id                    1 
_exptl_crystal.density_meas          ? 
_exptl_crystal.density_Matthews      2.18 
_exptl_crystal.density_percent_sol   43.46 
_exptl_crystal.description           ? 
# 
_exptl_crystal_grow.crystal_id      1 
_exptl_crystal_grow.method          'VAPOR DIFFUSION, SITTING DROP' 
_exptl_crystal_grow.pH              6.05 
_exptl_crystal_grow.temp            293.15 
_exptl_crystal_grow.pdbx_details    '0.1 M MES, pH 6.05, 16 % PEG 20,000' 
_exptl_crystal_grow.temp_details    ? 
_exptl_crystal_grow.pdbx_pH_range   ? 
# 
_diffrn.id                     1 
_diffrn.ambient_temp           100 
_diffrn.crystal_id             1 
_diffrn.ambient_temp_details   ? 
# 
_diffrn_detector.detector               PIXEL 
_diffrn_detector.type                   'DECTRIS EIGER2 XE 16M' 
_diffrn_detector.pdbx_collection_date   2023-10-10 
_diffrn_detector.diffrn_id              1 
_diffrn_detector.details                ? 
# 
_diffrn_radiation.diffrn_id                        1 
_diffrn_radiation.wavelength_id                    1 
_diffrn_radiation.pdbx_diffrn_protocol             'SINGLE WAVELENGTH' 
_diffrn_radiation.pdbx_monochromatic_or_laue_m_l   ? 
_diffrn_radiation.monochromator                    ? 
_diffrn_radiation.pdbx_scattering_type             x-ray 
# 
_diffrn_radiation_wavelength.id           1 
_diffrn_radiation_wavelength.wavelength   0.94055 
_diffrn_radiation_wavelength.wt           1.0 
# 
_diffrn_source.diffrn_id                   1 
_diffrn_source.source                      SYNCHROTRON 
_diffrn_source.type                        'DIAMOND BEAMLINE I03' 
_diffrn_source.pdbx_wavelength_list        0.94055 
_diffrn_source.pdbx_synchrotron_site       Diamond 
_diffrn_source.pdbx_synchrotron_beamline   I03 
_diffrn_source.pdbx_wavelength             ? 
# 
_reflns.entry_id                     7H3D 
_reflns.pdbx_diffrn_id               1 
_reflns.pdbx_ordinal                 1 
_reflns.d_resolution_low             46.65 
_reflns.d_resolution_high            1.35 
_reflns.number_obs                   30655 
_reflns.percent_possible_obs         98.5 
_reflns.pdbx_Rmerge_I_obs            0.166 
_reflns.pdbx_netI_over_sigmaI        6.1 
_reflns.pdbx_redundancy              6.9 
_reflns.pdbx_Rrim_I_all              0.179 
_reflns.pdbx_Rpim_I_all              0.068 
_reflns.pdbx_CC_half                 0.996 
_reflns.pdbx_number_measured_all     210397 
_reflns.pdbx_chi_squared             0.72 
_reflns.observed_criterion_sigma_I   ? 
_reflns.observed_criterion_sigma_F   ? 
_reflns.number_all                   ? 
_reflns.pdbx_Rsym_value              ? 
_reflns.B_iso_Wilson_estimate        ? 
# 
_reflns_shell.pdbx_diffrn_id              1 
_reflns_shell.pdbx_ordinal                1 
_reflns_shell.d_res_high                  1.35 
_reflns_shell.d_res_low                   1.37 
_reflns_shell.number_measured_all         9756 
_reflns_shell.number_unique_obs           1491 
_reflns_shell.Rmerge_I_obs                4.387 
_reflns_shell.pdbx_chi_squared            0.43 
_reflns_shell.pdbx_redundancy             6.5 
_reflns_shell.percent_possible_obs        96.5 
_reflns_shell.pdbx_netI_over_sigmaI_obs   0.3 
_reflns_shell.pdbx_Rrim_I_all             4.767 
_reflns_shell.pdbx_Rpim_I_all             1.839 
_reflns_shell.pdbx_CC_half                0.262 
_reflns_shell.percent_possible_all        ? 
_reflns_shell.pdbx_Rsym_value             ? 
_reflns_shell.meanI_over_sigI_obs         ? 
# 
_refine.pdbx_refine_id                           'X-RAY DIFFRACTION' 
_refine.entry_id                                 7H3D 
_refine.pdbx_diffrn_id                           1 
_refine.pdbx_TLS_residual_ADP_flag               ? 
_refine.ls_number_reflns_obs                     25920 
_refine.ls_number_reflns_all                     ? 
_refine.pdbx_ls_sigma_I                          ? 
_refine.pdbx_ls_sigma_F                          ? 
_refine.pdbx_data_cutoff_high_absF               ? 
_refine.pdbx_data_cutoff_low_absF                ? 
_refine.pdbx_data_cutoff_high_rms_absF           ? 
_refine.ls_d_res_low                             46.62 
_refine.ls_d_res_high                            1.35 
_refine.ls_percent_reflns_obs                    87.20 
_refine.ls_R_factor_obs                          0.30678 
_refine.ls_R_factor_all                          ? 
_refine.ls_R_factor_R_work                       0.30525 
_refine.ls_R_factor_R_free                       0.34233 
_refine.ls_R_factor_R_free_error                 ? 
_refine.ls_R_factor_R_free_error_details         ? 
_refine.ls_percent_reflns_R_free                 4.7 
_refine.ls_number_reflns_R_free                  1267 
_refine.ls_number_parameters                     ? 
_refine.ls_number_restraints                     ? 
_refine.occupancy_min                            ? 
_refine.occupancy_max                            ? 
_refine.correlation_coeff_Fo_to_Fc               0.880 
_refine.correlation_coeff_Fo_to_Fc_free          0.870 
_refine.B_iso_mean                               24.190 
_refine.aniso_B[1][1]                            -0.54 
_refine.aniso_B[2][2]                            0.04 
_refine.aniso_B[3][3]                            0.48 
_refine.aniso_B[1][2]                            -0.00 
_refine.aniso_B[1][3]                            0.14 
_refine.aniso_B[2][3]                            -0.00 
_refine.solvent_model_details                    MASK 
_refine.solvent_model_param_ksol                 ? 
_refine.solvent_model_param_bsol                 ? 
_refine.pdbx_solvent_vdw_probe_radii             1.20 
_refine.pdbx_solvent_ion_probe_radii             0.80 
_refine.pdbx_solvent_shrinkage_radii             0.80 
_refine.pdbx_ls_cross_valid_method               THROUGHOUT 
_refine.details                                  'HYDROGENS HAVE BEEN ADDED IN THE RIDING POSITIONS' 
_refine.pdbx_starting_model                      ? 
_refine.pdbx_method_to_determine_struct          'MOLECULAR REPLACEMENT' 
_refine.pdbx_isotropic_thermal_model             ? 
_refine.pdbx_stereochemistry_target_values       'MAXIMUM LIKELIHOOD' 
_refine.pdbx_stereochem_target_val_spec_case     ? 
_refine.pdbx_R_Free_selection_details            RANDOM 
_refine.pdbx_overall_ESU_R                       0.150 
_refine.pdbx_overall_ESU_R_Free                  0.138 
_refine.overall_SU_ML                            0.181 
_refine.pdbx_overall_phase_error                 ? 
_refine.overall_SU_B                             4.917 
_refine.overall_SU_R_Cruickshank_DPI             ? 
_refine.pdbx_overall_SU_R_free_Cruickshank_DPI   ? 
_refine.pdbx_overall_SU_R_Blow_DPI               ? 
_refine.pdbx_overall_SU_R_free_Blow_DPI          ? 
# 
_refine_hist.pdbx_refine_id                   'X-RAY DIFFRACTION' 
_refine_hist.cycle_id                         1 
_refine_hist.pdbx_number_atoms_protein        1074 
_refine_hist.pdbx_number_atoms_nucleic_acid   0 
_refine_hist.pdbx_number_atoms_ligand         23 
_refine_hist.number_atoms_solvent             55 
_refine_hist.number_atoms_total               1152 
_refine_hist.d_res_high                       1.35 
_refine_hist.d_res_low                        46.62 
# 
loop_
_refine_ls_restr.type 
_refine_ls_restr.dev_ideal 
_refine_ls_restr.dev_ideal_target 
_refine_ls_restr.weight 
_refine_ls_restr.number 
_refine_ls_restr.pdbx_refine_id 
_refine_ls_restr.pdbx_restraint_function 
r_bond_refined_d             0.009  0.014  ? 2712 'X-RAY DIFFRACTION' ? 
r_bond_other_d               0.002  0.014  ? 1810 'X-RAY DIFFRACTION' ? 
r_angle_refined_deg          1.584  1.633  ? 2842 'X-RAY DIFFRACTION' ? 
r_angle_other_deg            1.303  1.593  ? 4164 'X-RAY DIFFRACTION' ? 
r_dihedral_angle_1_deg       7.102  5.000  ? 263  'X-RAY DIFFRACTION' ? 
r_dihedral_angle_2_deg       27.994 20.583 ? 120  'X-RAY DIFFRACTION' ? 
r_dihedral_angle_3_deg       17.243 15.000 ? 309  'X-RAY DIFFRACTION' ? 
r_dihedral_angle_4_deg       20.416 15.000 ? 18   'X-RAY DIFFRACTION' ? 
r_chiral_restr               0.070  0.200  ? 246  'X-RAY DIFFRACTION' ? 
r_gen_planes_refined         0.008  0.020  ? 2610 'X-RAY DIFFRACTION' ? 
r_gen_planes_other           0.001  0.020  ? 550  'X-RAY DIFFRACTION' ? 
r_nbd_refined                ?      ?      ? ?    'X-RAY DIFFRACTION' ? 
r_nbd_other                  ?      ?      ? ?    'X-RAY DIFFRACTION' ? 
r_nbtor_refined              ?      ?      ? ?    'X-RAY DIFFRACTION' ? 
r_nbtor_other                ?      ?      ? ?    'X-RAY DIFFRACTION' ? 
r_xyhbond_nbd_refined        ?      ?      ? ?    'X-RAY DIFFRACTION' ? 
r_xyhbond_nbd_other          ?      ?      ? ?    'X-RAY DIFFRACTION' ? 
r_metal_ion_refined          ?      ?      ? ?    'X-RAY DIFFRACTION' ? 
r_metal_ion_other            ?      ?      ? ?    'X-RAY DIFFRACTION' ? 
r_symmetry_vdw_refined       ?      ?      ? ?    'X-RAY DIFFRACTION' ? 
r_symmetry_vdw_other         ?      ?      ? ?    'X-RAY DIFFRACTION' ? 
r_symmetry_hbond_refined     ?      ?      ? ?    'X-RAY DIFFRACTION' ? 
r_symmetry_hbond_other       ?      ?      ? ?    'X-RAY DIFFRACTION' ? 
r_symmetry_metal_ion_refined ?      ?      ? ?    'X-RAY DIFFRACTION' ? 
r_symmetry_metal_ion_other   ?      ?      ? ?    'X-RAY DIFFRACTION' ? 
r_mcbond_it                  1.509  2.550  ? 1290 'X-RAY DIFFRACTION' ? 
r_mcbond_other               1.512  2.543  ? 1283 'X-RAY DIFFRACTION' ? 
r_mcangle_it                 2.577  3.694  ? 1275 'X-RAY DIFFRACTION' ? 
r_mcangle_other              2.576  3.693  ? 1276 'X-RAY DIFFRACTION' ? 
r_scbond_it                  1.533  2.631  ? 1418 'X-RAY DIFFRACTION' ? 
r_scbond_other               1.537  2.633  ? 1410 'X-RAY DIFFRACTION' ? 
r_scangle_it                 ?      ?      ? ?    'X-RAY DIFFRACTION' ? 
r_scangle_other              2.352  3.819  ? 1556 'X-RAY DIFFRACTION' ? 
r_long_range_B_refined       3.924  25.002 ? 2110 'X-RAY DIFFRACTION' ? 
r_long_range_B_other         3.923  24.998 ? 2108 'X-RAY DIFFRACTION' ? 
r_rigid_bond_restr           ?      ?      ? ?    'X-RAY DIFFRACTION' ? 
r_sphericity_free            ?      ?      ? ?    'X-RAY DIFFRACTION' ? 
r_sphericity_bonded          ?      ?      ? ?    'X-RAY DIFFRACTION' ? 
# 
_refine_ls_shell.pdbx_refine_id                   'X-RAY DIFFRACTION' 
_refine_ls_shell.pdbx_total_number_of_bins_used   20 
_refine_ls_shell.d_res_high                       1.348 
_refine_ls_shell.d_res_low                        1.383 
_refine_ls_shell.number_reflns_R_work             1092 
_refine_ls_shell.R_factor_R_work                  0.802 
_refine_ls_shell.percent_reflns_obs               51.04 
_refine_ls_shell.R_factor_R_free                  0.666 
_refine_ls_shell.R_factor_R_free_error            ? 
_refine_ls_shell.percent_reflns_R_free            ? 
_refine_ls_shell.number_reflns_R_free             57 
_refine_ls_shell.number_reflns_all                ? 
_refine_ls_shell.R_factor_all                     ? 
# 
_struct.entry_id                  7H3D 
_struct.title                     
;Group deposition for crystallographic fragment screening of Coxsackievirus A16 (G-10) 2A protease -- Crystal structure of Coxsackievirus A16 (G-10) 2A protease in complex with Z558511008 (A71EV2A-x0365)
;
_struct.pdbx_model_details        ? 
_struct.pdbx_CASP_flag            ? 
_struct.pdbx_model_type_details   ? 
# 
_struct_keywords.entry_id        7H3D 
_struct_keywords.pdbx_keywords   HYDROLASE 
_struct_keywords.text            
;Diamond Light Source, I03, ASAP, Coxsackievirus A16, crystallographic fragment screening, PanDDA, Pandda2, XChemExplorer, viral protein, HYDROLASE
;
# 
loop_
_struct_asym.id 
_struct_asym.pdbx_blank_PDB_chainid_flag 
_struct_asym.pdbx_modified 
_struct_asym.entity_id 
_struct_asym.details 
A N N 1 ? 
B N N 2 ? 
C N N 3 ? 
D N N 4 ? 
E N N 4 ? 
F N N 5 ? 
# 
_struct_ref.id                         1 
_struct_ref.db_name                    UNP 
_struct_ref.db_code                    POLG_CX16G 
_struct_ref.pdbx_db_accession          Q65900 
_struct_ref.pdbx_db_isoform            ? 
_struct_ref.entity_id                  1 
_struct_ref.pdbx_seq_one_letter_code   
;SGAIYVGNYRVVNRHLATHNDWANLVWEDSSRDLLVSSTTAQGCDTIARCDCQTGVYYCSSRRKHYPVSFSKPSLIFVEA
SEYYPARYQSHLMLAVGHSEPGDCGGILRCQHGVVGIVSTGGNGLVGFADVRDLLWLDEEAMEQ
;
_struct_ref.pdbx_align_begin           869 
# 
_struct_ref_seq.align_id                      1 
_struct_ref_seq.ref_id                        1 
_struct_ref_seq.pdbx_PDB_id_code              7H3D 
_struct_ref_seq.pdbx_strand_id                A 
_struct_ref_seq.seq_align_beg                 7 
_struct_ref_seq.pdbx_seq_align_beg_ins_code   ? 
_struct_ref_seq.seq_align_end                 150 
_struct_ref_seq.pdbx_seq_align_end_ins_code   ? 
_struct_ref_seq.pdbx_db_accession             Q65900 
_struct_ref_seq.db_align_beg                  869 
_struct_ref_seq.pdbx_db_align_beg_ins_code    ? 
_struct_ref_seq.db_align_end                  1012 
_struct_ref_seq.pdbx_db_align_end_ins_code    ? 
_struct_ref_seq.pdbx_auth_seq_align_beg       7 
_struct_ref_seq.pdbx_auth_seq_align_end       150 
# 
loop_
_struct_ref_seq_dif.align_id 
_struct_ref_seq_dif.pdbx_pdb_id_code 
_struct_ref_seq_dif.mon_id 
_struct_ref_seq_dif.pdbx_pdb_strand_id 
_struct_ref_seq_dif.seq_num 
_struct_ref_seq_dif.pdbx_pdb_ins_code 
_struct_ref_seq_dif.pdbx_seq_db_name 
_struct_ref_seq_dif.pdbx_seq_db_accession_code 
_struct_ref_seq_dif.db_mon_id 
_struct_ref_seq_dif.pdbx_seq_db_seq_num 
_struct_ref_seq_dif.details 
_struct_ref_seq_dif.pdbx_auth_seq_num 
_struct_ref_seq_dif.pdbx_ordinal 
1 7H3D GLN A 1 ? UNP Q65900 ? ? 'expression tag' 1 1 
1 7H3D GLU A 2 ? UNP Q65900 ? ? 'expression tag' 2 2 
1 7H3D GLN A 3 ? UNP Q65900 ? ? 'expression tag' 3 3 
1 7H3D THR A 4 ? UNP Q65900 ? ? 'expression tag' 4 4 
1 7H3D GLY A 5 ? UNP Q65900 ? ? 'expression tag' 5 5 
1 7H3D GLY A 6 ? UNP Q65900 ? ? 'expression tag' 6 6 
# 
_pdbx_struct_assembly.id                   1 
_pdbx_struct_assembly.details              author_and_software_defined_assembly 
_pdbx_struct_assembly.method_details       PISA 
_pdbx_struct_assembly.oligomeric_details   monomeric 
_pdbx_struct_assembly.oligomeric_count     1 
# 
loop_
_pdbx_struct_assembly_prop.biol_id 
_pdbx_struct_assembly_prop.type 
_pdbx_struct_assembly_prop.value 
_pdbx_struct_assembly_prop.details 
1 'ABSA (A^2)' 220  ? 
1 MORE         -1   ? 
1 'SSA (A^2)'  7390 ? 
# 
_pdbx_struct_assembly_gen.assembly_id       1 
_pdbx_struct_assembly_gen.oper_expression   1 
_pdbx_struct_assembly_gen.asym_id_list      A,B,C,D,E,F 
# 
_pdbx_struct_oper_list.id                   1 
_pdbx_struct_oper_list.type                 'identity operation' 
_pdbx_struct_oper_list.name                 1_555 
_pdbx_struct_oper_list.symmetry_operation   x,y,z 
_pdbx_struct_oper_list.matrix[1][1]         1.0000000000 
_pdbx_struct_oper_list.matrix[1][2]         0.0000000000 
_pdbx_struct_oper_list.matrix[1][3]         0.0000000000 
_pdbx_struct_oper_list.vector[1]            0.0000000000 
_pdbx_struct_oper_list.matrix[2][1]         0.0000000000 
_pdbx_struct_oper_list.matrix[2][2]         1.0000000000 
_pdbx_struct_oper_list.matrix[2][3]         0.0000000000 
_pdbx_struct_oper_list.vector[2]            0.0000000000 
_pdbx_struct_oper_list.matrix[3][1]         0.0000000000 
_pdbx_struct_oper_list.matrix[3][2]         0.0000000000 
_pdbx_struct_oper_list.matrix[3][3]         1.0000000000 
_pdbx_struct_oper_list.vector[3]            0.0000000000 
# 
loop_
_struct_conf.conf_type_id 
_struct_conf.id 
_struct_conf.pdbx_PDB_helix_id 
_struct_conf.beg_label_comp_id 
_struct_conf.beg_label_asym_id 
_struct_conf.beg_label_seq_id 
_struct_conf.pdbx_beg_PDB_ins_code 
_struct_conf.end_label_comp_id 
_struct_conf.end_label_asym_id 
_struct_conf.end_label_seq_id 
_struct_conf.pdbx_end_PDB_ins_code 
_struct_conf.beg_auth_comp_id 
_struct_conf.beg_auth_asym_id 
_struct_conf.beg_auth_seq_id 
_struct_conf.end_auth_comp_id 
_struct_conf.end_auth_asym_id 
_struct_conf.end_auth_seq_id 
_struct_conf.pdbx_PDB_helix_class 
_struct_conf.details 
_struct_conf.pdbx_PDB_helix_length 
HELX_P HELX_P1 AA1 HIS A 21  ? ALA A 23  ? HIS A 21  ALA A 23  5 ? 3 
HELX_P HELX_P2 AA2 THR A 24  ? ASN A 30  ? THR A 24  ASN A 30  1 ? 7 
HELX_P HELX_P3 AA3 SER A 66  ? ARG A 69  ? SER A 66  ARG A 69  5 ? 4 
HELX_P HELX_P4 AA4 GLU A 106 ? CYS A 110 ? GLU A 106 CYS A 110 5 ? 5 
HELX_P HELX_P5 AA5 LEU A 140 ? GLU A 145 ? LEU A 140 GLU A 145 5 ? 6 
# 
_struct_conf_type.id          HELX_P 
_struct_conf_type.criteria    ? 
_struct_conf_type.reference   ? 
# 
loop_
_struct_conn.id 
_struct_conn.conn_type_id 
_struct_conn.pdbx_leaving_atom_flag 
_struct_conn.pdbx_PDB_id 
_struct_conn.ptnr1_label_asym_id 
_struct_conn.ptnr1_label_comp_id 
_struct_conn.ptnr1_label_seq_id 
_struct_conn.ptnr1_label_atom_id 
_struct_conn.pdbx_ptnr1_label_alt_id 
_struct_conn.pdbx_ptnr1_PDB_ins_code 
_struct_conn.pdbx_ptnr1_standard_comp_id 
_struct_conn.ptnr1_symmetry 
_struct_conn.ptnr2_label_asym_id 
_struct_conn.ptnr2_label_comp_id 
_struct_conn.ptnr2_label_seq_id 
_struct_conn.ptnr2_label_atom_id 
_struct_conn.pdbx_ptnr2_label_alt_id 
_struct_conn.pdbx_ptnr2_PDB_ins_code 
_struct_conn.ptnr1_auth_asym_id 
_struct_conn.ptnr1_auth_comp_id 
_struct_conn.ptnr1_auth_seq_id 
_struct_conn.ptnr2_auth_asym_id 
_struct_conn.ptnr2_auth_comp_id 
_struct_conn.ptnr2_auth_seq_id 
_struct_conn.ptnr2_symmetry 
_struct_conn.pdbx_ptnr3_label_atom_id 
_struct_conn.pdbx_ptnr3_label_seq_id 
_struct_conn.pdbx_ptnr3_label_comp_id 
_struct_conn.pdbx_ptnr3_label_asym_id 
_struct_conn.pdbx_ptnr3_label_alt_id 
_struct_conn.pdbx_ptnr3_PDB_ins_code 
_struct_conn.details 
_struct_conn.pdbx_dist_value 
_struct_conn.pdbx_value_order 
_struct_conn.pdbx_role 
metalc1 metalc ? ? A CYS 56  SG  ? ? ? 1_555 C ZN . ZN ? ? A CYS 56  A ZN 202 1_555 ? ? ? ? ? ? ? 2.339 ? ? 
metalc2 metalc ? ? A CYS 58  SG  ? ? ? 1_555 C ZN . ZN ? ? A CYS 58  A ZN 202 1_555 ? ? ? ? ? ? ? 2.333 ? ? 
metalc3 metalc ? ? A CYS 116 SG  ? ? ? 1_555 C ZN . ZN ? ? A CYS 116 A ZN 202 1_555 ? ? ? ? ? ? ? 2.410 ? ? 
metalc4 metalc ? ? A HIS 118 ND1 ? ? ? 1_555 C ZN . ZN ? ? A HIS 118 A ZN 202 1_555 ? ? ? ? ? ? ? 2.048 ? ? 
# 
_struct_conn_type.id          metalc 
_struct_conn_type.criteria    ? 
_struct_conn_type.reference   ? 
# 
loop_
_pdbx_struct_conn_angle.id 
_pdbx_struct_conn_angle.ptnr1_label_atom_id 
_pdbx_struct_conn_angle.ptnr1_label_alt_id 
_pdbx_struct_conn_angle.ptnr1_label_asym_id 
_pdbx_struct_conn_angle.ptnr1_label_comp_id 
_pdbx_struct_conn_angle.ptnr1_label_seq_id 
_pdbx_struct_conn_angle.ptnr1_auth_atom_id 
_pdbx_struct_conn_angle.ptnr1_auth_asym_id 
_pdbx_struct_conn_angle.ptnr1_auth_comp_id 
_pdbx_struct_conn_angle.ptnr1_auth_seq_id 
_pdbx_struct_conn_angle.ptnr1_PDB_ins_code 
_pdbx_struct_conn_angle.ptnr1_symmetry 
_pdbx_struct_conn_angle.ptnr2_label_atom_id 
_pdbx_struct_conn_angle.ptnr2_label_alt_id 
_pdbx_struct_conn_angle.ptnr2_label_asym_id 
_pdbx_struct_conn_angle.ptnr2_label_comp_id 
_pdbx_struct_conn_angle.ptnr2_label_seq_id 
_pdbx_struct_conn_angle.ptnr2_auth_atom_id 
_pdbx_struct_conn_angle.ptnr2_auth_asym_id 
_pdbx_struct_conn_angle.ptnr2_auth_comp_id 
_pdbx_struct_conn_angle.ptnr2_auth_seq_id 
_pdbx_struct_conn_angle.ptnr2_PDB_ins_code 
_pdbx_struct_conn_angle.ptnr2_symmetry 
_pdbx_struct_conn_angle.ptnr3_label_atom_id 
_pdbx_struct_conn_angle.ptnr3_label_alt_id 
_pdbx_struct_conn_angle.ptnr3_label_asym_id 
_pdbx_struct_conn_angle.ptnr3_label_comp_id 
_pdbx_struct_conn_angle.ptnr3_label_seq_id 
_pdbx_struct_conn_angle.ptnr3_auth_atom_id 
_pdbx_struct_conn_angle.ptnr3_auth_asym_id 
_pdbx_struct_conn_angle.ptnr3_auth_comp_id 
_pdbx_struct_conn_angle.ptnr3_auth_seq_id 
_pdbx_struct_conn_angle.ptnr3_PDB_ins_code 
_pdbx_struct_conn_angle.ptnr3_symmetry 
_pdbx_struct_conn_angle.value 
_pdbx_struct_conn_angle.value_esd 
1 SG ? A CYS 56  ? A CYS 56  ? 1_555 ZN ? C ZN . ? A ZN 202 ? 1_555 SG  ? A CYS 58  ? A CYS 58  ? 1_555 106.4 ? 
2 SG ? A CYS 56  ? A CYS 56  ? 1_555 ZN ? C ZN . ? A ZN 202 ? 1_555 SG  ? A CYS 116 ? A CYS 116 ? 1_555 106.6 ? 
3 SG ? A CYS 58  ? A CYS 58  ? 1_555 ZN ? C ZN . ? A ZN 202 ? 1_555 SG  ? A CYS 116 ? A CYS 116 ? 1_555 116.5 ? 
4 SG ? A CYS 56  ? A CYS 56  ? 1_555 ZN ? C ZN . ? A ZN 202 ? 1_555 ND1 ? A HIS 118 ? A HIS 118 ? 1_555 97.5  ? 
5 SG ? A CYS 58  ? A CYS 58  ? 1_555 ZN ? C ZN . ? A ZN 202 ? 1_555 ND1 ? A HIS 118 ? A HIS 118 ? 1_555 102.6 ? 
6 SG ? A CYS 116 ? A CYS 116 ? 1_555 ZN ? C ZN . ? A ZN 202 ? 1_555 ND1 ? A HIS 118 ? A HIS 118 ? 1_555 124.5 ? 
# 
loop_
_struct_sheet.id 
_struct_sheet.type 
_struct_sheet.number_strands 
_struct_sheet.details 
AA1 ? 3 ? 
AA2 ? 7 ? 
# 
loop_
_struct_sheet_order.sheet_id 
_struct_sheet_order.range_id_1 
_struct_sheet_order.range_id_2 
_struct_sheet_order.offset 
_struct_sheet_order.sense 
AA1 1 2 ? anti-parallel 
AA1 2 3 ? anti-parallel 
AA2 1 2 ? anti-parallel 
AA2 2 3 ? anti-parallel 
AA2 3 4 ? anti-parallel 
AA2 4 5 ? anti-parallel 
AA2 5 6 ? anti-parallel 
AA2 6 7 ? anti-parallel 
# 
loop_
_struct_sheet_range.sheet_id 
_struct_sheet_range.id 
_struct_sheet_range.beg_label_comp_id 
_struct_sheet_range.beg_label_asym_id 
_struct_sheet_range.beg_label_seq_id 
_struct_sheet_range.pdbx_beg_PDB_ins_code 
_struct_sheet_range.end_label_comp_id 
_struct_sheet_range.end_label_asym_id 
_struct_sheet_range.end_label_seq_id 
_struct_sheet_range.pdbx_end_PDB_ins_code 
_struct_sheet_range.beg_auth_comp_id 
_struct_sheet_range.beg_auth_asym_id 
_struct_sheet_range.beg_auth_seq_id 
_struct_sheet_range.end_auth_comp_id 
_struct_sheet_range.end_auth_asym_id 
_struct_sheet_range.end_auth_seq_id 
AA1 1 LEU A 31  ? ASP A 35  ? LEU A 31  ASP A 35  
AA1 2 LEU A 40  ? CYS A 50  ? LEU A 40  CYS A 50  
AA1 3 ILE A 10  ? ASN A 19  ? ILE A 10  ASN A 19  
AA2 1 LYS A 70  ? SER A 75  ? LYS A 70  SER A 75  
AA2 2 THR A 60  ? CYS A 65  ? THR A 60  CYS A 65  
AA2 3 ILE A 113 ? CYS A 116 ? ILE A 113 CYS A 116 
AA2 4 GLY A 119 ? GLY A 128 ? GLY A 119 GLY A 128 
AA2 5 LEU A 131 ? ASP A 136 ? LEU A 131 ASP A 136 
AA2 6 ARG A 93  ? VAL A 102 ? ARG A 93  VAL A 102 
AA2 7 SER A 80  ? VAL A 84  ? SER A 80  VAL A 84  
# 
loop_
_pdbx_struct_sheet_hbond.sheet_id 
_pdbx_struct_sheet_hbond.range_id_1 
_pdbx_struct_sheet_hbond.range_id_2 
_pdbx_struct_sheet_hbond.range_1_label_atom_id 
_pdbx_struct_sheet_hbond.range_1_label_comp_id 
_pdbx_struct_sheet_hbond.range_1_label_asym_id 
_pdbx_struct_sheet_hbond.range_1_label_seq_id 
_pdbx_struct_sheet_hbond.range_1_PDB_ins_code 
_pdbx_struct_sheet_hbond.range_1_auth_atom_id 
_pdbx_struct_sheet_hbond.range_1_auth_comp_id 
_pdbx_struct_sheet_hbond.range_1_auth_asym_id 
_pdbx_struct_sheet_hbond.range_1_auth_seq_id 
_pdbx_struct_sheet_hbond.range_2_label_atom_id 
_pdbx_struct_sheet_hbond.range_2_label_comp_id 
_pdbx_struct_sheet_hbond.range_2_label_asym_id 
_pdbx_struct_sheet_hbond.range_2_label_seq_id 
_pdbx_struct_sheet_hbond.range_2_PDB_ins_code 
_pdbx_struct_sheet_hbond.range_2_auth_atom_id 
_pdbx_struct_sheet_hbond.range_2_auth_comp_id 
_pdbx_struct_sheet_hbond.range_2_auth_asym_id 
_pdbx_struct_sheet_hbond.range_2_auth_seq_id 
AA1 1 2 N TRP A 33  ? N TRP A 33  O VAL A 42  ? O VAL A 42  
AA1 2 3 N SER A 43  ? N SER A 43  O ARG A 16  ? O ARG A 16  
AA2 1 2 O LYS A 70  ? O LYS A 70  N CYS A 65  ? N CYS A 65  
AA2 2 3 N VAL A 62  ? N VAL A 62  O ARG A 115 ? O ARG A 115 
AA2 3 4 N LEU A 114 ? N LEU A 114 O GLY A 122 ? O GLY A 122 
AA2 4 5 N THR A 126 ? N THR A 126 O GLY A 133 ? O GLY A 133 
AA2 5 6 O PHE A 134 ? O PHE A 134 N MET A 99  ? N MET A 99  
AA2 6 7 O LEU A 98  ? O LEU A 98  N SER A 80  ? N SER A 80  
# 
_pdbx_entry_details.entry_id                   7H3D 
_pdbx_entry_details.compound_details           ? 
_pdbx_entry_details.source_details             ? 
_pdbx_entry_details.nonpolymer_details         ? 
_pdbx_entry_details.sequence_details           ? 
_pdbx_entry_details.has_ligand_of_interest     ? 
_pdbx_entry_details.has_protein_modification   N 
# 
loop_
_pdbx_validate_torsion.id 
_pdbx_validate_torsion.PDB_model_num 
_pdbx_validate_torsion.auth_comp_id 
_pdbx_validate_torsion.auth_asym_id 
_pdbx_validate_torsion.auth_seq_id 
_pdbx_validate_torsion.PDB_ins_code 
_pdbx_validate_torsion.label_alt_id 
_pdbx_validate_torsion.phi 
_pdbx_validate_torsion.psi 
1 1 ASN A 14  ? ? -98.84  35.04  
2 1 CYS A 56  ? ? 179.02  175.80 
3 1 ARG A 69  ? ? 38.80   61.05  
4 1 ALA A 86  ? ? -48.55  151.04 
5 1 GLU A 88  ? ? 132.31  -55.45 
6 1 SER A 125 ? ? -130.52 -36.74 
7 1 ASP A 144 ? ? -99.26  30.07  
# 
loop_
_pdbx_unobs_or_zero_occ_residues.id 
_pdbx_unobs_or_zero_occ_residues.PDB_model_num 
_pdbx_unobs_or_zero_occ_residues.polymer_flag 
_pdbx_unobs_or_zero_occ_residues.occupancy_flag 
_pdbx_unobs_or_zero_occ_residues.auth_asym_id 
_pdbx_unobs_or_zero_occ_residues.auth_comp_id 
_pdbx_unobs_or_zero_occ_residues.auth_seq_id 
_pdbx_unobs_or_zero_occ_residues.PDB_ins_code 
_pdbx_unobs_or_zero_occ_residues.label_asym_id 
_pdbx_unobs_or_zero_occ_residues.label_comp_id 
_pdbx_unobs_or_zero_occ_residues.label_seq_id 
1  1 Y 1 A GLN 1   ? A GLN 1   
2  1 Y 1 A GLU 2   ? A GLU 2   
3  1 Y 1 A GLN 3   ? A GLN 3   
4  1 Y 1 A THR 4   ? A THR 4   
5  1 Y 1 A GLY 5   ? A GLY 5   
6  1 Y 1 A GLY 6   ? A GLY 6   
7  1 Y 1 A GLU 146 ? A GLU 146 
8  1 Y 1 A ALA 147 ? A ALA 147 
9  1 Y 1 A MET 148 ? A MET 148 
10 1 Y 1 A GLU 149 ? A GLU 149 
11 1 Y 1 A GLN 150 ? A GLN 150 
# 
loop_
_chem_comp_atom.comp_id 
_chem_comp_atom.atom_id 
_chem_comp_atom.type_symbol 
_chem_comp_atom.pdbx_aromatic_flag 
_chem_comp_atom.pdbx_stereo_config 
_chem_comp_atom.pdbx_ordinal 
A1AM3 N1   N  N N 1   
A1AM3 C4   C  N N 2   
A1AM3 C5   C  Y N 3   
A1AM3 C6   C  Y N 4   
A1AM3 C7   C  Y N 5   
A1AM3 C8   C  Y N 6   
A1AM3 C10  C  Y N 7   
A1AM3 N    N  Y N 8   
A1AM3 C    C  N N 9   
A1AM3 C1   C  Y N 10  
A1AM3 C2   C  Y N 11  
A1AM3 C3   C  Y N 12  
A1AM3 C9   C  Y N 13  
A1AM3 N2   N  Y N 14  
A1AM3 H5   H  N N 15  
A1AM3 H7   H  N N 16  
A1AM3 H6   H  N N 17  
A1AM3 H8   H  N N 18  
A1AM3 H9   H  N N 19  
A1AM3 H10  H  N N 20  
A1AM3 H12  H  N N 21  
A1AM3 H1   H  N N 22  
A1AM3 H    H  N N 23  
A1AM3 H2   H  N N 24  
A1AM3 H3   H  N N 25  
A1AM3 H4   H  N N 26  
A1AM3 H11  H  N N 27  
ALA   N    N  N N 28  
ALA   CA   C  N S 29  
ALA   C    C  N N 30  
ALA   O    O  N N 31  
ALA   CB   C  N N 32  
ALA   OXT  O  N N 33  
ALA   H    H  N N 34  
ALA   H2   H  N N 35  
ALA   HA   H  N N 36  
ALA   HB1  H  N N 37  
ALA   HB2  H  N N 38  
ALA   HB3  H  N N 39  
ALA   HXT  H  N N 40  
ARG   N    N  N N 41  
ARG   CA   C  N S 42  
ARG   C    C  N N 43  
ARG   O    O  N N 44  
ARG   CB   C  N N 45  
ARG   CG   C  N N 46  
ARG   CD   C  N N 47  
ARG   NE   N  N N 48  
ARG   CZ   C  N N 49  
ARG   NH1  N  N N 50  
ARG   NH2  N  N N 51  
ARG   OXT  O  N N 52  
ARG   H    H  N N 53  
ARG   H2   H  N N 54  
ARG   HA   H  N N 55  
ARG   HB2  H  N N 56  
ARG   HB3  H  N N 57  
ARG   HG2  H  N N 58  
ARG   HG3  H  N N 59  
ARG   HD2  H  N N 60  
ARG   HD3  H  N N 61  
ARG   HE   H  N N 62  
ARG   HH11 H  N N 63  
ARG   HH12 H  N N 64  
ARG   HH21 H  N N 65  
ARG   HH22 H  N N 66  
ARG   HXT  H  N N 67  
ASN   N    N  N N 68  
ASN   CA   C  N S 69  
ASN   C    C  N N 70  
ASN   O    O  N N 71  
ASN   CB   C  N N 72  
ASN   CG   C  N N 73  
ASN   OD1  O  N N 74  
ASN   ND2  N  N N 75  
ASN   OXT  O  N N 76  
ASN   H    H  N N 77  
ASN   H2   H  N N 78  
ASN   HA   H  N N 79  
ASN   HB2  H  N N 80  
ASN   HB3  H  N N 81  
ASN   HD21 H  N N 82  
ASN   HD22 H  N N 83  
ASN   HXT  H  N N 84  
ASP   N    N  N N 85  
ASP   CA   C  N S 86  
ASP   C    C  N N 87  
ASP   O    O  N N 88  
ASP   CB   C  N N 89  
ASP   CG   C  N N 90  
ASP   OD1  O  N N 91  
ASP   OD2  O  N N 92  
ASP   OXT  O  N N 93  
ASP   H    H  N N 94  
ASP   H2   H  N N 95  
ASP   HA   H  N N 96  
ASP   HB2  H  N N 97  
ASP   HB3  H  N N 98  
ASP   HD2  H  N N 99  
ASP   HXT  H  N N 100 
CYS   N    N  N N 101 
CYS   CA   C  N R 102 
CYS   C    C  N N 103 
CYS   O    O  N N 104 
CYS   CB   C  N N 105 
CYS   SG   S  N N 106 
CYS   OXT  O  N N 107 
CYS   H    H  N N 108 
CYS   H2   H  N N 109 
CYS   HA   H  N N 110 
CYS   HB2  H  N N 111 
CYS   HB3  H  N N 112 
CYS   HG   H  N N 113 
CYS   HXT  H  N N 114 
DMS   S    S  N N 115 
DMS   O    O  N N 116 
DMS   C1   C  N N 117 
DMS   C2   C  N N 118 
DMS   H11  H  N N 119 
DMS   H12  H  N N 120 
DMS   H13  H  N N 121 
DMS   H21  H  N N 122 
DMS   H22  H  N N 123 
DMS   H23  H  N N 124 
GLN   N    N  N N 125 
GLN   CA   C  N S 126 
GLN   C    C  N N 127 
GLN   O    O  N N 128 
GLN   CB   C  N N 129 
GLN   CG   C  N N 130 
GLN   CD   C  N N 131 
GLN   OE1  O  N N 132 
GLN   NE2  N  N N 133 
GLN   OXT  O  N N 134 
GLN   H    H  N N 135 
GLN   H2   H  N N 136 
GLN   HA   H  N N 137 
GLN   HB2  H  N N 138 
GLN   HB3  H  N N 139 
GLN   HG2  H  N N 140 
GLN   HG3  H  N N 141 
GLN   HE21 H  N N 142 
GLN   HE22 H  N N 143 
GLN   HXT  H  N N 144 
GLU   N    N  N N 145 
GLU   CA   C  N S 146 
GLU   C    C  N N 147 
GLU   O    O  N N 148 
GLU   CB   C  N N 149 
GLU   CG   C  N N 150 
GLU   CD   C  N N 151 
GLU   OE1  O  N N 152 
GLU   OE2  O  N N 153 
GLU   OXT  O  N N 154 
GLU   H    H  N N 155 
GLU   H2   H  N N 156 
GLU   HA   H  N N 157 
GLU   HB2  H  N N 158 
GLU   HB3  H  N N 159 
GLU   HG2  H  N N 160 
GLU   HG3  H  N N 161 
GLU   HE2  H  N N 162 
GLU   HXT  H  N N 163 
GLY   N    N  N N 164 
GLY   CA   C  N N 165 
GLY   C    C  N N 166 
GLY   O    O  N N 167 
GLY   OXT  O  N N 168 
GLY   H    H  N N 169 
GLY   H2   H  N N 170 
GLY   HA2  H  N N 171 
GLY   HA3  H  N N 172 
GLY   HXT  H  N N 173 
HIS   N    N  N N 174 
HIS   CA   C  N S 175 
HIS   C    C  N N 176 
HIS   O    O  N N 177 
HIS   CB   C  N N 178 
HIS   CG   C  Y N 179 
HIS   ND1  N  Y N 180 
HIS   CD2  C  Y N 181 
HIS   CE1  C  Y N 182 
HIS   NE2  N  Y N 183 
HIS   OXT  O  N N 184 
HIS   H    H  N N 185 
HIS   H2   H  N N 186 
HIS   HA   H  N N 187 
HIS   HB2  H  N N 188 
HIS   HB3  H  N N 189 
HIS   HD1  H  N N 190 
HIS   HD2  H  N N 191 
HIS   HE1  H  N N 192 
HIS   HE2  H  N N 193 
HIS   HXT  H  N N 194 
HOH   O    O  N N 195 
HOH   H1   H  N N 196 
HOH   H2   H  N N 197 
ILE   N    N  N N 198 
ILE   CA   C  N S 199 
ILE   C    C  N N 200 
ILE   O    O  N N 201 
ILE   CB   C  N S 202 
ILE   CG1  C  N N 203 
ILE   CG2  C  N N 204 
ILE   CD1  C  N N 205 
ILE   OXT  O  N N 206 
ILE   H    H  N N 207 
ILE   H2   H  N N 208 
ILE   HA   H  N N 209 
ILE   HB   H  N N 210 
ILE   HG12 H  N N 211 
ILE   HG13 H  N N 212 
ILE   HG21 H  N N 213 
ILE   HG22 H  N N 214 
ILE   HG23 H  N N 215 
ILE   HD11 H  N N 216 
ILE   HD12 H  N N 217 
ILE   HD13 H  N N 218 
ILE   HXT  H  N N 219 
LEU   N    N  N N 220 
LEU   CA   C  N S 221 
LEU   C    C  N N 222 
LEU   O    O  N N 223 
LEU   CB   C  N N 224 
LEU   CG   C  N N 225 
LEU   CD1  C  N N 226 
LEU   CD2  C  N N 227 
LEU   OXT  O  N N 228 
LEU   H    H  N N 229 
LEU   H2   H  N N 230 
LEU   HA   H  N N 231 
LEU   HB2  H  N N 232 
LEU   HB3  H  N N 233 
LEU   HG   H  N N 234 
LEU   HD11 H  N N 235 
LEU   HD12 H  N N 236 
LEU   HD13 H  N N 237 
LEU   HD21 H  N N 238 
LEU   HD22 H  N N 239 
LEU   HD23 H  N N 240 
LEU   HXT  H  N N 241 
LYS   N    N  N N 242 
LYS   CA   C  N S 243 
LYS   C    C  N N 244 
LYS   O    O  N N 245 
LYS   CB   C  N N 246 
LYS   CG   C  N N 247 
LYS   CD   C  N N 248 
LYS   CE   C  N N 249 
LYS   NZ   N  N N 250 
LYS   OXT  O  N N 251 
LYS   H    H  N N 252 
LYS   H2   H  N N 253 
LYS   HA   H  N N 254 
LYS   HB2  H  N N 255 
LYS   HB3  H  N N 256 
LYS   HG2  H  N N 257 
LYS   HG3  H  N N 258 
LYS   HD2  H  N N 259 
LYS   HD3  H  N N 260 
LYS   HE2  H  N N 261 
LYS   HE3  H  N N 262 
LYS   HZ1  H  N N 263 
LYS   HZ2  H  N N 264 
LYS   HZ3  H  N N 265 
LYS   HXT  H  N N 266 
MET   N    N  N N 267 
MET   CA   C  N S 268 
MET   C    C  N N 269 
MET   O    O  N N 270 
MET   CB   C  N N 271 
MET   CG   C  N N 272 
MET   SD   S  N N 273 
MET   CE   C  N N 274 
MET   OXT  O  N N 275 
MET   H    H  N N 276 
MET   H2   H  N N 277 
MET   HA   H  N N 278 
MET   HB2  H  N N 279 
MET   HB3  H  N N 280 
MET   HG2  H  N N 281 
MET   HG3  H  N N 282 
MET   HE1  H  N N 283 
MET   HE2  H  N N 284 
MET   HE3  H  N N 285 
MET   HXT  H  N N 286 
PHE   N    N  N N 287 
PHE   CA   C  N S 288 
PHE   C    C  N N 289 
PHE   O    O  N N 290 
PHE   CB   C  N N 291 
PHE   CG   C  Y N 292 
PHE   CD1  C  Y N 293 
PHE   CD2  C  Y N 294 
PHE   CE1  C  Y N 295 
PHE   CE2  C  Y N 296 
PHE   CZ   C  Y N 297 
PHE   OXT  O  N N 298 
PHE   H    H  N N 299 
PHE   H2   H  N N 300 
PHE   HA   H  N N 301 
PHE   HB2  H  N N 302 
PHE   HB3  H  N N 303 
PHE   HD1  H  N N 304 
PHE   HD2  H  N N 305 
PHE   HE1  H  N N 306 
PHE   HE2  H  N N 307 
PHE   HZ   H  N N 308 
PHE   HXT  H  N N 309 
PRO   N    N  N N 310 
PRO   CA   C  N S 311 
PRO   C    C  N N 312 
PRO   O    O  N N 313 
PRO   CB   C  N N 314 
PRO   CG   C  N N 315 
PRO   CD   C  N N 316 
PRO   OXT  O  N N 317 
PRO   H    H  N N 318 
PRO   HA   H  N N 319 
PRO   HB2  H  N N 320 
PRO   HB3  H  N N 321 
PRO   HG2  H  N N 322 
PRO   HG3  H  N N 323 
PRO   HD2  H  N N 324 
PRO   HD3  H  N N 325 
PRO   HXT  H  N N 326 
SER   N    N  N N 327 
SER   CA   C  N S 328 
SER   C    C  N N 329 
SER   O    O  N N 330 
SER   CB   C  N N 331 
SER   OG   O  N N 332 
SER   OXT  O  N N 333 
SER   H    H  N N 334 
SER   H2   H  N N 335 
SER   HA   H  N N 336 
SER   HB2  H  N N 337 
SER   HB3  H  N N 338 
SER   HG   H  N N 339 
SER   HXT  H  N N 340 
THR   N    N  N N 341 
THR   CA   C  N S 342 
THR   C    C  N N 343 
THR   O    O  N N 344 
THR   CB   C  N R 345 
THR   OG1  O  N N 346 
THR   CG2  C  N N 347 
THR   OXT  O  N N 348 
THR   H    H  N N 349 
THR   H2   H  N N 350 
THR   HA   H  N N 351 
THR   HB   H  N N 352 
THR   HG1  H  N N 353 
THR   HG21 H  N N 354 
THR   HG22 H  N N 355 
THR   HG23 H  N N 356 
THR   HXT  H  N N 357 
TRP   N    N  N N 358 
TRP   CA   C  N S 359 
TRP   C    C  N N 360 
TRP   O    O  N N 361 
TRP   CB   C  N N 362 
TRP   CG   C  Y N 363 
TRP   CD1  C  Y N 364 
TRP   CD2  C  Y N 365 
TRP   NE1  N  Y N 366 
TRP   CE2  C  Y N 367 
TRP   CE3  C  Y N 368 
TRP   CZ2  C  Y N 369 
TRP   CZ3  C  Y N 370 
TRP   CH2  C  Y N 371 
TRP   OXT  O  N N 372 
TRP   H    H  N N 373 
TRP   H2   H  N N 374 
TRP   HA   H  N N 375 
TRP   HB2  H  N N 376 
TRP   HB3  H  N N 377 
TRP   HD1  H  N N 378 
TRP   HE1  H  N N 379 
TRP   HE3  H  N N 380 
TRP   HZ2  H  N N 381 
TRP   HZ3  H  N N 382 
TRP   HH2  H  N N 383 
TRP   HXT  H  N N 384 
TYR   N    N  N N 385 
TYR   CA   C  N S 386 
TYR   C    C  N N 387 
TYR   O    O  N N 388 
TYR   CB   C  N N 389 
TYR   CG   C  Y N 390 
TYR   CD1  C  Y N 391 
TYR   CD2  C  Y N 392 
TYR   CE1  C  Y N 393 
TYR   CE2  C  Y N 394 
TYR   CZ   C  Y N 395 
TYR   OH   O  N N 396 
TYR   OXT  O  N N 397 
TYR   H    H  N N 398 
TYR   H2   H  N N 399 
TYR   HA   H  N N 400 
TYR   HB2  H  N N 401 
TYR   HB3  H  N N 402 
TYR   HD1  H  N N 403 
TYR   HD2  H  N N 404 
TYR   HE1  H  N N 405 
TYR   HE2  H  N N 406 
TYR   HH   H  N N 407 
TYR   HXT  H  N N 408 
VAL   N    N  N N 409 
VAL   CA   C  N S 410 
VAL   C    C  N N 411 
VAL   O    O  N N 412 
VAL   CB   C  N N 413 
VAL   CG1  C  N N 414 
VAL   CG2  C  N N 415 
VAL   OXT  O  N N 416 
VAL   H    H  N N 417 
VAL   H2   H  N N 418 
VAL   HA   H  N N 419 
VAL   HB   H  N N 420 
VAL   HG11 H  N N 421 
VAL   HG12 H  N N 422 
VAL   HG13 H  N N 423 
VAL   HG21 H  N N 424 
VAL   HG22 H  N N 425 
VAL   HG23 H  N N 426 
VAL   HXT  H  N N 427 
ZN    ZN   ZN N N 428 
# 
loop_
_chem_comp_bond.comp_id 
_chem_comp_bond.atom_id_1 
_chem_comp_bond.atom_id_2 
_chem_comp_bond.value_order 
_chem_comp_bond.pdbx_aromatic_flag 
_chem_comp_bond.pdbx_stereo_config 
_chem_comp_bond.pdbx_ordinal 
A1AM3 N   C    sing N N 1   
A1AM3 N   C1   sing Y N 2   
A1AM3 C1  C2   doub Y N 3   
A1AM3 C2  C3   sing Y N 4   
A1AM3 N1  C3   sing N N 5   
A1AM3 C4  N1   sing N N 6   
A1AM3 C5  C4   sing N N 7   
A1AM3 C5  C6   doub Y N 8   
A1AM3 C6  C7   sing Y N 9   
A1AM3 C7  C8   doub Y N 10  
A1AM3 C8  C9   sing Y N 11  
A1AM3 C9  C10  doub Y N 12  
A1AM3 C10 C5   sing Y N 13  
A1AM3 C3  N2   doub Y N 14  
A1AM3 N2  N    sing Y N 15  
A1AM3 N1  H5   sing N N 16  
A1AM3 C4  H7   sing N N 17  
A1AM3 C4  H6   sing N N 18  
A1AM3 C6  H8   sing N N 19  
A1AM3 C7  H9   sing N N 20  
A1AM3 C8  H10  sing N N 21  
A1AM3 C10 H12  sing N N 22  
A1AM3 C   H1   sing N N 23  
A1AM3 C   H    sing N N 24  
A1AM3 C   H2   sing N N 25  
A1AM3 C1  H3   sing N N 26  
A1AM3 C2  H4   sing N N 27  
A1AM3 C9  H11  sing N N 28  
ALA   N   CA   sing N N 29  
ALA   N   H    sing N N 30  
ALA   N   H2   sing N N 31  
ALA   CA  C    sing N N 32  
ALA   CA  CB   sing N N 33  
ALA   CA  HA   sing N N 34  
ALA   C   O    doub N N 35  
ALA   C   OXT  sing N N 36  
ALA   CB  HB1  sing N N 37  
ALA   CB  HB2  sing N N 38  
ALA   CB  HB3  sing N N 39  
ALA   OXT HXT  sing N N 40  
ARG   N   CA   sing N N 41  
ARG   N   H    sing N N 42  
ARG   N   H2   sing N N 43  
ARG   CA  C    sing N N 44  
ARG   CA  CB   sing N N 45  
ARG   CA  HA   sing N N 46  
ARG   C   O    doub N N 47  
ARG   C   OXT  sing N N 48  
ARG   CB  CG   sing N N 49  
ARG   CB  HB2  sing N N 50  
ARG   CB  HB3  sing N N 51  
ARG   CG  CD   sing N N 52  
ARG   CG  HG2  sing N N 53  
ARG   CG  HG3  sing N N 54  
ARG   CD  NE   sing N N 55  
ARG   CD  HD2  sing N N 56  
ARG   CD  HD3  sing N N 57  
ARG   NE  CZ   sing N N 58  
ARG   NE  HE   sing N N 59  
ARG   CZ  NH1  sing N N 60  
ARG   CZ  NH2  doub N N 61  
ARG   NH1 HH11 sing N N 62  
ARG   NH1 HH12 sing N N 63  
ARG   NH2 HH21 sing N N 64  
ARG   NH2 HH22 sing N N 65  
ARG   OXT HXT  sing N N 66  
ASN   N   CA   sing N N 67  
ASN   N   H    sing N N 68  
ASN   N   H2   sing N N 69  
ASN   CA  C    sing N N 70  
ASN   CA  CB   sing N N 71  
ASN   CA  HA   sing N N 72  
ASN   C   O    doub N N 73  
ASN   C   OXT  sing N N 74  
ASN   CB  CG   sing N N 75  
ASN   CB  HB2  sing N N 76  
ASN   CB  HB3  sing N N 77  
ASN   CG  OD1  doub N N 78  
ASN   CG  ND2  sing N N 79  
ASN   ND2 HD21 sing N N 80  
ASN   ND2 HD22 sing N N 81  
ASN   OXT HXT  sing N N 82  
ASP   N   CA   sing N N 83  
ASP   N   H    sing N N 84  
ASP   N   H2   sing N N 85  
ASP   CA  C    sing N N 86  
ASP   CA  CB   sing N N 87  
ASP   CA  HA   sing N N 88  
ASP   C   O    doub N N 89  
ASP   C   OXT  sing N N 90  
ASP   CB  CG   sing N N 91  
ASP   CB  HB2  sing N N 92  
ASP   CB  HB3  sing N N 93  
ASP   CG  OD1  doub N N 94  
ASP   CG  OD2  sing N N 95  
ASP   OD2 HD2  sing N N 96  
ASP   OXT HXT  sing N N 97  
CYS   N   CA   sing N N 98  
CYS   N   H    sing N N 99  
CYS   N   H2   sing N N 100 
CYS   CA  C    sing N N 101 
CYS   CA  CB   sing N N 102 
CYS   CA  HA   sing N N 103 
CYS   C   O    doub N N 104 
CYS   C   OXT  sing N N 105 
CYS   CB  SG   sing N N 106 
CYS   CB  HB2  sing N N 107 
CYS   CB  HB3  sing N N 108 
CYS   SG  HG   sing N N 109 
CYS   OXT HXT  sing N N 110 
DMS   S   O    doub N N 111 
DMS   S   C1   sing N N 112 
DMS   S   C2   sing N N 113 
DMS   C1  H11  sing N N 114 
DMS   C1  H12  sing N N 115 
DMS   C1  H13  sing N N 116 
DMS   C2  H21  sing N N 117 
DMS   C2  H22  sing N N 118 
DMS   C2  H23  sing N N 119 
GLN   N   CA   sing N N 120 
GLN   N   H    sing N N 121 
GLN   N   H2   sing N N 122 
GLN   CA  C    sing N N 123 
GLN   CA  CB   sing N N 124 
GLN   CA  HA   sing N N 125 
GLN   C   O    doub N N 126 
GLN   C   OXT  sing N N 127 
GLN   CB  CG   sing N N 128 
GLN   CB  HB2  sing N N 129 
GLN   CB  HB3  sing N N 130 
GLN   CG  CD   sing N N 131 
GLN   CG  HG2  sing N N 132 
GLN   CG  HG3  sing N N 133 
GLN   CD  OE1  doub N N 134 
GLN   CD  NE2  sing N N 135 
GLN   NE2 HE21 sing N N 136 
GLN   NE2 HE22 sing N N 137 
GLN   OXT HXT  sing N N 138 
GLU   N   CA   sing N N 139 
GLU   N   H    sing N N 140 
GLU   N   H2   sing N N 141 
GLU   CA  C    sing N N 142 
GLU   CA  CB   sing N N 143 
GLU   CA  HA   sing N N 144 
GLU   C   O    doub N N 145 
GLU   C   OXT  sing N N 146 
GLU   CB  CG   sing N N 147 
GLU   CB  HB2  sing N N 148 
GLU   CB  HB3  sing N N 149 
GLU   CG  CD   sing N N 150 
GLU   CG  HG2  sing N N 151 
GLU   CG  HG3  sing N N 152 
GLU   CD  OE1  doub N N 153 
GLU   CD  OE2  sing N N 154 
GLU   OE2 HE2  sing N N 155 
GLU   OXT HXT  sing N N 156 
GLY   N   CA   sing N N 157 
GLY   N   H    sing N N 158 
GLY   N   H2   sing N N 159 
GLY   CA  C    sing N N 160 
GLY   CA  HA2  sing N N 161 
GLY   CA  HA3  sing N N 162 
GLY   C   O    doub N N 163 
GLY   C   OXT  sing N N 164 
GLY   OXT HXT  sing N N 165 
HIS   N   CA   sing N N 166 
HIS   N   H    sing N N 167 
HIS   N   H2   sing N N 168 
HIS   CA  C    sing N N 169 
HIS   CA  CB   sing N N 170 
HIS   CA  HA   sing N N 171 
HIS   C   O    doub N N 172 
HIS   C   OXT  sing N N 173 
HIS   CB  CG   sing N N 174 
HIS   CB  HB2  sing N N 175 
HIS   CB  HB3  sing N N 176 
HIS   CG  ND1  sing Y N 177 
HIS   CG  CD2  doub Y N 178 
HIS   ND1 CE1  doub Y N 179 
HIS   ND1 HD1  sing N N 180 
HIS   CD2 NE2  sing Y N 181 
HIS   CD2 HD2  sing N N 182 
HIS   CE1 NE2  sing Y N 183 
HIS   CE1 HE1  sing N N 184 
HIS   NE2 HE2  sing N N 185 
HIS   OXT HXT  sing N N 186 
HOH   O   H1   sing N N 187 
HOH   O   H2   sing N N 188 
ILE   N   CA   sing N N 189 
ILE   N   H    sing N N 190 
ILE   N   H2   sing N N 191 
ILE   CA  C    sing N N 192 
ILE   CA  CB   sing N N 193 
ILE   CA  HA   sing N N 194 
ILE   C   O    doub N N 195 
ILE   C   OXT  sing N N 196 
ILE   CB  CG1  sing N N 197 
ILE   CB  CG2  sing N N 198 
ILE   CB  HB   sing N N 199 
ILE   CG1 CD1  sing N N 200 
ILE   CG1 HG12 sing N N 201 
ILE   CG1 HG13 sing N N 202 
ILE   CG2 HG21 sing N N 203 
ILE   CG2 HG22 sing N N 204 
ILE   CG2 HG23 sing N N 205 
ILE   CD1 HD11 sing N N 206 
ILE   CD1 HD12 sing N N 207 
ILE   CD1 HD13 sing N N 208 
ILE   OXT HXT  sing N N 209 
LEU   N   CA   sing N N 210 
LEU   N   H    sing N N 211 
LEU   N   H2   sing N N 212 
LEU   CA  C    sing N N 213 
LEU   CA  CB   sing N N 214 
LEU   CA  HA   sing N N 215 
LEU   C   O    doub N N 216 
LEU   C   OXT  sing N N 217 
LEU   CB  CG   sing N N 218 
LEU   CB  HB2  sing N N 219 
LEU   CB  HB3  sing N N 220 
LEU   CG  CD1  sing N N 221 
LEU   CG  CD2  sing N N 222 
LEU   CG  HG   sing N N 223 
LEU   CD1 HD11 sing N N 224 
LEU   CD1 HD12 sing N N 225 
LEU   CD1 HD13 sing N N 226 
LEU   CD2 HD21 sing N N 227 
LEU   CD2 HD22 sing N N 228 
LEU   CD2 HD23 sing N N 229 
LEU   OXT HXT  sing N N 230 
LYS   N   CA   sing N N 231 
LYS   N   H    sing N N 232 
LYS   N   H2   sing N N 233 
LYS   CA  C    sing N N 234 
LYS   CA  CB   sing N N 235 
LYS   CA  HA   sing N N 236 
LYS   C   O    doub N N 237 
LYS   C   OXT  sing N N 238 
LYS   CB  CG   sing N N 239 
LYS   CB  HB2  sing N N 240 
LYS   CB  HB3  sing N N 241 
LYS   CG  CD   sing N N 242 
LYS   CG  HG2  sing N N 243 
LYS   CG  HG3  sing N N 244 
LYS   CD  CE   sing N N 245 
LYS   CD  HD2  sing N N 246 
LYS   CD  HD3  sing N N 247 
LYS   CE  NZ   sing N N 248 
LYS   CE  HE2  sing N N 249 
LYS   CE  HE3  sing N N 250 
LYS   NZ  HZ1  sing N N 251 
LYS   NZ  HZ2  sing N N 252 
LYS   NZ  HZ3  sing N N 253 
LYS   OXT HXT  sing N N 254 
MET   N   CA   sing N N 255 
MET   N   H    sing N N 256 
MET   N   H2   sing N N 257 
MET   CA  C    sing N N 258 
MET   CA  CB   sing N N 259 
MET   CA  HA   sing N N 260 
MET   C   O    doub N N 261 
MET   C   OXT  sing N N 262 
MET   CB  CG   sing N N 263 
MET   CB  HB2  sing N N 264 
MET   CB  HB3  sing N N 265 
MET   CG  SD   sing N N 266 
MET   CG  HG2  sing N N 267 
MET   CG  HG3  sing N N 268 
MET   SD  CE   sing N N 269 
MET   CE  HE1  sing N N 270 
MET   CE  HE2  sing N N 271 
MET   CE  HE3  sing N N 272 
MET   OXT HXT  sing N N 273 
PHE   N   CA   sing N N 274 
PHE   N   H    sing N N 275 
PHE   N   H2   sing N N 276 
PHE   CA  C    sing N N 277 
PHE   CA  CB   sing N N 278 
PHE   CA  HA   sing N N 279 
PHE   C   O    doub N N 280 
PHE   C   OXT  sing N N 281 
PHE   CB  CG   sing N N 282 
PHE   CB  HB2  sing N N 283 
PHE   CB  HB3  sing N N 284 
PHE   CG  CD1  doub Y N 285 
PHE   CG  CD2  sing Y N 286 
PHE   CD1 CE1  sing Y N 287 
PHE   CD1 HD1  sing N N 288 
PHE   CD2 CE2  doub Y N 289 
PHE   CD2 HD2  sing N N 290 
PHE   CE1 CZ   doub Y N 291 
PHE   CE1 HE1  sing N N 292 
PHE   CE2 CZ   sing Y N 293 
PHE   CE2 HE2  sing N N 294 
PHE   CZ  HZ   sing N N 295 
PHE   OXT HXT  sing N N 296 
PRO   N   CA   sing N N 297 
PRO   N   CD   sing N N 298 
PRO   N   H    sing N N 299 
PRO   CA  C    sing N N 300 
PRO   CA  CB   sing N N 301 
PRO   CA  HA   sing N N 302 
PRO   C   O    doub N N 303 
PRO   C   OXT  sing N N 304 
PRO   CB  CG   sing N N 305 
PRO   CB  HB2  sing N N 306 
PRO   CB  HB3  sing N N 307 
PRO   CG  CD   sing N N 308 
PRO   CG  HG2  sing N N 309 
PRO   CG  HG3  sing N N 310 
PRO   CD  HD2  sing N N 311 
PRO   CD  HD3  sing N N 312 
PRO   OXT HXT  sing N N 313 
SER   N   CA   sing N N 314 
SER   N   H    sing N N 315 
SER   N   H2   sing N N 316 
SER   CA  C    sing N N 317 
SER   CA  CB   sing N N 318 
SER   CA  HA   sing N N 319 
SER   C   O    doub N N 320 
SER   C   OXT  sing N N 321 
SER   CB  OG   sing N N 322 
SER   CB  HB2  sing N N 323 
SER   CB  HB3  sing N N 324 
SER   OG  HG   sing N N 325 
SER   OXT HXT  sing N N 326 
THR   N   CA   sing N N 327 
THR   N   H    sing N N 328 
THR   N   H2   sing N N 329 
THR   CA  C    sing N N 330 
THR   CA  CB   sing N N 331 
THR   CA  HA   sing N N 332 
THR   C   O    doub N N 333 
THR   C   OXT  sing N N 334 
THR   CB  OG1  sing N N 335 
THR   CB  CG2  sing N N 336 
THR   CB  HB   sing N N 337 
THR   OG1 HG1  sing N N 338 
THR   CG2 HG21 sing N N 339 
THR   CG2 HG22 sing N N 340 
THR   CG2 HG23 sing N N 341 
THR   OXT HXT  sing N N 342 
TRP   N   CA   sing N N 343 
TRP   N   H    sing N N 344 
TRP   N   H2   sing N N 345 
TRP   CA  C    sing N N 346 
TRP   CA  CB   sing N N 347 
TRP   CA  HA   sing N N 348 
TRP   C   O    doub N N 349 
TRP   C   OXT  sing N N 350 
TRP   CB  CG   sing N N 351 
TRP   CB  HB2  sing N N 352 
TRP   CB  HB3  sing N N 353 
TRP   CG  CD1  doub Y N 354 
TRP   CG  CD2  sing Y N 355 
TRP   CD1 NE1  sing Y N 356 
TRP   CD1 HD1  sing N N 357 
TRP   CD2 CE2  doub Y N 358 
TRP   CD2 CE3  sing Y N 359 
TRP   NE1 CE2  sing Y N 360 
TRP   NE1 HE1  sing N N 361 
TRP   CE2 CZ2  sing Y N 362 
TRP   CE3 CZ3  doub Y N 363 
TRP   CE3 HE3  sing N N 364 
TRP   CZ2 CH2  doub Y N 365 
TRP   CZ2 HZ2  sing N N 366 
TRP   CZ3 CH2  sing Y N 367 
TRP   CZ3 HZ3  sing N N 368 
TRP   CH2 HH2  sing N N 369 
TRP   OXT HXT  sing N N 370 
TYR   N   CA   sing N N 371 
TYR   N   H    sing N N 372 
TYR   N   H2   sing N N 373 
TYR   CA  C    sing N N 374 
TYR   CA  CB   sing N N 375 
TYR   CA  HA   sing N N 376 
TYR   C   O    doub N N 377 
TYR   C   OXT  sing N N 378 
TYR   CB  CG   sing N N 379 
TYR   CB  HB2  sing N N 380 
TYR   CB  HB3  sing N N 381 
TYR   CG  CD1  doub Y N 382 
TYR   CG  CD2  sing Y N 383 
TYR   CD1 CE1  sing Y N 384 
TYR   CD1 HD1  sing N N 385 
TYR   CD2 CE2  doub Y N 386 
TYR   CD2 HD2  sing N N 387 
TYR   CE1 CZ   doub Y N 388 
TYR   CE1 HE1  sing N N 389 
TYR   CE2 CZ   sing Y N 390 
TYR   CE2 HE2  sing N N 391 
TYR   CZ  OH   sing N N 392 
TYR   OH  HH   sing N N 393 
TYR   OXT HXT  sing N N 394 
VAL   N   CA   sing N N 395 
VAL   N   H    sing N N 396 
VAL   N   H2   sing N N 397 
VAL   CA  C    sing N N 398 
VAL   CA  CB   sing N N 399 
VAL   CA  HA   sing N N 400 
VAL   C   O    doub N N 401 
VAL   C   OXT  sing N N 402 
VAL   CB  CG1  sing N N 403 
VAL   CB  CG2  sing N N 404 
VAL   CB  HB   sing N N 405 
VAL   CG1 HG11 sing N N 406 
VAL   CG1 HG12 sing N N 407 
VAL   CG1 HG13 sing N N 408 
VAL   CG2 HG21 sing N N 409 
VAL   CG2 HG22 sing N N 410 
VAL   CG2 HG23 sing N N 411 
VAL   OXT HXT  sing N N 412 
# 
_pdbx_audit_support.funding_organization   
'National Institutes of Health/National Institute Of Allergy and Infectious Diseases (NIH/NIAID)' 
_pdbx_audit_support.country                'United States' 
_pdbx_audit_support.grant_number           U19AI171399 
_pdbx_audit_support.ordinal                1 
# 
_pdbx_deposit_group.group_id            G_1002288 
_pdbx_deposit_group.group_description   'Crystallographic fragment screening of Coxsackievirus A16 (G-10) 2A protease' 
_pdbx_deposit_group.group_title         
'Group deposition for crystallographic fragment screening of Coxsackievirus A16 (G-10) 2A protease' 
_pdbx_deposit_group.group_type          'changed state' 
# 
_atom_sites.entry_id                    7H3D 
_atom_sites.fract_transf_matrix[1][1]   0.00058567 
_atom_sites.fract_transf_matrix[1][2]   -0.01057214 
_atom_sites.fract_transf_matrix[1][3]   -0.00873733 
_atom_sites.fract_transf_matrix[2][1]   -0.00646974 
_atom_sites.fract_transf_matrix[2][2]   0.00944182 
_atom_sites.fract_transf_matrix[2][3]   -0.01185824 
_atom_sites.fract_transf_matrix[3][1]   0.02836225 
_atom_sites.fract_transf_matrix[3][2]   0.00742924 
_atom_sites.fract_transf_matrix[3][3]   -0.00955883 
_atom_sites.fract_transf_vector[1]      0.219106 
_atom_sites.fract_transf_vector[2]      0.137034 
_atom_sites.fract_transf_vector[3]      0.435766 
# 
loop_
_atom_type.symbol 
C  
N  
O  
S  
ZN 
# 
loop_
_atom_site.group_PDB 
_atom_site.id 
_atom_site.type_symbol 
_atom_site.label_atom_id 
_atom_site.label_alt_id 
_atom_site.label_comp_id 
_atom_site.label_asym_id 
_atom_site.label_entity_id 
_atom_site.label_seq_id 
_atom_site.pdbx_PDB_ins_code 
_atom_site.Cartn_x 
_atom_site.Cartn_y 
_atom_site.Cartn_z 
_atom_site.occupancy 
_atom_site.B_iso_or_equiv 
_atom_site.pdbx_formal_charge 
_atom_site.auth_seq_id 
_atom_site.auth_comp_id 
_atom_site.auth_asym_id 
_atom_site.auth_atom_id 
_atom_site.pdbx_PDB_model_num 
ATOM   1    N  N   . SER   A 1 7   ? 9.466   -0.937  -5.116  1.00 30.25 ? 7   SER   A N   1 
ATOM   2    C  CA  . SER   A 1 7   ? 8.557   -1.940  -5.702  1.00 31.88 ? 7   SER   A CA  1 
ATOM   3    C  C   . SER   A 1 7   ? 8.104   -2.904  -4.604  1.00 30.22 ? 7   SER   A C   1 
ATOM   4    O  O   . SER   A 1 7   ? 8.662   -2.849  -3.465  1.00 32.23 ? 7   SER   A O   1 
ATOM   5    C  CB  . SER   A 1 7   ? 9.234   -2.679  -6.816  1.00 33.38 ? 7   SER   A CB  1 
ATOM   6    O  OG  . SER   A 1 7   ? 10.166  -3.605  -6.277  1.00 37.40 ? 7   SER   A OG  1 
ATOM   7    N  N   . GLY   A 1 8   ? 7.129   -3.744  -4.946  1.00 27.16 ? 8   GLY   A N   1 
ATOM   8    C  CA  . GLY   A 1 8   ? 6.612   -4.831  -4.098  1.00 21.88 ? 8   GLY   A CA  1 
ATOM   9    C  C   . GLY   A 1 8   ? 5.101   -4.910  -4.168  1.00 18.88 ? 8   GLY   A C   1 
ATOM   10   O  O   . GLY   A 1 8   ? 4.495   -3.912  -4.644  1.00 21.18 ? 8   GLY   A O   1 
ATOM   11   N  N   . ALA   A 1 9   ? 4.541   -6.041  -3.740  1.00 20.03 ? 9   ALA   A N   1 
ATOM   12   C  CA  . ALA   A 1 9   ? 3.100   -6.338  -3.835  1.00 17.62 ? 9   ALA   A CA  1 
ATOM   13   C  C   . ALA   A 1 9   ? 2.659   -7.243  -2.707  1.00 21.21 ? 9   ALA   A C   1 
ATOM   14   O  O   . ALA   A 1 9   ? 3.511   -7.889  -2.083  1.00 22.78 ? 9   ALA   A O   1 
ATOM   15   C  CB  . ALA   A 1 9   ? 2.799   -6.977  -5.165  1.00 17.95 ? 9   ALA   A CB  1 
ATOM   16   N  N   . ILE   A 1 10  ? 1.349   -7.298  -2.517  1.00 20.65 ? 10  ILE   A N   1 
ATOM   17   C  CA  . ILE   A 1 10  ? 0.658   -8.224  -1.585  1.00 22.44 ? 10  ILE   A CA  1 
ATOM   18   C  C   . ILE   A 1 10  ? 0.055   -9.377  -2.386  1.00 20.64 ? 10  ILE   A C   1 
ATOM   19   O  O   . ILE   A 1 10  ? -0.605  -9.122  -3.413  1.00 20.96 ? 10  ILE   A O   1 
ATOM   20   C  CB  . ILE   A 1 10  ? -0.424  -7.479  -0.794  1.00 21.91 ? 10  ILE   A CB  1 
ATOM   21   C  CG1 . ILE   A 1 10  ? 0.122   -6.244  -0.072  1.00 21.35 ? 10  ILE   A CG1 1 
ATOM   22   C  CG2 . ILE   A 1 10  ? -1.048  -8.439  0.193   1.00 20.45 ? 10  ILE   A CG2 1 
ATOM   23   C  CD1 . ILE   A 1 10  ? -0.958  -5.353  0.514   1.00 20.31 ? 10  ILE   A CD1 1 
ATOM   24   N  N   . TYR   A 1 11  ? 0.302   -10.604 -1.936  1.00 18.86 ? 11  TYR   A N   1 
ATOM   25   C  CA  . TYR   A 1 11  ? -0.210  -11.841 -2.575  1.00 20.56 ? 11  TYR   A CA  1 
ATOM   26   C  C   . TYR   A 1 11  ? -1.118  -12.591 -1.588  1.00 20.53 ? 11  TYR   A C   1 
ATOM   27   O  O   . TYR   A 1 11  ? -0.608  -13.257 -0.634  1.00 19.32 ? 11  TYR   A O   1 
ATOM   28   C  CB  . TYR   A 1 11  ? 0.910   -12.751 -3.087  1.00 21.46 ? 11  TYR   A CB  1 
ATOM   29   C  CG  . TYR   A 1 11  ? 1.800   -12.073 -4.094  1.00 19.57 ? 11  TYR   A CG  1 
ATOM   30   C  CD1 . TYR   A 1 11  ? 1.409   -11.948 -5.416  1.00 16.95 ? 11  TYR   A CD1 1 
ATOM   31   C  CD2 . TYR   A 1 11  ? 2.956   -11.416 -3.718  1.00 19.97 ? 11  TYR   A CD2 1 
ATOM   32   C  CE1 . TYR   A 1 11  ? 2.227   -11.360 -6.376  1.00 19.81 ? 11  TYR   A CE1 1 
ATOM   33   C  CE2 . TYR   A 1 11  ? 3.780   -10.787 -4.647  1.00 20.59 ? 11  TYR   A CE2 1 
ATOM   34   C  CZ  . TYR   A 1 11  ? 3.388   -10.725 -5.981  1.00 19.87 ? 11  TYR   A CZ  1 
ATOM   35   O  OH  . TYR   A 1 11  ? 4.131   -10.047 -6.882  1.00 23.51 ? 11  TYR   A OH  1 
ATOM   36   N  N   . VAL   A 1 12  ? -2.432  -12.514 -1.808  1.00 21.73 ? 12  VAL   A N   1 
ATOM   37   C  CA  . VAL   A 1 12  ? -3.498  -13.114 -0.953  1.00 23.51 ? 12  VAL   A CA  1 
ATOM   38   C  C   . VAL   A 1 12  ? -4.519  -13.796 -1.881  1.00 24.85 ? 12  VAL   A C   1 
ATOM   39   O  O   . VAL   A 1 12  ? -4.967  -13.123 -2.868  1.00 25.42 ? 12  VAL   A O   1 
ATOM   40   C  CB  . VAL   A 1 12  ? -4.125  -12.052 -0.019  1.00 25.51 ? 12  VAL   A CB  1 
ATOM   41   C  CG1 . VAL   A 1 12  ? -4.625  -10.826 -0.755  1.00 24.13 ? 12  VAL   A CG1 1 
ATOM   42   C  CG2 . VAL   A 1 12  ? -5.229  -12.618 0.844   1.00 24.86 ? 12  VAL   A CG2 1 
ATOM   43   N  N   . GLY   A 1 13  ? -4.852  -15.083 -1.613  1.00 27.52 ? 13  GLY   A N   1 
ATOM   44   C  CA  . GLY   A 1 13  ? -5.690  -15.944 -2.481  1.00 25.17 ? 13  GLY   A CA  1 
ATOM   45   C  C   . GLY   A 1 13  ? -5.246  -15.831 -3.933  1.00 24.08 ? 13  GLY   A C   1 
ATOM   46   O  O   . GLY   A 1 13  ? -4.040  -15.955 -4.170  1.00 26.32 ? 13  GLY   A O   1 
ATOM   47   N  N   . ASN   A 1 14  ? -6.173  -15.527 -4.843  1.00 25.41 ? 14  ASN   A N   1 
ATOM   48   C  CA  . ASN   A 1 14  ? -5.871  -15.295 -6.285  1.00 26.75 ? 14  ASN   A CA  1 
ATOM   49   C  C   . ASN   A 1 14  ? -5.776  -13.805 -6.608  1.00 25.10 ? 14  ASN   A C   1 
ATOM   50   O  O   . ASN   A 1 14  ? -6.095  -13.440 -7.763  1.00 28.45 ? 14  ASN   A O   1 
ATOM   51   C  CB  . ASN   A 1 14  ? -6.872  -15.982 -7.211  1.00 26.60 ? 14  ASN   A CB  1 
ATOM   52   C  CG  . ASN   A 1 14  ? -6.586  -17.466 -7.286  1.00 28.79 ? 14  ASN   A CG  1 
ATOM   53   O  OD1 . ASN   A 1 14  ? -5.614  -17.886 -7.927  1.00 32.17 ? 14  ASN   A OD1 1 
ATOM   54   N  ND2 . ASN   A 1 14  ? -7.400  -18.256 -6.593  1.00 31.03 ? 14  ASN   A ND2 1 
ATOM   55   N  N   . TYR   A 1 15  ? -5.259  -12.993 -5.679  1.00 25.80 ? 15  TYR   A N   1 
ATOM   56   C  CA  . TYR   A 1 15  ? -5.077  -11.546 -5.933  1.00 25.02 ? 15  TYR   A CA  1 
ATOM   57   C  C   . TYR   A 1 15  ? -3.628  -11.137 -5.674  1.00 24.90 ? 15  TYR   A C   1 
ATOM   58   O  O   . TYR   A 1 15  ? -2.963  -11.681 -4.772  1.00 24.35 ? 15  TYR   A O   1 
ATOM   59   C  CB  . TYR   A 1 15  ? -6.051  -10.708 -5.104  1.00 23.46 ? 15  TYR   A CB  1 
ATOM   60   C  CG  . TYR   A 1 15  ? -7.508  -11.029 -5.288  1.00 25.35 ? 15  TYR   A CG  1 
ATOM   61   C  CD1 . TYR   A 1 15  ? -8.145  -10.838 -6.510  1.00 21.12 ? 15  TYR   A CD1 1 
ATOM   62   C  CD2 . TYR   A 1 15  ? -8.261  -11.493 -4.224  1.00 23.96 ? 15  TYR   A CD2 1 
ATOM   63   C  CE1 . TYR   A 1 15  ? -9.489  -11.102 -6.665  1.00 25.58 ? 15  TYR   A CE1 1 
ATOM   64   C  CE2 . TYR   A 1 15  ? -9.619  -11.730 -4.356  1.00 26.69 ? 15  TYR   A CE2 1 
ATOM   65   C  CZ  . TYR   A 1 15  ? -10.225 -11.545 -5.587  1.00 25.30 ? 15  TYR   A CZ  1 
ATOM   66   O  OH  . TYR   A 1 15  ? -11.542 -11.810 -5.773  1.00 26.56 ? 15  TYR   A OH  1 
ATOM   67   N  N   . ARG   A 1 16  ? -3.207  -10.187 -6.519  1.00 24.46 ? 16  ARG   A N   1 
ATOM   68   C  CA  . ARG   A 1 16  ? -1.960  -9.388  -6.459  1.00 23.85 ? 16  ARG   A CA  1 
ATOM   69   C  C   . ARG   A 1 16  ? -2.343  -7.922  -6.215  1.00 21.92 ? 16  ARG   A C   1 
ATOM   70   O  O   . ARG   A 1 16  ? -3.015  -7.327  -7.067  1.00 19.34 ? 16  ARG   A O   1 
ATOM   71   C  CB  . ARG   A 1 16  ? -1.191  -9.588  -7.767  1.00 24.49 ? 16  ARG   A CB  1 
ATOM   72   C  CG  . ARG   A 1 16  ? -0.051  -8.604  -7.974  1.00 25.15 ? 16  ARG   A CG  1 
ATOM   73   C  CD  . ARG   A 1 16  ? 0.951   -9.009  -9.046  1.00 22.55 ? 16  ARG   A CD  1 
ATOM   74   N  NE  . ARG   A 1 16  ? 1.501   -7.861  -9.737  1.00 23.16 ? 16  ARG   A NE  1 
ATOM   75   C  CZ  . ARG   A 1 16  ? 2.657   -7.271  -9.456  1.00 24.80 ? 16  ARG   A CZ  1 
ATOM   76   N  NH1 . ARG   A 1 16  ? 3.442   -7.697  -8.473  1.00 21.12 ? 16  ARG   A NH1 1 
ATOM   77   N  NH2 . ARG   A 1 16  ? 3.046   -6.257  -10.198 1.00 21.93 ? 16  ARG   A NH2 1 
ATOM   78   N  N   . VAL   A 1 17  ? -1.937  -7.374  -5.082  1.00 20.46 ? 17  VAL   A N   1 
ATOM   79   C  CA  . VAL   A 1 17  ? -2.168  -5.936  -4.774  1.00 20.93 ? 17  VAL   A CA  1 
ATOM   80   C  C   . VAL   A 1 17  ? -0.864  -5.188  -4.986  1.00 20.87 ? 17  VAL   A C   1 
ATOM   81   O  O   . VAL   A 1 17  ? 0.078   -5.529  -4.288  1.00 21.59 ? 17  VAL   A O   1 
ATOM   82   C  CB  . VAL   A 1 17  ? -2.628  -5.777  -3.318  1.00 23.04 ? 17  VAL   A CB  1 
ATOM   83   C  CG1 . VAL   A 1 17  ? -3.149  -4.373  -3.068  1.00 21.87 ? 17  VAL   A CG1 1 
ATOM   84   C  CG2 . VAL   A 1 17  ? -3.661  -6.813  -2.930  1.00 23.69 ? 17  VAL   A CG2 1 
ATOM   85   N  N   . VAL   A 1 18  ? -0.879  -4.154  -5.822  1.00 18.91 ? 18  VAL   A N   1 
ATOM   86   C  CA  . VAL   A 1 18  ? 0.294   -3.285  -6.136  1.00 16.93 ? 18  VAL   A CA  1 
ATOM   87   C  C   . VAL   A 1 18  ? -0.138  -1.813  -6.091  1.00 16.68 ? 18  VAL   A C   1 
ATOM   88   O  O   . VAL   A 1 18  ? -1.309  -1.539  -6.148  1.00 15.44 ? 18  VAL   A O   1 
ATOM   89   C  CB  . VAL   A 1 18  ? 0.922   -3.537  -7.509  1.00 18.63 ? 18  VAL   A CB  1 
ATOM   90   C  CG1 . VAL   A 1 18  ? 1.684   -4.838  -7.493  1.00 22.18 ? 18  VAL   A CG1 1 
ATOM   91   C  CG2 . VAL   A 1 18  ? -0.134  -3.444  -8.583  1.00 16.10 ? 18  VAL   A CG2 1 
ATOM   92   N  N   . ASN   A 1 19  ? 0.795   -0.889  -5.979  1.00 15.12 ? 19  ASN   A N   1 
ATOM   93   C  CA  . ASN   A 1 19  ? 0.589   0.547   -6.287  1.00 15.29 ? 19  ASN   A CA  1 
ATOM   94   C  C   . ASN   A 1 19  ? 0.025   0.640   -7.678  1.00 17.65 ? 19  ASN   A C   1 
ATOM   95   O  O   . ASN   A 1 19  ? 0.541   -0.027  -8.564  1.00 15.66 ? 19  ASN   A O   1 
ATOM   96   C  CB  . ASN   A 1 19  ? 1.910   1.317   -6.124  1.00 15.86 ? 19  ASN   A CB  1 
ATOM   97   C  CG  . ASN   A 1 19  ? 2.380   1.227   -4.672  1.00 16.72 ? 19  ASN   A CG  1 
ATOM   98   O  OD1 . ASN   A 1 19  ? 3.169   0.328   -4.328  1.00 16.48 ? 19  ASN   A OD1 1 
ATOM   99   N  ND2 . ASN   A 1 19  ? 1.839   2.078   -3.821  1.00 19.14 ? 19  ASN   A ND2 1 
ATOM   100  N  N   . ARG   A 1 20  ? -1.055  1.367   -7.804  1.00 18.49 ? 20  ARG   A N   1 
ATOM   101  C  CA  . ARG   A 1 20  ? -1.627  1.578   -9.140  1.00 16.71 ? 20  ARG   A CA  1 
ATOM   102  C  C   . ARG   A 1 20  ? -0.548  2.144   -10.077 1.00 20.09 ? 20  ARG   A C   1 
ATOM   103  O  O   . ARG   A 1 20  ? -0.488  1.691   -11.259 1.00 20.84 ? 20  ARG   A O   1 
ATOM   104  C  CB  . ARG   A 1 20  ? -2.873  2.422   -8.918  1.00 16.51 ? 20  ARG   A CB  1 
ATOM   105  C  CG  . ARG   A 1 20  ? -3.668  2.490   -10.203 1.00 14.27 ? 20  ARG   A CG  1 
ATOM   106  C  CD  . ARG   A 1 20  ? -4.752  3.528   -10.015 1.00 14.52 ? 20  ARG   A CD  1 
ATOM   107  N  NE  . ARG   A 1 20  ? -5.750  3.664   -11.059 1.00 16.52 ? 20  ARG   A NE  1 
ATOM   108  C  CZ  . ARG   A 1 20  ? -5.527  4.419   -12.107 1.00 17.84 ? 20  ARG   A CZ  1 
ATOM   109  N  NH1 . ARG   A 1 20  ? -4.357  5.008   -12.269 1.00 18.52 ? 20  ARG   A NH1 1 
ATOM   110  N  NH2 . ARG   A 1 20  ? -6.438  4.552   -13.045 1.00 18.15 ? 20  ARG   A NH2 1 
ATOM   111  N  N   . HIS   A 1 21  ? 0.297   3.067   -9.582  1.00 22.27 ? 21  HIS   A N   1 
ATOM   112  C  CA  . HIS   A 1 21  ? 1.251   3.781   -10.483 1.00 18.57 ? 21  HIS   A CA  1 
ATOM   113  C  C   . HIS   A 1 21  ? 2.389   2.863   -10.955 1.00 20.17 ? 21  HIS   A C   1 
ATOM   114  O  O   . HIS   A 1 21  ? 3.140   3.260   -11.858 1.00 22.51 ? 21  HIS   A O   1 
ATOM   115  C  CB  . HIS   A 1 21  ? 1.781   5.091   -9.887  1.00 20.25 ? 21  HIS   A CB  1 
ATOM   116  C  CG  . HIS   A 1 21  ? 2.583   4.955   -8.640  1.00 22.10 ? 21  HIS   A CG  1 
ATOM   117  N  ND1 . HIS   A 1 21  ? 3.954   5.022   -8.626  1.00 21.68 ? 21  HIS   A ND1 1 
ATOM   118  C  CD2 . HIS   A 1 21  ? 2.193   4.843   -7.357  1.00 20.64 ? 21  HIS   A CD2 1 
ATOM   119  C  CE1 . HIS   A 1 21  ? 4.370   4.915   -7.369  1.00 20.76 ? 21  HIS   A CE1 1 
ATOM   120  N  NE2 . HIS   A 1 21  ? 3.297   4.787   -6.573  1.00 24.73 ? 21  HIS   A NE2 1 
ATOM   121  N  N   . LEU   A 1 22  ? 2.521   1.702   -10.313 1.00 18.61 ? 22  LEU   A N   1 
ATOM   122  C  CA  . LEU   A 1 22  ? 3.577   0.697   -10.610 1.00 19.68 ? 22  LEU   A CA  1 
ATOM   123  C  C   . LEU   A 1 22  ? 2.959   -0.530  -11.304 1.00 20.50 ? 22  LEU   A C   1 
ATOM   124  O  O   . LEU   A 1 22  ? 3.705   -1.451  -11.595 1.00 20.21 ? 22  LEU   A O   1 
ATOM   125  C  CB  . LEU   A 1 22  ? 4.284   0.314   -9.299  1.00 19.93 ? 22  LEU   A CB  1 
ATOM   126  C  CG  . LEU   A 1 22  ? 5.041   1.461   -8.627  1.00 21.53 ? 22  LEU   A CG  1 
ATOM   127  C  CD1 . LEU   A 1 22  ? 5.866   0.962   -7.431  1.00 20.63 ? 22  LEU   A CD1 1 
ATOM   128  C  CD2 . LEU   A 1 22  ? 5.933   2.160   -9.637  1.00 21.01 ? 22  LEU   A CD2 1 
ATOM   129  N  N   . ALA   A 1 23  ? 1.643   -0.543  -11.538 1.00 21.33 ? 23  ALA   A N   1 
ATOM   130  C  CA  . ALA   A 1 23  ? 0.933   -1.657  -12.201 1.00 21.86 ? 23  ALA   A CA  1 
ATOM   131  C  C   . ALA   A 1 23  ? 1.550   -1.909  -13.584 1.00 20.69 ? 23  ALA   A C   1 
ATOM   132  O  O   . ALA   A 1 23  ? 1.833   -0.943  -14.278 1.00 23.02 ? 23  ALA   A O   1 
ATOM   133  C  CB  . ALA   A 1 23  ? -0.522  -1.331  -12.246 1.00 21.92 ? 23  ALA   A CB  1 
ATOM   134  N  N   . THR   A 1 24  ? 1.840   -3.157  -13.922 1.00 25.60 ? 24  THR   A N   1 
ATOM   135  C  CA  . THR   A 1 24  ? 2.428   -3.545  -15.235 1.00 24.32 ? 24  THR   A CA  1 
ATOM   136  C  C   . THR   A 1 24  ? 1.283   -3.748  -16.232 1.00 23.69 ? 24  THR   A C   1 
ATOM   137  O  O   . THR   A 1 24  ? 0.131   -3.709  -15.822 1.00 25.47 ? 24  THR   A O   1 
ATOM   138  C  CB  . THR   A 1 24  ? 3.207   -4.841  -15.061 1.00 24.13 ? 24  THR   A CB  1 
ATOM   139  O  OG1 . THR   A 1 24  ? 2.218   -5.816  -14.739 1.00 22.86 ? 24  THR   A OG1 1 
ATOM   140  C  CG2 . THR   A 1 24  ? 4.253   -4.697  -13.985 1.00 22.97 ? 24  THR   A CG2 1 
ATOM   141  N  N   . HIS   A 1 25  ? 1.608   -3.991  -17.502 0.50 26.23 ? 25  HIS   A N   1 
ATOM   142  C  CA  . HIS   A 1 25  ? 0.612   -4.339  -18.548 0.50 26.57 ? 25  HIS   A CA  1 
ATOM   143  C  C   . HIS   A 1 25  ? -0.203  -5.556  -18.042 0.50 25.61 ? 25  HIS   A C   1 
ATOM   144  O  O   . HIS   A 1 25  ? -1.545  -5.597  -18.079 0.50 28.68 ? 25  HIS   A O   1 
ATOM   145  C  CB  . HIS   A 1 25  ? 1.320   -4.481  -19.906 0.50 27.86 ? 25  HIS   A CB  1 
ATOM   146  C  CG  . HIS   A 1 25  ? 1.805   -3.171  -20.433 0.50 28.87 ? 25  HIS   A CG  1 
ATOM   147  N  ND1 . HIS   A 1 25  ? 0.938   -2.169  -20.831 0.50 30.06 ? 25  HIS   A ND1 1 
ATOM   148  C  CD2 . HIS   A 1 25  ? 3.053   -2.680  -20.596 0.50 30.11 ? 25  HIS   A CD2 1 
ATOM   149  C  CE1 . HIS   A 1 25  ? 1.636   -1.132  -21.248 0.50 30.31 ? 25  HIS   A CE1 1 
ATOM   150  N  NE2 . HIS   A 1 25  ? 2.937   -1.419  -21.111 0.50 30.66 ? 25  HIS   A NE2 1 
ATOM   151  N  N   . ASN   A 1 26  ? 0.554   -6.590  -17.562 1.00 25.04 ? 26  ASN   A N   1 
ATOM   152  C  CA  . ASN   A 1 26  ? -0.061  -7.856  -17.102 1.00 22.67 ? 26  ASN   A CA  1 
ATOM   153  C  C   . ASN   A 1 26  ? -1.088  -7.584  -15.999 1.00 21.52 ? 26  ASN   A C   1 
ATOM   154  O  O   . ASN   A 1 26  ? -2.160  -8.201  -16.041 1.00 18.86 ? 26  ASN   A O   1 
ATOM   155  C  CB  . ASN   A 1 26  ? 1.017   -8.848  -16.652 1.00 22.39 ? 26  ASN   A CB  1 
ATOM   156  C  CG  . ASN   A 1 26  ? 0.438   -10.209 -16.312 1.00 31.47 ? 26  ASN   A CG  1 
ATOM   157  O  OD1 . ASN   A 1 26  ? 0.104   -10.988 -17.213 1.00 31.42 ? 26  ASN   A OD1 1 
ATOM   158  N  ND2 . ASN   A 1 26  ? 0.267   -10.487 -15.015 1.00 31.34 ? 26  ASN   A ND2 1 
ATOM   159  N  N   . ASP   A 1 27  ? -0.754  -6.721  -15.036 1.00 19.64 ? 27  ASP   A N   1 
ATOM   160  C  CA  . ASP   A 1 27  ? -1.709  -6.325  -13.978 1.00 20.04 ? 27  ASP   A CA  1 
ATOM   161  C  C   . ASP   A 1 27  ? -2.968  -5.781  -14.671 1.00 19.03 ? 27  ASP   A C   1 
ATOM   162  O  O   . ASP   A 1 27  ? -4.076  -6.198  -14.325 1.00 19.36 ? 27  ASP   A O   1 
ATOM   163  C  CB  . ASP   A 1 27  ? -1.117  -5.312  -12.999 1.00 19.82 ? 27  ASP   A CB  1 
ATOM   164  C  CG  . ASP   A 1 27  ? -0.055  -5.880  -12.078 1.00 22.03 ? 27  ASP   A CG  1 
ATOM   165  O  OD1 . ASP   A 1 27  ? -0.307  -6.967  -11.515 1.00 20.05 ? 27  ASP   A OD1 1 
ATOM   166  O  OD2 . ASP   A 1 27  ? 1.008   -5.235  -11.933 1.00 23.36 ? 27  ASP   A OD2 1 
ATOM   167  N  N   . TRP   A 1 28  ? -2.825  -4.871  -15.643 1.00 22.48 ? 28  TRP   A N   1 
ATOM   168  C  CA  . TRP   A 1 28  ? -4.018  -4.234  -16.252 1.00 23.74 ? 28  TRP   A CA  1 
ATOM   169  C  C   . TRP   A 1 28  ? -4.791  -5.234  -17.126 1.00 21.72 ? 28  TRP   A C   1 
ATOM   170  O  O   . TRP   A 1 28  ? -6.027  -5.122  -17.168 1.00 22.31 ? 28  TRP   A O   1 
ATOM   171  C  CB  . TRP   A 1 28  ? -3.634  -2.989  -17.045 1.00 21.36 ? 28  TRP   A CB  1 
ATOM   172  C  CG  . TRP   A 1 28  ? -3.452  -1.746  -16.230 1.00 20.32 ? 28  TRP   A CG  1 
ATOM   173  C  CD1 . TRP   A 1 28  ? -2.255  -1.176  -15.905 1.00 18.99 ? 28  TRP   A CD1 1 
ATOM   174  C  CD2 . TRP   A 1 28  ? -4.468  -0.858  -15.722 1.00 21.14 ? 28  TRP   A CD2 1 
ATOM   175  N  NE1 . TRP   A 1 28  ? -2.450  -0.034  -15.178 1.00 23.02 ? 28  TRP   A NE1 1 
ATOM   176  C  CE2 . TRP   A 1 28  ? -3.790  0.183   -15.042 1.00 20.74 ? 28  TRP   A CE2 1 
ATOM   177  C  CE3 . TRP   A 1 28  ? -5.868  -0.859  -15.663 1.00 22.18 ? 28  TRP   A CE3 1 
ATOM   178  C  CZ2 . TRP   A 1 28  ? -4.449  1.252   -14.424 1.00 23.05 ? 28  TRP   A CZ2 1 
ATOM   179  C  CZ3 . TRP   A 1 28  ? -6.518  0.193   -15.045 1.00 22.90 ? 28  TRP   A CZ3 1 
ATOM   180  C  CH2 . TRP   A 1 28  ? -5.818  1.240   -14.445 1.00 24.33 ? 28  TRP   A CH2 1 
ATOM   181  N  N   . ALA   A 1 29  ? -4.114  -6.164  -17.805 1.00 22.13 ? 29  ALA   A N   1 
ATOM   182  C  CA  . ALA   A 1 29  ? -4.792  -7.232  -18.585 1.00 24.13 ? 29  ALA   A CA  1 
ATOM   183  C  C   . ALA   A 1 29  ? -5.654  -8.122  -17.666 1.00 25.34 ? 29  ALA   A C   1 
ATOM   184  O  O   . ALA   A 1 29  ? -6.631  -8.730  -18.174 1.00 25.34 ? 29  ALA   A O   1 
ATOM   185  C  CB  . ALA   A 1 29  ? -3.756  -8.056  -19.299 1.00 21.96 ? 29  ALA   A CB  1 
ATOM   186  N  N   . ASN   A 1 30  ? -5.313  -8.204  -16.368 1.00 24.86 ? 30  ASN   A N   1 
ATOM   187  C  CA  . ASN   A 1 30  ? -5.971  -9.081  -15.361 1.00 23.04 ? 30  ASN   A CA  1 
ATOM   188  C  C   . ASN   A 1 30  ? -6.544  -8.227  -14.252 1.00 23.02 ? 30  ASN   A C   1 
ATOM   189  O  O   . ASN   A 1 30  ? -6.629  -8.704  -13.120 1.00 24.21 ? 30  ASN   A O   1 
ATOM   190  C  CB  . ASN   A 1 30  ? -4.968  -10.062 -14.772 1.00 23.34 ? 30  ASN   A CB  1 
ATOM   191  C  CG  . ASN   A 1 30  ? -4.579  -11.101 -15.793 1.00 22.47 ? 30  ASN   A CG  1 
ATOM   192  O  OD1 . ASN   A 1 30  ? -5.404  -11.947 -16.119 1.00 21.13 ? 30  ASN   A OD1 1 
ATOM   193  N  ND2 . ASN   A 1 30  ? -3.394  -10.990 -16.351 1.00 19.87 ? 30  ASN   A ND2 1 
ATOM   194  N  N   . LEU   A 1 31  ? -6.902  -6.993  -14.592 1.00 20.35 ? 31  LEU   A N   1 
ATOM   195  C  CA  . LEU   A 1 31  ? -7.577  -6.020  -13.692 1.00 22.11 ? 31  LEU   A CA  1 
ATOM   196  C  C   . LEU   A 1 31  ? -8.736  -6.711  -12.976 1.00 22.24 ? 31  LEU   A C   1 
ATOM   197  O  O   . LEU   A 1 31  ? -9.535  -7.328  -13.669 1.00 24.42 ? 31  LEU   A O   1 
ATOM   198  C  CB  . LEU   A 1 31  ? -8.087  -4.824  -14.508 1.00 25.16 ? 31  LEU   A CB  1 
ATOM   199  C  CG  . LEU   A 1 31  ? -8.855  -3.784  -13.692 1.00 23.69 ? 31  LEU   A CG  1 
ATOM   200  C  CD1 . LEU   A 1 31  ? -8.033  -3.323  -12.483 1.00 22.93 ? 31  LEU   A CD1 1 
ATOM   201  C  CD2 . LEU   A 1 31  ? -9.269  -2.584  -14.523 1.00 23.06 ? 31  LEU   A CD2 1 
ATOM   202  N  N   . VAL   A 1 32  ? -8.794  -6.666  -11.637 1.00 21.64 ? 32  VAL   A N   1 
ATOM   203  C  CA  . VAL   A 1 32  ? -9.981  -6.994  -10.810 1.00 21.09 ? 32  VAL   A CA  1 
ATOM   204  C  C   . VAL   A 1 32  ? -10.590 -5.680  -10.306 1.00 23.49 ? 32  VAL   A C   1 
ATOM   205  O  O   . VAL   A 1 32  ? -11.764 -5.464  -10.501 1.00 25.65 ? 32  VAL   A O   1 
ATOM   206  C  CB  . VAL   A 1 32  ? -9.556  -7.898  -9.654  1.00 22.03 ? 32  VAL   A CB  1 
ATOM   207  C  CG1 . VAL   A 1 32  ? -10.695 -8.067  -8.668  1.00 23.79 ? 32  VAL   A CG1 1 
ATOM   208  C  CG2 . VAL   A 1 32  ? -9.012  -9.227  -10.188 1.00 21.19 ? 32  VAL   A CG2 1 
ATOM   209  N  N   . TRP   A 1 33  ? -9.759  -4.811  -9.746  1.00 24.79 ? 33  TRP   A N   1 
ATOM   210  C  CA  . TRP   A 1 33  ? -10.208 -3.530  -9.147  1.00 24.91 ? 33  TRP   A CA  1 
ATOM   211  C  C   . TRP   A 1 33  ? -9.043  -2.544  -9.086  1.00 23.24 ? 33  TRP   A C   1 
ATOM   212  O  O   . TRP   A 1 33  ? -7.945  -2.982  -8.743  1.00 23.46 ? 33  TRP   A O   1 
ATOM   213  C  CB  . TRP   A 1 33  ? -10.776 -3.822  -7.759  1.00 24.20 ? 33  TRP   A CB  1 
ATOM   214  C  CG  . TRP   A 1 33  ? -11.091 -2.623  -6.921  1.00 26.17 ? 33  TRP   A CG  1 
ATOM   215  C  CD1 . TRP   A 1 33  ? -12.231 -1.873  -6.952  1.00 27.07 ? 33  TRP   A CD1 1 
ATOM   216  C  CD2 . TRP   A 1 33  ? -10.245 -2.028  -5.924  1.00 26.38 ? 33  TRP   A CD2 1 
ATOM   217  N  NE1 . TRP   A 1 33  ? -12.167 -0.888  -6.000  1.00 28.73 ? 33  TRP   A NE1 1 
ATOM   218  C  CE2 . TRP   A 1 33  ? -10.962 -0.947  -5.364  1.00 23.60 ? 33  TRP   A CE2 1 
ATOM   219  C  CE3 . TRP   A 1 33  ? -8.959  -2.290  -5.445  1.00 25.20 ? 33  TRP   A CE3 1 
ATOM   220  C  CZ2 . TRP   A 1 33  ? -10.449 -0.156  -4.333  1.00 24.90 ? 33  TRP   A CZ2 1 
ATOM   221  C  CZ3 . TRP   A 1 33  ? -8.460  -1.522  -4.418  1.00 24.10 ? 33  TRP   A CZ3 1 
ATOM   222  C  CH2 . TRP   A 1 33  ? -9.174  -0.438  -3.910  1.00 26.72 ? 33  TRP   A CH2 1 
ATOM   223  N  N   . GLU   A 1 34  ? -9.299  -1.272  -9.403  1.00 24.02 ? 34  GLU   A N   1 
ATOM   224  C  CA  . GLU   A 1 34  ? -8.305  -0.175  -9.261  1.00 21.65 ? 34  GLU   A CA  1 
ATOM   225  C  C   . GLU   A 1 34  ? -9.019  1.032   -8.658  1.00 21.34 ? 34  GLU   A C   1 
ATOM   226  O  O   . GLU   A 1 34  ? -10.185 1.206   -8.934  1.00 19.40 ? 34  GLU   A O   1 
ATOM   227  C  CB  . GLU   A 1 34  ? -7.591  0.185   -10.568 1.00 19.66 ? 34  GLU   A CB  1 
ATOM   228  C  CG  . GLU   A 1 34  ? -8.510  0.450   -11.761 1.00 16.81 ? 34  GLU   A CG  1 
ATOM   229  C  CD  . GLU   A 1 34  ? -8.967  1.915   -11.844 1.00 16.36 ? 34  GLU   A CD  1 
ATOM   230  O  OE1 . GLU   A 1 34  ? -10.080 2.176   -12.416 1.00 18.49 ? 34  GLU   A OE1 1 
ATOM   231  O  OE2 . GLU   A 1 34  ? -8.291  2.792   -11.226 1.00 19.72 ? 34  GLU   A OE2 1 
ATOM   232  N  N   . ASP   A 1 35  ? -8.328  1.826   -7.850  1.00 21.42 ? 35  ASP   A N   1 
ATOM   233  C  CA  . ASP   A 1 35  ? -8.866  3.114   -7.328  1.00 21.59 ? 35  ASP   A CA  1 
ATOM   234  C  C   . ASP   A 1 35  ? -7.707  4.099   -7.360  1.00 21.16 ? 35  ASP   A C   1 
ATOM   235  O  O   . ASP   A 1 35  ? -6.731  3.909   -6.586  1.00 20.50 ? 35  ASP   A O   1 
ATOM   236  C  CB  . ASP   A 1 35  ? -9.498  2.961   -5.943  1.00 19.86 ? 35  ASP   A CB  1 
ATOM   237  C  CG  . ASP   A 1 35  ? -10.100 4.251   -5.436  1.00 19.31 ? 35  ASP   A CG  1 
ATOM   238  O  OD1 . ASP   A 1 35  ? -9.553  5.334   -5.791  1.00 21.42 ? 35  ASP   A OD1 1 
ATOM   239  O  OD2 . ASP   A 1 35  ? -11.073 4.160   -4.691  1.00 21.22 ? 35  ASP   A OD2 1 
ATOM   240  N  N   A SER   A 1 36  ? -7.806  5.103   -8.238  0.34 19.86 ? 36  SER   A N   1 
ATOM   241  N  N   B SER   A 1 36  ? -7.786  5.099   -8.247  0.33 19.54 ? 36  SER   A N   1 
ATOM   242  C  CA  A SER   A 1 36  ? -6.744  6.099   -8.516  0.34 20.44 ? 36  SER   A CA  1 
ATOM   243  C  CA  B SER   A 1 36  ? -6.708  6.091   -8.495  0.33 19.88 ? 36  SER   A CA  1 
ATOM   244  C  C   A SER   A 1 36  ? -6.513  6.983   -7.287  0.34 20.18 ? 36  SER   A C   1 
ATOM   245  C  C   B SER   A 1 36  ? -6.501  6.944   -7.241  0.33 19.94 ? 36  SER   A C   1 
ATOM   246  O  O   A SER   A 1 36  ? -5.343  7.279   -6.987  0.34 20.99 ? 36  SER   A O   1 
ATOM   247  O  O   B SER   A 1 36  ? -5.339  7.166   -6.859  0.33 20.87 ? 36  SER   A O   1 
ATOM   248  C  CB  A SER   A 1 36  ? -7.095  6.933   -9.705  0.34 20.87 ? 36  SER   A CB  1 
ATOM   249  C  CB  B SER   A 1 36  ? -7.026  6.962   -9.670  0.33 19.90 ? 36  SER   A CB  1 
ATOM   250  O  OG  A SER   A 1 36  ? -6.141  7.965   -9.861  0.34 20.00 ? 36  SER   A OG  1 
ATOM   251  O  OG  B SER   A 1 36  ? -7.744  8.107   -9.244  0.33 18.08 ? 36  SER   A OG  1 
ATOM   252  N  N   . SER   A 1 37  ? -7.591  7.403   -6.620  1.00 19.55 ? 37  SER   A N   1 
ATOM   253  C  CA  . SER   A 1 37  ? -7.520  8.208   -5.380  1.00 20.25 ? 37  SER   A CA  1 
ATOM   254  C  C   . SER   A 1 37  ? -6.828  7.400   -4.284  1.00 19.09 ? 37  SER   A C   1 
ATOM   255  O  O   . SER   A 1 37  ? -6.322  8.070   -3.419  1.00 19.83 ? 37  SER   A O   1 
ATOM   256  C  CB  . SER   A 1 37  ? -8.875  8.697   -4.942  1.00 18.74 ? 37  SER   A CB  1 
ATOM   257  O  OG  . SER   A 1 37  ? -9.615  7.690   -4.269  1.00 20.91 ? 37  SER   A OG  1 
ATOM   258  N  N   . ARG   A 1 38  ? -6.797  6.052   -4.307  1.00 18.32 ? 38  ARG   A N   1 
ATOM   259  C  CA  . ARG   A 1 38  ? -6.067  5.257   -3.260  1.00 16.76 ? 38  ARG   A CA  1 
ATOM   260  C  C   . ARG   A 1 38  ? -4.654  4.814   -3.716  1.00 16.73 ? 38  ARG   A C   1 
ATOM   261  O  O   . ARG   A 1 38  ? -3.893  4.339   -2.826  1.00 17.49 ? 38  ARG   A O   1 
ATOM   262  C  CB  . ARG   A 1 38  ? -6.853  4.022   -2.832  1.00 16.45 ? 38  ARG   A CB  1 
ATOM   263  C  CG  . ARG   A 1 38  ? -8.241  4.332   -2.305  1.00 16.39 ? 38  ARG   A CG  1 
ATOM   264  C  CD  . ARG   A 1 38  ? -9.059  3.088   -1.989  1.00 17.46 ? 38  ARG   A CD  1 
ATOM   265  N  NE  . ARG   A 1 38  ? -8.472  2.304   -0.907  1.00 16.82 ? 38  ARG   A NE  1 
ATOM   266  C  CZ  . ARG   A 1 38  ? -9.102  1.487   -0.088  1.00 19.26 ? 38  ARG   A CZ  1 
ATOM   267  N  NH1 . ARG   A 1 38  ? -10.410 1.295   -0.168  1.00 21.39 ? 38  ARG   A NH1 1 
ATOM   268  N  NH2 . ARG   A 1 38  ? -8.396  0.867   0.841   1.00 16.77 ? 38  ARG   A NH2 1 
ATOM   269  N  N   . ASP   A 1 39  ? -4.298  4.912   -5.027  1.00 19.05 ? 39  ASP   A N   1 
ATOM   270  C  CA  . ASP   A 1 39  ? -3.011  4.394   -5.594  1.00 18.47 ? 39  ASP   A CA  1 
ATOM   271  C  C   . ASP   A 1 39  ? -2.931  2.876   -5.414  1.00 16.20 ? 39  ASP   A C   1 
ATOM   272  O  O   . ASP   A 1 39  ? -1.854  2.352   -5.199  1.00 19.17 ? 39  ASP   A O   1 
ATOM   273  C  CB  . ASP   A 1 39  ? -1.781  4.981   -4.890  1.00 19.79 ? 39  ASP   A CB  1 
ATOM   274  C  CG  . ASP   A 1 39  ? -0.428  4.628   -5.519  1.00 19.37 ? 39  ASP   A CG  1 
ATOM   275  O  OD1 . ASP   A 1 39  ? -0.399  4.542   -6.791  1.00 17.63 ? 39  ASP   A OD1 1 
ATOM   276  O  OD2 . ASP   A 1 39  ? 0.591   4.353   -4.745  1.00 16.36 ? 39  ASP   A OD2 1 
ATOM   277  N  N   . LEU   A 1 40  ? -4.060  2.185   -5.488  1.00 17.23 ? 40  LEU   A N   1 
ATOM   278  C  CA  . LEU   A 1 40  ? -4.088  0.696   -5.443  1.00 17.20 ? 40  LEU   A CA  1 
ATOM   279  C  C   . LEU   A 1 40  ? -4.615  0.120   -6.752  1.00 19.24 ? 40  LEU   A C   1 
ATOM   280  O  O   . LEU   A 1 40  ? -5.533  0.706   -7.303  1.00 18.23 ? 40  LEU   A O   1 
ATOM   281  C  CB  . LEU   A 1 40  ? -4.999  0.257   -4.309  1.00 18.26 ? 40  LEU   A CB  1 
ATOM   282  C  CG  . LEU   A 1 40  ? -4.381  0.479   -2.940  1.00 18.73 ? 40  LEU   A CG  1 
ATOM   283  C  CD1 . LEU   A 1 40  ? -5.319  -0.019  -1.880  1.00 17.93 ? 40  LEU   A CD1 1 
ATOM   284  C  CD2 . LEU   A 1 40  ? -3.045  -0.239  -2.840  1.00 17.93 ? 40  LEU   A CD2 1 
ATOM   285  N  N   . LEU   A 1 41  ? -4.123  -1.063  -7.117  1.00 16.30 ? 41  LEU   A N   1 
ATOM   286  C  CA  . LEU   A 1 41  ? -4.697  -1.885  -8.201  1.00 16.98 ? 41  LEU   A CA  1 
ATOM   287  C  C   . LEU   A 1 41  ? -4.606  -3.327  -7.730  1.00 17.52 ? 41  LEU   A C   1 
ATOM   288  O  O   . LEU   A 1 41  ? -3.610  -3.663  -7.142  1.00 18.78 ? 41  LEU   A O   1 
ATOM   289  C  CB  . LEU   A 1 41  ? -3.923  -1.691  -9.508  1.00 15.02 ? 41  LEU   A CB  1 
ATOM   290  C  CG  . LEU   A 1 41  ? -4.450  -2.468  -10.691 1.00 15.66 ? 41  LEU   A CG  1 
ATOM   291  C  CD1 . LEU   A 1 41  ? -4.311  -1.613  -11.957 1.00 13.34 ? 41  LEU   A CD1 1 
ATOM   292  C  CD2 . LEU   A 1 41  ? -3.749  -3.799  -10.849 1.00 13.80 ? 41  LEU   A CD2 1 
ATOM   293  N  N   . VAL   A 1 42  ? -5.666  -4.081  -7.911  1.00 18.01 ? 42  VAL   A N   1 
ATOM   294  C  CA  . VAL   A 1 42  ? -5.640  -5.530  -7.703  1.00 18.21 ? 42  VAL   A CA  1 
ATOM   295  C  C   . VAL   A 1 42  ? -5.865  -6.221  -9.046  1.00 17.58 ? 42  VAL   A C   1 
ATOM   296  O  O   . VAL   A 1 42  ? -6.711  -5.737  -9.843  1.00 19.89 ? 42  VAL   A O   1 
ATOM   297  C  CB  . VAL   A 1 42  ? -6.668  -5.827  -6.635  1.00 18.41 ? 42  VAL   A CB  1 
ATOM   298  C  CG1 . VAL   A 1 42  ? -6.861  -7.328  -6.478  1.00 18.21 ? 42  VAL   A CG1 1 
ATOM   299  C  CG2 . VAL   A 1 42  ? -6.285  -5.111  -5.336  1.00 17.18 ? 42  VAL   A CG2 1 
ATOM   300  N  N   . SER   A 1 43  ? -5.036  -7.251  -9.261  1.00 17.80 ? 43  SER   A N   1 
ATOM   301  C  CA  . SER   A 1 43  ? -4.961  -8.095  -10.477 1.00 17.70 ? 43  SER   A CA  1 
ATOM   302  C  C   . SER   A 1 43  ? -5.071  -9.547  -10.000 1.00 17.96 ? 43  SER   A C   1 
ATOM   303  O  O   . SER   A 1 43  ? -4.776  -9.831  -8.764  1.00 18.19 ? 43  SER   A O   1 
ATOM   304  C  CB  . SER   A 1 43  ? -3.690  -7.847  -11.309 1.00 17.43 ? 43  SER   A CB  1 
ATOM   305  O  OG  . SER   A 1 43  ? -2.484  -8.172  -10.618 1.00 19.53 ? 43  SER   A OG  1 
ATOM   306  N  N   . SER   A 1 44  ? -5.578  -10.413 -10.885 1.00 22.15 ? 44  SER   A N   1 
ATOM   307  C  CA  . SER   A 1 44  ? -5.812  -11.843 -10.627 1.00 21.86 ? 44  SER   A CA  1 
ATOM   308  C  C   . SER   A 1 44  ? -4.523  -12.601 -10.911 1.00 22.09 ? 44  SER   A C   1 
ATOM   309  O  O   . SER   A 1 44  ? -3.779  -12.206 -11.807 1.00 25.42 ? 44  SER   A O   1 
ATOM   310  C  CB  . SER   A 1 44  ? -6.968  -12.328 -11.474 1.00 22.56 ? 44  SER   A CB  1 
ATOM   311  O  OG  . SER   A 1 44  ? -6.700  -12.014 -12.831 1.00 24.81 ? 44  SER   A OG  1 
ATOM   312  N  N   . THR   A 1 45  ? -4.320  -13.677 -10.168 1.00 26.90 ? 45  THR   A N   1 
ATOM   313  C  CA  . THR   A 1 45  ? -3.091  -14.495 -10.202 1.00 28.43 ? 45  THR   A CA  1 
ATOM   314  C  C   . THR   A 1 45  ? -3.553  -15.928 -10.418 1.00 30.36 ? 45  THR   A C   1 
ATOM   315  O  O   . THR   A 1 45  ? -4.656  -16.284 -9.941  1.00 31.68 ? 45  THR   A O   1 
ATOM   316  C  CB  . THR   A 1 45  ? -2.318  -14.423 -8.874  1.00 28.88 ? 45  THR   A CB  1 
ATOM   317  O  OG1 . THR   A 1 45  ? -3.039  -15.173 -7.891  1.00 31.93 ? 45  THR   A OG1 1 
ATOM   318  C  CG2 . THR   A 1 45  ? -2.158  -13.017 -8.342  1.00 26.02 ? 45  THR   A CG2 1 
ATOM   319  N  N   . THR   A 1 46  ? -2.713  -16.726 -11.083 0.50 32.16 ? 46  THR   A N   1 
ATOM   320  C  CA  . THR   A 1 46  ? -2.961  -18.153 -11.431 0.50 33.18 ? 46  THR   A CA  1 
ATOM   321  C  C   . THR   A 1 46  ? -2.353  -19.065 -10.357 0.50 33.21 ? 46  THR   A C   1 
ATOM   322  O  O   . THR   A 1 46  ? -2.730  -20.247 -10.308 0.50 35.17 ? 46  THR   A O   1 
ATOM   323  C  CB  . THR   A 1 46  ? -2.428  -18.462 -12.834 0.50 32.22 ? 46  THR   A CB  1 
ATOM   324  O  OG1 . THR   A 1 46  ? -1.069  -18.029 -12.905 0.50 31.75 ? 46  THR   A OG1 1 
ATOM   325  C  CG2 . THR   A 1 46  ? -3.236  -17.786 -13.919 0.50 32.68 ? 46  THR   A CG2 1 
ATOM   326  N  N   . ALA   A 1 47  ? -1.453  -18.535 -9.528  0.50 32.91 ? 47  ALA   A N   1 
ATOM   327  C  CA  . ALA   A 1 47  ? -0.901  -19.226 -8.339  0.50 33.00 ? 47  ALA   A CA  1 
ATOM   328  C  C   . ALA   A 1 47  ? -1.454  -18.551 -7.077  0.50 32.37 ? 47  ALA   A C   1 
ATOM   329  O  O   . ALA   A 1 47  ? -1.482  -17.312 -7.049  0.50 32.00 ? 47  ALA   A O   1 
ATOM   330  C  CB  . ALA   A 1 47  ? 0.606   -19.198 -8.383  0.50 32.33 ? 47  ALA   A CB  1 
ATOM   331  N  N   . GLN   A 1 48  ? -1.899  -19.333 -6.089  0.50 32.76 ? 48  GLN   A N   1 
ATOM   332  C  CA  . GLN   A 1 48  ? -2.576  -18.814 -4.868  0.50 33.35 ? 48  GLN   A CA  1 
ATOM   333  C  C   . GLN   A 1 48  ? -1.579  -18.046 -3.993  0.50 32.01 ? 48  GLN   A C   1 
ATOM   334  O  O   . GLN   A 1 48  ? -0.369  -18.293 -4.120  0.50 31.40 ? 48  GLN   A O   1 
ATOM   335  C  CB  . GLN   A 1 48  ? -3.232  -19.943 -4.071  0.50 33.26 ? 48  GLN   A CB  1 
ATOM   336  C  CG  . GLN   A 1 48  ? -4.744  -19.990 -4.232  0.50 34.03 ? 48  GLN   A CG  1 
ATOM   337  C  CD  . GLN   A 1 48  ? -5.421  -20.580 -3.019  0.50 34.15 ? 48  GLN   A CD  1 
ATOM   338  O  OE1 . GLN   A 1 48  ? -5.324  -21.774 -2.754  0.50 34.52 ? 48  GLN   A OE1 1 
ATOM   339  N  NE2 . GLN   A 1 48  ? -6.115  -19.736 -2.271  0.50 33.39 ? 48  GLN   A NE2 1 
ATOM   340  N  N   . GLY   A 1 49  ? -2.093  -17.170 -3.123  0.50 32.56 ? 49  GLY   A N   1 
ATOM   341  C  CA  . GLY   A 1 49  ? -1.304  -16.279 -2.251  0.50 32.20 ? 49  GLY   A CA  1 
ATOM   342  C  C   . GLY   A 1 49  ? -1.435  -16.663 -0.789  0.50 32.19 ? 49  GLY   A C   1 
ATOM   343  O  O   . GLY   A 1 49  ? -2.570  -16.962 -0.353  0.50 33.32 ? 49  GLY   A O   1 
ATOM   344  N  N   . CYS   A 1 50  ? -0.314  -16.637 -0.059  0.50 33.18 ? 50  CYS   A N   1 
ATOM   345  C  CA  . CYS   A 1 50  ? -0.194  -17.091 1.353   0.50 33.80 ? 50  CYS   A CA  1 
ATOM   346  C  C   . CYS   A 1 50  ? -0.371  -15.920 2.331   0.50 32.12 ? 50  CYS   A C   1 
ATOM   347  O  O   . CYS   A 1 50  ? -0.548  -16.207 3.542   0.50 32.73 ? 50  CYS   A O   1 
ATOM   348  C  CB  . CYS   A 1 50  ? 1.164   -17.736 1.608   0.50 35.01 ? 50  CYS   A CB  1 
ATOM   349  S  SG  . CYS   A 1 50  ? 1.630   -18.989 0.387   0.50 37.85 ? 50  CYS   A SG  1 
ATOM   350  N  N   . ASP   A 1 51  ? -0.338  -14.667 1.851   1.00 31.74 ? 51  ASP   A N   1 
ATOM   351  C  CA  . ASP   A 1 51  ? -0.287  -13.468 2.739   1.00 32.59 ? 51  ASP   A CA  1 
ATOM   352  C  C   . ASP   A 1 51  ? -1.615  -13.389 3.503   1.00 29.44 ? 51  ASP   A C   1 
ATOM   353  O  O   . ASP   A 1 51  ? -2.659  -13.687 2.896   1.00 36.98 ? 51  ASP   A O   1 
ATOM   354  C  CB  . ASP   A 1 51  ? -0.005  -12.153 1.985   1.00 35.51 ? 51  ASP   A CB  1 
ATOM   355  C  CG  . ASP   A 1 51  ? 1.459   -11.805 1.711   1.00 40.41 ? 51  ASP   A CG  1 
ATOM   356  O  OD1 . ASP   A 1 51  ? 2.273   -12.009 2.642   1.00 40.14 ? 51  ASP   A OD1 1 
ATOM   357  O  OD2 . ASP   A 1 51  ? 1.783   -11.282 0.573   1.00 32.00 ? 51  ASP   A OD2 1 
ATOM   358  N  N   . THR   A 1 52  ? -1.564  -12.975 4.774   1.00 25.94 ? 52  THR   A N   1 
ATOM   359  C  CA  . THR   A 1 52  ? -2.729  -12.689 5.649   1.00 25.04 ? 52  THR   A CA  1 
ATOM   360  C  C   . THR   A 1 52  ? -2.997  -11.177 5.685   1.00 22.99 ? 52  THR   A C   1 
ATOM   361  O  O   . THR   A 1 52  ? -2.144  -10.451 6.100   1.00 23.30 ? 52  THR   A O   1 
ATOM   362  C  CB  . THR   A 1 52  ? -2.475  -13.218 7.072   1.00 26.51 ? 52  THR   A CB  1 
ATOM   363  O  OG1 . THR   A 1 52  ? -2.109  -14.599 6.991   1.00 28.68 ? 52  THR   A OG1 1 
ATOM   364  C  CG2 . THR   A 1 52  ? -3.689  -13.041 7.961   1.00 31.31 ? 52  THR   A CG2 1 
ATOM   365  N  N   . ILE   A 1 53  ? -4.196  -10.720 5.354   1.00 23.10 ? 53  ILE   A N   1 
ATOM   366  C  CA  . ILE   A 1 53  ? -4.546  -9.278  5.483   1.00 22.28 ? 53  ILE   A CA  1 
ATOM   367  C  C   . ILE   A 1 53  ? -5.020  -9.007  6.913   1.00 20.64 ? 53  ILE   A C   1 
ATOM   368  O  O   . ILE   A 1 53  ? -5.807  -9.801  7.396   1.00 20.86 ? 53  ILE   A O   1 
ATOM   369  C  CB  . ILE   A 1 53  ? -5.593  -8.927  4.424   1.00 21.36 ? 53  ILE   A CB  1 
ATOM   370  C  CG1 . ILE   A 1 53  ? -5.085  -9.300  3.032   1.00 25.83 ? 53  ILE   A CG1 1 
ATOM   371  C  CG2 . ILE   A 1 53  ? -5.941  -7.456  4.495   1.00 19.43 ? 53  ILE   A CG2 1 
ATOM   372  C  CD1 . ILE   A 1 53  ? -3.719  -8.754  2.718   1.00 27.42 ? 53  ILE   A CD1 1 
ATOM   373  N  N   . ALA   A 1 54  ? -4.465  -8.017  7.609   1.00 21.62 ? 54  ALA   A N   1 
ATOM   374  C  CA  . ALA   A 1 54  ? -4.905  -7.555  8.938   1.00 26.34 ? 54  ALA   A CA  1 
ATOM   375  C  C   . ALA   A 1 54  ? -6.354  -7.048  8.840   1.00 23.61 ? 54  ALA   A C   1 
ATOM   376  O  O   . ALA   A 1 54  ? -6.740  -6.330  7.874   1.00 23.97 ? 54  ALA   A O   1 
ATOM   377  C  CB  . ALA   A 1 54  ? -3.976  -6.479  9.470   1.00 25.94 ? 54  ALA   A CB  1 
ATOM   378  N  N   . ARG   A 1 55  ? -7.137  -7.449  9.837   1.00 23.59 ? 55  ARG   A N   1 
ATOM   379  C  CA  . ARG   A 1 55  ? -8.518  -6.985  10.048  1.00 24.64 ? 55  ARG   A CA  1 
ATOM   380  C  C   . ARG   A 1 55  ? -8.558  -6.468  11.481  1.00 22.41 ? 55  ARG   A C   1 
ATOM   381  O  O   . ARG   A 1 55  ? -8.777  -7.276  12.392  1.00 25.93 ? 55  ARG   A O   1 
ATOM   382  C  CB  . ARG   A 1 55  ? -9.523  -8.103  9.773   1.00 26.50 ? 55  ARG   A CB  1 
ATOM   383  C  CG  . ARG   A 1 55  ? -9.364  -8.749  8.402   1.00 24.77 ? 55  ARG   A CG  1 
ATOM   384  C  CD  . ARG   A 1 55  ? -9.664  -7.883  7.181   1.00 26.89 ? 55  ARG   A CD  1 
ATOM   385  N  NE  . ARG   A 1 55  ? -9.394  -8.627  5.956   1.00 26.96 ? 55  ARG   A NE  1 
ATOM   386  C  CZ  . ARG   A 1 55  ? -9.312  -8.086  4.725   1.00 26.36 ? 55  ARG   A CZ  1 
ATOM   387  N  NH1 . ARG   A 1 55  ? -9.435  -6.788  4.549   1.00 24.48 ? 55  ARG   A NH1 1 
ATOM   388  N  NH2 . ARG   A 1 55  ? -9.058  -8.837  3.670   1.00 23.37 ? 55  ARG   A NH2 1 
ATOM   389  N  N   . CYS   A 1 56  ? -8.433  -5.152  11.637  1.00 22.27 ? 56  CYS   A N   1 
ATOM   390  C  CA  . CYS   A 1 56  ? -8.118  -4.475  12.924  1.00 24.06 ? 56  CYS   A CA  1 
ATOM   391  C  C   . CYS   A 1 56  ? -8.036  -2.975  12.688  1.00 24.27 ? 56  CYS   A C   1 
ATOM   392  O  O   . CYS   A 1 56  ? -8.135  -2.530  11.506  1.00 22.14 ? 56  CYS   A O   1 
ATOM   393  C  CB  . CYS   A 1 56  ? -6.767  -4.930  13.473  1.00 24.98 ? 56  CYS   A CB  1 
ATOM   394  S  SG  . CYS   A 1 56  ? -5.351  -4.402  12.455  1.00 22.89 ? 56  CYS   A SG  1 
ATOM   395  N  N   . ASP   A 1 57  ? -7.847  -2.234  13.772  1.00 25.43 ? 57  ASP   A N   1 
ATOM   396  C  CA  . ASP   A 1 57  ? -7.594  -0.778  13.701  1.00 28.25 ? 57  ASP   A CA  1 
ATOM   397  C  C   . ASP   A 1 57  ? -6.323  -0.495  14.513  1.00 24.56 ? 57  ASP   A C   1 
ATOM   398  O  O   . ASP   A 1 57  ? -6.186  0.595   15.052  1.00 27.09 ? 57  ASP   A O   1 
ATOM   399  C  CB  . ASP   A 1 57  ? -8.833  0.016   14.099  1.00 30.94 ? 57  ASP   A CB  1 
ATOM   400  C  CG  . ASP   A 1 57  ? -9.014  0.008   15.586  1.00 30.81 ? 57  ASP   A CG  1 
ATOM   401  O  OD1 . ASP   A 1 57  ? -8.497  -0.938  16.215  1.00 33.03 ? 57  ASP   A OD1 1 
ATOM   402  O  OD2 . ASP   A 1 57  ? -9.604  0.991   16.093  1.00 35.30 ? 57  ASP   A OD2 1 
ATOM   403  N  N   . CYS   A 1 58  ? -5.359  -1.410  14.452  1.00 24.47 ? 58  CYS   A N   1 
ATOM   404  C  CA  . CYS   A 1 58  ? -3.962  -1.117  14.879  1.00 21.67 ? 58  CYS   A CA  1 
ATOM   405  C  C   . CYS   A 1 58  ? -3.466  0.211   14.317  1.00 22.64 ? 58  CYS   A C   1 
ATOM   406  O  O   . CYS   A 1 58  ? -3.770  0.498   13.131  1.00 18.70 ? 58  CYS   A O   1 
ATOM   407  C  CB  . CYS   A 1 58  ? -3.027  -2.197  14.379  1.00 20.36 ? 58  CYS   A CB  1 
ATOM   408  S  SG  . CYS   A 1 58  ? -3.160  -3.683  15.401  1.00 24.14 ? 58  CYS   A SG  1 
ATOM   409  N  N   . GLN   A 1 59  ? -2.711  0.944   15.118  1.00 21.37 ? 59  GLN   A N   1 
ATOM   410  C  CA  . GLN   A 1 59  ? -2.001  2.173   14.686  1.00 19.60 ? 59  GLN   A CA  1 
ATOM   411  C  C   . GLN   A 1 59  ? -0.509  2.009   14.961  1.00 16.00 ? 59  GLN   A C   1 
ATOM   412  O  O   . GLN   A 1 59  ? 0.189   3.041   15.101  1.00 17.43 ? 59  GLN   A O   1 
ATOM   413  C  CB  . GLN   A 1 59  ? -2.513  3.407   15.442  1.00 19.71 ? 59  GLN   A CB  1 
ATOM   414  C  CG  . GLN   A 1 59  ? -3.834  3.933   14.893  1.00 21.08 ? 59  GLN   A CG  1 
ATOM   415  C  CD  . GLN   A 1 59  ? -4.139  5.318   15.428  1.00 19.17 ? 59  GLN   A CD  1 
ATOM   416  O  OE1 . GLN   A 1 59  ? -3.392  6.309   15.231  1.00 20.02 ? 59  GLN   A OE1 1 
ATOM   417  N  NE2 . GLN   A 1 59  ? -5.204  5.379   16.199  1.00 20.21 ? 59  GLN   A NE2 1 
ATOM   418  N  N   . THR   A 1 60  ? -0.060  0.772   15.160  1.00 19.62 ? 60  THR   A N   1 
ATOM   419  C  CA  . THR   A 1 60  ? 1.382   0.444   15.269  1.00 20.14 ? 60  THR   A CA  1 
ATOM   420  C  C   . THR   A 1 60  ? 1.709   -0.775  14.412  1.00 18.14 ? 60  THR   A C   1 
ATOM   421  O  O   . THR   A 1 60  ? 0.888   -1.602  14.199  1.00 17.33 ? 60  THR   A O   1 
ATOM   422  C  CB  . THR   A 1 60  ? 1.790   0.221   16.726  1.00 21.67 ? 60  THR   A CB  1 
ATOM   423  O  OG1 . THR   A 1 60  ? 1.157   -0.979  17.169  1.00 22.85 ? 60  THR   A OG1 1 
ATOM   424  C  CG2 . THR   A 1 60  ? 1.425   1.376   17.626  1.00 24.34 ? 60  THR   A CG2 1 
ATOM   425  N  N   . GLY   A 1 61  ? 2.956   -0.862  13.967  1.00 17.50 ? 61  GLY   A N   1 
ATOM   426  C  CA  . GLY   A 1 61  ? 3.514   -2.015  13.264  1.00 19.51 ? 61  GLY   A CA  1 
ATOM   427  C  C   . GLY   A 1 61  ? 4.869   -1.678  12.694  1.00 18.79 ? 61  GLY   A C   1 
ATOM   428  O  O   . GLY   A 1 61  ? 5.565   -0.853  13.230  1.00 14.57 ? 61  GLY   A O   1 
ATOM   429  N  N   . VAL   A 1 62  ? 5.173   -2.258  11.557  1.00 17.47 ? 62  VAL   A N   1 
ATOM   430  C  CA  . VAL   A 1 62  ? 6.549   -2.319  11.025  1.00 17.74 ? 62  VAL   A CA  1 
ATOM   431  C  C   . VAL   A 1 62  ? 6.472   -2.318  9.511   1.00 17.71 ? 62  VAL   A C   1 
ATOM   432  O  O   . VAL   A 1 62  ? 5.724   -3.136  8.958   1.00 17.08 ? 62  VAL   A O   1 
ATOM   433  C  CB  . VAL   A 1 62  ? 7.332   -3.557  11.522  1.00 16.68 ? 62  VAL   A CB  1 
ATOM   434  C  CG1 . VAL   A 1 62  ? 8.803   -3.513  11.064  1.00 16.16 ? 62  VAL   A CG1 1 
ATOM   435  C  CG2 . VAL   A 1 62  ? 7.221   -3.762  13.043  1.00 12.69 ? 62  VAL   A CG2 1 
ATOM   436  N  N   . TYR   A 1 63  ? 7.272   -1.462  8.867   1.00 19.14 ? 63  TYR   A N   1 
ATOM   437  C  CA  . TYR   A 1 63  ? 7.290   -1.377  7.383   1.00 16.03 ? 63  TYR   A CA  1 
ATOM   438  C  C   . TYR   A 1 63  ? 8.678   -1.699  6.892   1.00 16.80 ? 63  TYR   A C   1 
ATOM   439  O  O   . TYR   A 1 63  ? 9.612   -1.393  7.644   1.00 15.24 ? 63  TYR   A O   1 
ATOM   440  C  CB  . TYR   A 1 63  ? 6.814   -0.027  6.857   1.00 18.40 ? 63  TYR   A CB  1 
ATOM   441  C  CG  . TYR   A 1 63  ? 7.806   1.117   6.847   1.00 16.17 ? 63  TYR   A CG  1 
ATOM   442  C  CD1 . TYR   A 1 63  ? 7.995   1.930   7.964   1.00 16.64 ? 63  TYR   A CD1 1 
ATOM   443  C  CD2 . TYR   A 1 63  ? 8.418   1.531   5.677   1.00 16.44 ? 63  TYR   A CD2 1 
ATOM   444  C  CE1 . TYR   A 1 63  ? 8.855   3.016   7.952   1.00 17.14 ? 63  TYR   A CE1 1 
ATOM   445  C  CE2 . TYR   A 1 63  ? 9.250   2.641   5.647   1.00 18.39 ? 63  TYR   A CE2 1 
ATOM   446  C  CZ  . TYR   A 1 63  ? 9.478   3.404   6.792   1.00 17.94 ? 63  TYR   A CZ  1 
ATOM   447  O  OH  . TYR   A 1 63  ? 10.249  4.519   6.906   1.00 17.91 ? 63  TYR   A OH  1 
ATOM   448  N  N   . TYR   A 1 64  ? 8.738   -2.297  5.702   1.00 17.72 ? 64  TYR   A N   1 
ATOM   449  C  CA  . TYR   A 1 64  ? 10.015  -2.460  4.987   1.00 18.47 ? 64  TYR   A CA  1 
ATOM   450  C  C   . TYR   A 1 64  ? 10.346  -1.198  4.159   1.00 17.46 ? 64  TYR   A C   1 
ATOM   451  O  O   . TYR   A 1 64  ? 9.522   -0.773  3.355   1.00 16.66 ? 64  TYR   A O   1 
ATOM   452  C  CB  . TYR   A 1 64  ? 9.967   -3.658  4.056   1.00 15.70 ? 64  TYR   A CB  1 
ATOM   453  C  CG  . TYR   A 1 64  ? 11.292  -3.832  3.402   1.00 18.21 ? 64  TYR   A CG  1 
ATOM   454  C  CD1 . TYR   A 1 64  ? 12.403  -4.107  4.174   1.00 19.96 ? 64  TYR   A CD1 1 
ATOM   455  C  CD2 . TYR   A 1 64  ? 11.414  -3.791  2.028   1.00 22.15 ? 64  TYR   A CD2 1 
ATOM   456  C  CE1 . TYR   A 1 64  ? 13.650  -4.267  3.592   1.00 20.36 ? 64  TYR   A CE1 1 
ATOM   457  C  CE2 . TYR   A 1 64  ? 12.652  -3.928  1.433   1.00 20.48 ? 64  TYR   A CE2 1 
ATOM   458  C  CZ  . TYR   A 1 64  ? 13.771  -4.169  2.214   1.00 20.75 ? 64  TYR   A CZ  1 
ATOM   459  O  OH  . TYR   A 1 64  ? 14.998  -4.339  1.643   1.00 18.37 ? 64  TYR   A OH  1 
ATOM   460  N  N   . CYS   A 1 65  ? 11.601  -0.733  4.250   1.00 17.46 ? 65  CYS   A N   1 
ATOM   461  C  CA  . CYS   A 1 65  ? 12.127  0.490   3.607   1.00 19.14 ? 65  CYS   A CA  1 
ATOM   462  C  C   . CYS   A 1 65  ? 13.278  0.065   2.692   1.00 19.60 ? 65  CYS   A C   1 
ATOM   463  O  O   . CYS   A 1 65  ? 14.353  -0.181  3.229   1.00 20.30 ? 65  CYS   A O   1 
ATOM   464  C  CB  . CYS   A 1 65  ? 12.604  1.494   4.636   1.00 22.54 ? 65  CYS   A CB  1 
ATOM   465  S  SG  . CYS   A 1 65  ? 13.299  2.953   3.816   1.00 20.37 ? 65  CYS   A SG  1 
ATOM   466  N  N   . SER   A 1 66  ? 13.043  -0.078  1.372   1.00 17.94 ? 66  SER   A N   1 
ATOM   467  C  CA  . SER   A 1 66  ? 14.024  -0.722  0.465   1.00 18.62 ? 66  SER   A CA  1 
ATOM   468  C  C   . SER   A 1 66  ? 15.251  0.195   0.348   1.00 16.65 ? 66  SER   A C   1 
ATOM   469  O  O   . SER   A 1 66  ? 16.378  -0.365  0.278   1.00 17.99 ? 66  SER   A O   1 
ATOM   470  C  CB  . SER   A 1 66  ? 13.407  -1.097  -0.877  1.00 19.74 ? 66  SER   A CB  1 
ATOM   471  O  OG  . SER   A 1 66  ? 13.111  0.074   -1.612  1.00 23.07 ? 66  SER   A OG  1 
ATOM   472  N  N   . SER   A 1 67  ? 15.044  1.516   0.415   1.00 19.25 ? 67  SER   A N   1 
ATOM   473  C  CA  . SER   A 1 67  ? 16.122  2.540   0.423   1.00 19.38 ? 67  SER   A CA  1 
ATOM   474  C  C   . SER   A 1 67  ? 17.057  2.469   1.656   1.00 20.54 ? 67  SER   A C   1 
ATOM   475  O  O   . SER   A 1 67  ? 18.066  3.192   1.668   1.00 18.32 ? 67  SER   A O   1 
ATOM   476  C  CB  . SER   A 1 67  ? 15.575  3.955   0.176   1.00 21.21 ? 67  SER   A CB  1 
ATOM   477  O  OG  . SER   A 1 67  ? 14.854  4.461   1.293   1.00 21.90 ? 67  SER   A OG  1 
ATOM   478  N  N   . ARG   A 1 68  ? 16.749  1.608   2.632   0.50 19.72 ? 68  ARG   A N   1 
ATOM   479  C  CA  . ARG   A 1 68  ? 17.537  1.435   3.882   0.50 19.90 ? 68  ARG   A CA  1 
ATOM   480  C  C   . ARG   A 1 68  ? 17.833  -0.054  4.091   0.50 20.45 ? 68  ARG   A C   1 
ATOM   481  O  O   . ARG   A 1 68  ? 18.547  -0.382  5.048   0.50 21.43 ? 68  ARG   A O   1 
ATOM   482  C  CB  . ARG   A 1 68  ? 16.772  2.037   5.067   0.50 20.23 ? 68  ARG   A CB  1 
ATOM   483  C  CG  . ARG   A 1 68  ? 16.634  3.553   4.995   0.50 20.82 ? 68  ARG   A CG  1 
ATOM   484  C  CD  . ARG   A 1 68  ? 17.959  4.243   5.288   0.50 21.45 ? 68  ARG   A CD  1 
ATOM   485  N  NE  . ARG   A 1 68  ? 17.843  5.698   5.274   0.50 22.63 ? 68  ARG   A NE  1 
ATOM   486  C  CZ  . ARG   A 1 68  ? 18.009  6.452   4.194   0.50 24.44 ? 68  ARG   A CZ  1 
ATOM   487  N  NH1 . ARG   A 1 68  ? 18.290  5.892   3.027   0.50 23.93 ? 68  ARG   A NH1 1 
ATOM   488  N  NH2 . ARG   A 1 68  ? 17.873  7.763   4.282   0.50 24.00 ? 68  ARG   A NH2 1 
ATOM   489  N  N   . ARG   A 1 69  ? 17.298  -0.920  3.229   0.50 21.01 ? 69  ARG   A N   1 
ATOM   490  C  CA  . ARG   A 1 69  ? 17.326  -2.394  3.417   0.50 21.22 ? 69  ARG   A CA  1 
ATOM   491  C  C   . ARG   A 1 69  ? 17.103  -2.709  4.902   0.50 20.92 ? 69  ARG   A C   1 
ATOM   492  O  O   . ARG   A 1 69  ? 17.989  -3.340  5.513   0.50 21.66 ? 69  ARG   A O   1 
ATOM   493  C  CB  . ARG   A 1 69  ? 18.662  -2.968  2.937   0.50 21.62 ? 69  ARG   A CB  1 
ATOM   494  C  CG  . ARG   A 1 69  ? 18.873  -2.895  1.432   0.50 21.67 ? 69  ARG   A CG  1 
ATOM   495  C  CD  . ARG   A 1 69  ? 20.307  -3.274  1.111   0.50 22.30 ? 69  ARG   A CD  1 
ATOM   496  N  NE  . ARG   A 1 69  ? 20.651  -3.169  -0.301  0.50 23.26 ? 69  ARG   A NE  1 
ATOM   497  C  CZ  . ARG   A 1 69  ? 21.845  -2.784  -0.754  0.50 23.13 ? 69  ARG   A CZ  1 
ATOM   498  N  NH1 . ARG   A 1 69  ? 22.796  -2.438  0.099   0.50 22.74 ? 69  ARG   A NH1 1 
ATOM   499  N  NH2 . ARG   A 1 69  ? 22.072  -2.716  -2.054  0.50 21.33 ? 69  ARG   A NH2 1 
ATOM   500  N  N   . LYS   A 1 70  ? 15.952  -2.316  5.452   0.50 20.02 ? 70  LYS   A N   1 
ATOM   501  C  CA  . LYS   A 1 70  ? 15.659  -2.454  6.900   0.50 19.10 ? 70  LYS   A CA  1 
ATOM   502  C  C   . LYS   A 1 70  ? 14.168  -2.208  7.149   0.50 18.23 ? 70  LYS   A C   1 
ATOM   503  O  O   . LYS   A 1 70  ? 13.537  -1.400  6.374   0.50 18.56 ? 70  LYS   A O   1 
ATOM   504  C  CB  . LYS   A 1 70  ? 16.427  -1.420  7.724   0.50 18.58 ? 70  LYS   A CB  1 
ATOM   505  C  CG  . LYS   A 1 70  ? 17.924  -1.630  7.867   0.50 17.96 ? 70  LYS   A CG  1 
ATOM   506  C  CD  . LYS   A 1 70  ? 18.533  -0.547  8.711   0.50 17.44 ? 70  LYS   A CD  1 
ATOM   507  C  CE  . LYS   A 1 70  ? 20.040  -0.480  8.604   0.50 17.13 ? 70  LYS   A CE  1 
ATOM   508  N  NZ  . LYS   A 1 70  ? 20.673  -1.628  9.292   0.50 17.49 ? 70  LYS   A NZ  1 
ATOM   509  N  N   . HIS   A 1 71  ? 13.655  -2.845  8.218   0.50 17.74 ? 71  HIS   A N   1 
ATOM   510  C  CA  . HIS   A 1 71  ? 12.281  -2.648  8.735   0.50 17.12 ? 71  HIS   A CA  1 
ATOM   511  C  C   . HIS   A 1 71  ? 12.306  -1.587  9.838   0.50 18.12 ? 71  HIS   A C   1 
ATOM   512  O  O   . HIS   A 1 71  ? 13.294  -1.557  10.609  0.50 17.46 ? 71  HIS   A O   1 
ATOM   513  C  CB  . HIS   A 1 71  ? 11.734  -3.988  9.232   0.50 17.07 ? 71  HIS   A CB  1 
ATOM   514  C  CG  . HIS   A 1 71  ? 11.590  -4.992  8.142   0.50 16.75 ? 71  HIS   A CG  1 
ATOM   515  N  ND1 . HIS   A 1 71  ? 10.459  -5.065  7.342   0.50 16.50 ? 71  HIS   A ND1 1 
ATOM   516  C  CD2 . HIS   A 1 71  ? 12.437  -5.933  7.682   0.50 16.15 ? 71  HIS   A CD2 1 
ATOM   517  C  CE1 . HIS   A 1 71  ? 10.607  -6.035  6.467   0.50 15.27 ? 71  HIS   A CE1 1 
ATOM   518  N  NE2 . HIS   A 1 71  ? 11.818  -6.573  6.646   0.50 15.05 ? 71  HIS   A NE2 1 
ATOM   519  N  N   . TYR   A 1 72  ? 11.248  -0.781  9.936   1.00 19.62 ? 72  TYR   A N   1 
ATOM   520  C  CA  . TYR   A 1 72  ? 11.126  0.243   10.981  1.00 19.48 ? 72  TYR   A CA  1 
ATOM   521  C  C   . TYR   A 1 72  ? 9.790   0.084   11.667  1.00 21.13 ? 72  TYR   A C   1 
ATOM   522  O  O   . TYR   A 1 72  ? 8.740   0.026   11.060  1.00 20.49 ? 72  TYR   A O   1 
ATOM   523  C  CB  . TYR   A 1 72  ? 11.270  1.655   10.422  1.00 16.12 ? 72  TYR   A CB  1 
ATOM   524  C  CG  . TYR   A 1 72  ? 12.613  1.997   9.827   1.00 17.53 ? 72  TYR   A CG  1 
ATOM   525  C  CD1 . TYR   A 1 72  ? 13.648  2.429   10.640  1.00 20.60 ? 72  TYR   A CD1 1 
ATOM   526  C  CD2 . TYR   A 1 72  ? 12.798  2.029   8.457   1.00 21.60 ? 72  TYR   A CD2 1 
ATOM   527  C  CE1 . TYR   A 1 72  ? 14.875  2.803   10.104  1.00 24.53 ? 72  TYR   A CE1 1 
ATOM   528  C  CE2 . TYR   A 1 72  ? 13.997  2.429   7.894   1.00 22.72 ? 72  TYR   A CE2 1 
ATOM   529  C  CZ  . TYR   A 1 72  ? 15.040  2.808   8.724   1.00 24.41 ? 72  TYR   A CZ  1 
ATOM   530  O  OH  . TYR   A 1 72  ? 16.191  3.206   8.122   1.00 22.25 ? 72  TYR   A OH  1 
ATOM   531  N  N   . PRO   A 1 73  ? 9.832   0.097   13.001  1.00 19.35 ? 73  PRO   A N   1 
ATOM   532  C  CA  . PRO   A 1 73  ? 8.612   0.157   13.783  1.00 18.27 ? 73  PRO   A CA  1 
ATOM   533  C  C   . PRO   A 1 73  ? 8.050   1.585   13.717  1.00 21.35 ? 73  PRO   A C   1 
ATOM   534  O  O   . PRO   A 1 73  ? 8.851   2.519   13.851  1.00 20.09 ? 73  PRO   A O   1 
ATOM   535  C  CB  . PRO   A 1 73  ? 9.132   -0.223  15.187  1.00 18.53 ? 73  PRO   A CB  1 
ATOM   536  C  CG  . PRO   A 1 73  ? 10.559  0.309   15.221  1.00 18.70 ? 73  PRO   A CG  1 
ATOM   537  C  CD  . PRO   A 1 73  ? 11.059  0.087   13.811  1.00 19.19 ? 73  PRO   A CD  1 
ATOM   538  N  N   . VAL   A 1 74  ? 6.727   1.736   13.559  1.00 17.86 ? 74  VAL   A N   1 
ATOM   539  C  CA  . VAL   A 1 74  ? 6.121   3.088   13.529  1.00 17.60 ? 74  VAL   A CA  1 
ATOM   540  C  C   . VAL   A 1 74  ? 4.737   3.101   14.184  1.00 16.89 ? 74  VAL   A C   1 
ATOM   541  O  O   . VAL   A 1 74  ? 4.084   2.062   14.204  1.00 15.90 ? 74  VAL   A O   1 
ATOM   542  C  CB  . VAL   A 1 74  ? 6.042   3.569   12.066  1.00 15.80 ? 74  VAL   A CB  1 
ATOM   543  C  CG1 . VAL   A 1 74  ? 7.389   3.953   11.464  1.00 15.38 ? 74  VAL   A CG1 1 
ATOM   544  C  CG2 . VAL   A 1 74  ? 5.405   2.552   11.143  1.00 20.04 ? 74  VAL   A CG2 1 
ATOM   545  N  N   . SER   A 1 75  ? 4.344   4.295   14.681  1.00 18.37 ? 75  SER   A N   1 
ATOM   546  C  CA  . SER   A 1 75  ? 2.950   4.717   14.927  1.00 18.17 ? 75  SER   A CA  1 
ATOM   547  C  C   . SER   A 1 75  ? 2.456   5.355   13.634  1.00 15.93 ? 75  SER   A C   1 
ATOM   548  O  O   . SER   A 1 75  ? 3.255   6.052   12.932  1.00 15.96 ? 75  SER   A O   1 
ATOM   549  C  CB  . SER   A 1 75  ? 2.786   5.669   16.081  1.00 21.17 ? 75  SER   A CB  1 
ATOM   550  O  OG  . SER   A 1 75  ? 3.198   5.058   17.288  1.00 28.76 ? 75  SER   A OG  1 
ATOM   551  N  N   . PHE   A 1 76  ? 1.248   4.989   13.211  1.00 16.71 ? 76  PHE   A N   1 
ATOM   552  C  CA  . PHE   A 1 76  ? 0.662   5.576   11.974  1.00 19.93 ? 76  PHE   A CA  1 
ATOM   553  C  C   . PHE   A 1 76  ? -0.739  6.103   12.253  1.00 19.18 ? 76  PHE   A C   1 
ATOM   554  O  O   . PHE   A 1 76  ? -1.417  5.616   13.145  1.00 21.54 ? 76  PHE   A O   1 
ATOM   555  C  CB  . PHE   A 1 76  ? 0.802   4.609   10.793  1.00 17.50 ? 76  PHE   A CB  1 
ATOM   556  C  CG  . PHE   A 1 76  ? 0.236   3.221   11.007  1.00 17.28 ? 76  PHE   A CG  1 
ATOM   557  C  CD1 . PHE   A 1 76  ? 1.043   2.177   11.447  1.00 16.97 ? 76  PHE   A CD1 1 
ATOM   558  C  CD2 . PHE   A 1 76  ? -1.102  2.972   10.763  1.00 19.35 ? 76  PHE   A CD2 1 
ATOM   559  C  CE1 . PHE   A 1 76  ? 0.551   0.880   11.606  1.00 16.25 ? 76  PHE   A CE1 1 
ATOM   560  C  CE2 . PHE   A 1 76  ? -1.634  1.722   11.005  1.00 18.85 ? 76  PHE   A CE2 1 
ATOM   561  C  CZ  . PHE   A 1 76  ? -0.798  0.678   11.412  1.00 18.19 ? 76  PHE   A CZ  1 
ATOM   562  N  N   . SER   A 1 77  ? -1.174  7.062   11.438  1.00 17.39 ? 77  SER   A N   1 
ATOM   563  C  CA  . SER   A 1 77  ? -2.549  7.620   11.534  1.00 19.98 ? 77  SER   A CA  1 
ATOM   564  C  C   . SER   A 1 77  ? -3.567  6.610   10.990  1.00 20.10 ? 77  SER   A C   1 
ATOM   565  O  O   . SER   A 1 77  ? -3.151  5.629   10.315  1.00 22.46 ? 77  SER   A O   1 
ATOM   566  C  CB  . SER   A 1 77  ? -2.729  8.973   10.901  1.00 19.98 ? 77  SER   A CB  1 
ATOM   567  O  OG  . SER   A 1 77  ? -2.021  9.095   9.693   1.00 20.40 ? 77  SER   A OG  1 
ATOM   568  N  N   . LYS   A 1 78  ? -4.852  6.813   11.294  1.00 22.11 ? 78  LYS   A N   1 
ATOM   569  C  CA  . LYS   A 1 78  ? -5.941  5.972   10.754  1.00 24.24 ? 78  LYS   A CA  1 
ATOM   570  C  C   . LYS   A 1 78  ? -6.134  6.363   9.299   1.00 23.49 ? 78  LYS   A C   1 
ATOM   571  O  O   . LYS   A 1 78  ? -5.762  7.460   8.923   1.00 24.17 ? 78  LYS   A O   1 
ATOM   572  C  CB  . LYS   A 1 78  ? -7.188  6.086   11.638  1.00 23.91 ? 78  LYS   A CB  1 
ATOM   573  C  CG  . LYS   A 1 78  ? -7.044  5.419   13.007  1.00 26.37 ? 78  LYS   A CG  1 
ATOM   574  C  CD  . LYS   A 1 78  ? -8.270  5.581   13.934  1.00 29.79 ? 78  LYS   A CD  1 
ATOM   575  C  CE  . LYS   A 1 78  ? -8.591  4.292   14.668  1.00 30.78 ? 78  LYS   A CE  1 
ATOM   576  N  NZ  . LYS   A 1 78  ? -9.600  4.488   15.742  1.00 33.42 ? 78  LYS   A NZ  1 
ATOM   577  N  N   . PRO   A 1 79  ? -6.574  5.414   8.450   1.00 20.33 ? 79  PRO   A N   1 
ATOM   578  C  CA  . PRO   A 1 79  ? -6.759  5.710   7.026   1.00 20.23 ? 79  PRO   A CA  1 
ATOM   579  C  C   . PRO   A 1 79  ? -7.573  6.997   6.837   1.00 18.10 ? 79  PRO   A C   1 
ATOM   580  O  O   . PRO   A 1 79  ? -8.594  7.108   7.501   1.00 18.04 ? 79  PRO   A O   1 
ATOM   581  C  CB  . PRO   A 1 79  ? -7.431  4.417   6.545   1.00 21.99 ? 79  PRO   A CB  1 
ATOM   582  C  CG  . PRO   A 1 79  ? -6.784  3.376   7.407   1.00 19.42 ? 79  PRO   A CG  1 
ATOM   583  C  CD  . PRO   A 1 79  ? -6.815  4.005   8.793   1.00 20.06 ? 79  PRO   A CD  1 
ATOM   584  N  N   . SER   A 1 80  ? -7.129  7.941   6.015   1.00 16.72 ? 80  SER   A N   1 
ATOM   585  C  CA  . SER   A 1 80  ? -7.855  9.235   5.801   1.00 21.75 ? 80  SER   A CA  1 
ATOM   586  C  C   . SER   A 1 80  ? -7.616  9.825   4.421   1.00 24.50 ? 80  SER   A C   1 
ATOM   587  O  O   . SER   A 1 80  ? -6.805  9.282   3.645   1.00 23.95 ? 80  SER   A O   1 
ATOM   588  C  CB  . SER   A 1 80  ? -7.468  10.329  6.775   1.00 21.31 ? 80  SER   A CB  1 
ATOM   589  O  OG  . SER   A 1 80  ? -7.233  9.827   8.048   1.00 24.49 ? 80  SER   A OG  1 
ATOM   590  N  N   . LEU   A 1 81  ? -8.290  10.957  4.189   0.67 24.46 ? 81  LEU   A N   1 
ATOM   591  C  CA  . LEU   A 1 81  ? -8.234  11.805  2.973   0.67 25.20 ? 81  LEU   A CA  1 
ATOM   592  C  C   . LEU   A 1 81  ? -7.214  12.929  3.205   0.67 25.49 ? 81  LEU   A C   1 
ATOM   593  O  O   . LEU   A 1 81  ? -7.542  13.934  3.885   0.67 24.52 ? 81  LEU   A O   1 
ATOM   594  C  CB  . LEU   A 1 81  ? -9.637  12.360  2.709   0.67 26.02 ? 81  LEU   A CB  1 
ATOM   595  C  CG  . LEU   A 1 81  ? -9.839  13.003  1.336   0.67 27.09 ? 81  LEU   A CG  1 
ATOM   596  C  CD1 . LEU   A 1 81  ? -9.805  11.959  0.228   0.67 26.04 ? 81  LEU   A CD1 1 
ATOM   597  C  CD2 . LEU   A 1 81  ? -11.137 13.783  1.291   0.67 27.36 ? 81  LEU   A CD2 1 
ATOM   598  N  N   . ILE   A 1 82  ? -6.009  12.745  2.668   0.67 23.29 ? 82  ILE   A N   1 
ATOM   599  C  CA  . ILE   A 1 82  ? -4.825  13.624  2.875   0.67 21.93 ? 82  ILE   A CA  1 
ATOM   600  C  C   . ILE   A 1 82  ? -4.473  14.238  1.524   0.67 20.44 ? 82  ILE   A C   1 
ATOM   601  O  O   . ILE   A 1 82  ? -4.360  13.454  0.552   0.67 17.17 ? 82  ILE   A O   1 
ATOM   602  C  CB  . ILE   A 1 82  ? -3.628  12.820  3.428   0.67 21.85 ? 82  ILE   A CB  1 
ATOM   603  C  CG1 . ILE   A 1 82  ? -4.000  11.854  4.562   0.67 22.56 ? 82  ILE   A CG1 1 
ATOM   604  C  CG2 . ILE   A 1 82  ? -2.510  13.767  3.833   0.67 21.71 ? 82  ILE   A CG2 1 
ATOM   605  C  CD1 . ILE   A 1 82  ? -4.471  12.518  5.824   0.67 23.26 ? 82  ILE   A CD1 1 
ATOM   606  N  N   . PHE   A 1 83  ? -4.294  15.556  1.452   0.67 21.34 ? 83  PHE   A N   1 
ATOM   607  C  CA  . PHE   A 1 83  ? -3.783  16.214  0.220   0.67 21.87 ? 83  PHE   A CA  1 
ATOM   608  C  C   . PHE   A 1 83  ? -2.347  15.730  -0.005  0.67 22.96 ? 83  PHE   A C   1 
ATOM   609  O  O   . PHE   A 1 83  ? -1.548  15.694  0.964   0.67 24.43 ? 83  PHE   A O   1 
ATOM   610  C  CB  . PHE   A 1 83  ? -3.891  17.744  0.265   0.67 22.70 ? 83  PHE   A CB  1 
ATOM   611  C  CG  . PHE   A 1 83  ? -3.751  18.392  -1.092  0.67 22.44 ? 83  PHE   A CG  1 
ATOM   612  C  CD1 . PHE   A 1 83  ? -4.784  18.321  -2.016  0.67 21.46 ? 83  PHE   A CD1 1 
ATOM   613  C  CD2 . PHE   A 1 83  ? -2.575  19.025  -1.467  0.67 23.09 ? 83  PHE   A CD2 1 
ATOM   614  C  CE1 . PHE   A 1 83  ? -4.649  18.882  -3.280  0.67 22.09 ? 83  PHE   A CE1 1 
ATOM   615  C  CE2 . PHE   A 1 83  ? -2.438  19.588  -2.729  0.67 23.45 ? 83  PHE   A CE2 1 
ATOM   616  C  CZ  . PHE   A 1 83  ? -3.479  19.519  -3.631  0.67 23.61 ? 83  PHE   A CZ  1 
ATOM   617  N  N   . VAL   A 1 84  ? -2.059  15.305  -1.235  0.67 21.85 ? 84  VAL   A N   1 
ATOM   618  C  CA  . VAL   A 1 84  ? -0.731  14.767  -1.639  0.67 20.26 ? 84  VAL   A CA  1 
ATOM   619  C  C   . VAL   A 1 84  ? -0.250  15.589  -2.836  0.67 19.04 ? 84  VAL   A C   1 
ATOM   620  O  O   . VAL   A 1 84  ? -1.011  15.666  -3.807  0.67 18.65 ? 84  VAL   A O   1 
ATOM   621  C  CB  . VAL   A 1 84  ? -0.831  13.261  -1.959  0.67 20.36 ? 84  VAL   A CB  1 
ATOM   622  C  CG1 . VAL   A 1 84  ? 0.475   12.716  -2.513  0.67 20.80 ? 84  VAL   A CG1 1 
ATOM   623  C  CG2 . VAL   A 1 84  ? -1.268  12.461  -0.743  0.67 18.76 ? 84  VAL   A CG2 1 
ATOM   624  N  N   . GLU   A 1 85  ? 0.960   16.167  -2.765  0.67 19.19 ? 85  GLU   A N   1 
ATOM   625  C  CA  . GLU   A 1 85  ? 1.570   16.996  -3.845  0.67 19.40 ? 85  GLU   A CA  1 
ATOM   626  C  C   . GLU   A 1 85  ? 1.749   16.146  -5.105  0.67 18.82 ? 85  GLU   A C   1 
ATOM   627  O  O   . GLU   A 1 85  ? 1.980   14.921  -4.960  0.67 18.45 ? 85  GLU   A O   1 
ATOM   628  C  CB  . GLU   A 1 85  ? 2.950   17.513  -3.439  0.67 19.75 ? 85  GLU   A CB  1 
ATOM   629  C  CG  . GLU   A 1 85  ? 2.905   18.466  -2.261  0.67 19.43 ? 85  GLU   A CG  1 
ATOM   630  C  CD  . GLU   A 1 85  ? 2.005   19.675  -2.457  0.67 18.69 ? 85  GLU   A CD  1 
ATOM   631  O  OE1 . GLU   A 1 85  ? 1.913   20.162  -3.591  0.67 17.89 ? 85  GLU   A OE1 1 
ATOM   632  O  OE2 . GLU   A 1 85  ? 1.388   20.121  -1.481  0.67 18.83 ? 85  GLU   A OE2 1 
ATOM   633  N  N   . ALA   A 1 86  ? 1.716   16.784  -6.282  0.67 20.60 ? 86  ALA   A N   1 
ATOM   634  C  CA  . ALA   A 1 86  ? 2.026   16.169  -7.592  0.67 22.38 ? 86  ALA   A CA  1 
ATOM   635  C  C   . ALA   A 1 86  ? 3.347   15.400  -7.466  0.67 24.47 ? 86  ALA   A C   1 
ATOM   636  O  O   . ALA   A 1 86  ? 4.176   15.797  -6.617  0.67 25.94 ? 86  ALA   A O   1 
ATOM   637  C  CB  . ALA   A 1 86  ? 2.108   17.237  -8.654  0.67 22.65 ? 86  ALA   A CB  1 
ATOM   638  N  N   . SER   A 1 87  ? 3.528   14.336  -8.256  0.67 26.05 ? 87  SER   A N   1 
ATOM   639  C  CA  . SER   A 1 87  ? 4.657   13.377  -8.111  0.67 28.15 ? 87  SER   A CA  1 
ATOM   640  C  C   . SER   A 1 87  ? 5.390   13.142  -9.439  0.67 30.20 ? 87  SER   A C   1 
ATOM   641  O  O   . SER   A 1 87  ? 6.628   13.060  -9.393  0.67 35.32 ? 87  SER   A O   1 
ATOM   642  C  CB  . SER   A 1 87  ? 4.182   12.074  -7.527  0.67 28.31 ? 87  SER   A CB  1 
ATOM   643  O  OG  . SER   A 1 87  ? 3.381   11.369  -8.456  0.67 27.41 ? 87  SER   A OG  1 
ATOM   644  N  N   . GLU   A 1 88  ? 4.662   13.050  -10.556 0.67 31.09 ? 88  GLU   A N   1 
ATOM   645  C  CA  . GLU   A 1 88  ? 5.078   12.394  -11.834 0.67 32.19 ? 88  GLU   A CA  1 
ATOM   646  C  C   . GLU   A 1 88  ? 3.935   11.487  -12.292 0.67 31.33 ? 88  GLU   A C   1 
ATOM   647  O  O   . GLU   A 1 88  ? 3.451   11.646  -13.437 0.67 30.12 ? 88  GLU   A O   1 
ATOM   648  C  CB  . GLU   A 1 88  ? 6.313   11.496  -11.695 0.67 34.36 ? 88  GLU   A CB  1 
ATOM   649  C  CG  . GLU   A 1 88  ? 7.625   12.164  -12.064 0.67 36.43 ? 88  GLU   A CG  1 
ATOM   650  C  CD  . GLU   A 1 88  ? 8.835   11.248  -11.982 0.67 39.71 ? 88  GLU   A CD  1 
ATOM   651  O  OE1 . GLU   A 1 88  ? 9.833   11.525  -12.688 0.67 39.15 ? 88  GLU   A OE1 1 
ATOM   652  O  OE2 . GLU   A 1 88  ? 8.779   10.254  -11.216 0.67 41.49 ? 88  GLU   A OE2 1 
ATOM   653  N  N   . TYR   A 1 89  ? 3.528   10.574  -11.405 0.67 29.33 ? 89  TYR   A N   1 
ATOM   654  C  CA  . TYR   A 1 89  ? 2.451   9.575   -11.635 0.67 28.60 ? 89  TYR   A CA  1 
ATOM   655  C  C   . TYR   A 1 89  ? 1.078   10.224  -11.459 0.67 25.95 ? 89  TYR   A C   1 
ATOM   656  O  O   . TYR   A 1 89  ? 0.105   9.736   -12.046 0.67 25.14 ? 89  TYR   A O   1 
ATOM   657  C  CB  . TYR   A 1 89  ? 2.606   8.390   -10.680 0.67 28.35 ? 89  TYR   A CB  1 
ATOM   658  C  CG  . TYR   A 1 89  ? 3.933   7.683   -10.783 0.67 28.94 ? 89  TYR   A CG  1 
ATOM   659  C  CD1 . TYR   A 1 89  ? 4.886   7.798   -9.786  0.67 28.95 ? 89  TYR   A CD1 1 
ATOM   660  C  CD2 . TYR   A 1 89  ? 4.234   6.897   -11.885 0.67 28.75 ? 89  TYR   A CD2 1 
ATOM   661  C  CE1 . TYR   A 1 89  ? 6.105   7.146   -9.876  0.67 27.99 ? 89  TYR   A CE1 1 
ATOM   662  C  CE2 . TYR   A 1 89  ? 5.446   6.234   -11.988 0.67 28.03 ? 89  TYR   A CE2 1 
ATOM   663  C  CZ  . TYR   A 1 89  ? 6.387   6.364   -10.984 0.67 29.10 ? 89  TYR   A CZ  1 
ATOM   664  O  OH  . TYR   A 1 89  ? 7.578   5.706   -11.095 0.67 30.26 ? 89  TYR   A OH  1 
ATOM   665  N  N   . TYR   A 1 90  ? 0.985   11.291  -10.663 0.67 24.91 ? 90  TYR   A N   1 
ATOM   666  C  CA  . TYR   A 1 90  ? -0.300  11.977  -10.386 0.67 23.37 ? 90  TYR   A CA  1 
ATOM   667  C  C   . TYR   A 1 90  ? -0.106  13.488  -10.401 0.67 22.71 ? 90  TYR   A C   1 
ATOM   668  O  O   . TYR   A 1 90  ? 0.991   13.997  -10.201 0.67 24.17 ? 90  TYR   A O   1 
ATOM   669  C  CB  . TYR   A 1 90  ? -0.870  11.556  -9.029  0.67 23.94 ? 90  TYR   A CB  1 
ATOM   670  C  CG  . TYR   A 1 90  ? -1.209  10.094  -8.888  0.67 23.62 ? 90  TYR   A CG  1 
ATOM   671  C  CD1 . TYR   A 1 90  ? -2.354  9.555   -9.457  0.67 22.93 ? 90  TYR   A CD1 1 
ATOM   672  C  CD2 . TYR   A 1 90  ? -0.398  9.247   -8.147  0.67 22.30 ? 90  TYR   A CD2 1 
ATOM   673  C  CE1 . TYR   A 1 90  ? -2.665  8.209   -9.320  0.67 22.86 ? 90  TYR   A CE1 1 
ATOM   674  C  CE2 . TYR   A 1 90  ? -0.692  7.901   -8.005  0.67 22.15 ? 90  TYR   A CE2 1 
ATOM   675  C  CZ  . TYR   A 1 90  ? -1.844  7.386   -8.570  0.67 22.71 ? 90  TYR   A CZ  1 
ATOM   676  O  OH  . TYR   A 1 90  ? -2.118  6.059   -8.417  0.67 22.75 ? 90  TYR   A OH  1 
ATOM   677  N  N   . PRO   A 1 91  ? -1.207  14.250  -10.568 0.67 21.40 ? 91  PRO   A N   1 
ATOM   678  C  CA  . PRO   A 1 91  ? -1.219  15.675  -10.247 0.67 21.96 ? 91  PRO   A CA  1 
ATOM   679  C  C   . PRO   A 1 91  ? -1.451  15.778  -8.733  0.67 22.17 ? 91  PRO   A C   1 
ATOM   680  O  O   . PRO   A 1 91  ? -1.650  14.753  -8.113  0.67 22.61 ? 91  PRO   A O   1 
ATOM   681  C  CB  . PRO   A 1 91  ? -2.387  16.193  -11.092 0.67 21.71 ? 91  PRO   A CB  1 
ATOM   682  C  CG  . PRO   A 1 91  ? -3.369  15.022  -11.127 0.67 21.09 ? 91  PRO   A CG  1 
ATOM   683  C  CD  . PRO   A 1 91  ? -2.523  13.771  -11.017 0.67 21.84 ? 91  PRO   A CD  1 
ATOM   684  N  N   . ALA   A 1 92  ? -1.407  16.972  -8.149  0.67 22.69 ? 92  ALA   A N   1 
ATOM   685  C  CA  . ALA   A 1 92  ? -1.770  17.157  -6.723  0.67 23.53 ? 92  ALA   A CA  1 
ATOM   686  C  C   . ALA   A 1 92  ? -3.255  16.805  -6.571  0.67 24.41 ? 92  ALA   A C   1 
ATOM   687  O  O   . ALA   A 1 92  ? -4.070  17.278  -7.372  0.67 22.34 ? 92  ALA   A O   1 
ATOM   688  C  CB  . ALA   A 1 92  ? -1.459  18.554  -6.239  0.67 24.47 ? 92  ALA   A CB  1 
ATOM   689  N  N   . ARG   A 1 93  ? -3.582  15.953  -5.605  0.67 25.14 ? 93  ARG   A N   1 
ATOM   690  C  CA  . ARG   A 1 93  ? -4.973  15.489  -5.380  0.67 25.61 ? 93  ARG   A CA  1 
ATOM   691  C  C   . ARG   A 1 93  ? -5.087  14.943  -3.959  0.67 25.96 ? 93  ARG   A C   1 
ATOM   692  O  O   . ARG   A 1 93  ? -4.048  14.677  -3.323  0.67 25.00 ? 93  ARG   A O   1 
ATOM   693  C  CB  . ARG   A 1 93  ? -5.369  14.464  -6.450  0.67 26.30 ? 93  ARG   A CB  1 
ATOM   694  C  CG  . ARG   A 1 93  ? -4.421  13.279  -6.605  0.67 26.97 ? 93  ARG   A CG  1 
ATOM   695  C  CD  . ARG   A 1 93  ? -4.692  12.183  -5.602  0.67 27.31 ? 93  ARG   A CD  1 
ATOM   696  N  NE  . ARG   A 1 93  ? -4.304  10.842  -6.037  0.67 28.00 ? 93  ARG   A NE  1 
ATOM   697  C  CZ  . ARG   A 1 93  ? -3.145  10.236  -5.757  0.67 30.20 ? 93  ARG   A CZ  1 
ATOM   698  N  NH1 . ARG   A 1 93  ? -2.189  10.852  -5.077  0.67 29.47 ? 93  ARG   A NH1 1 
ATOM   699  N  NH2 . ARG   A 1 93  ? -2.938  9.002   -6.181  0.67 30.41 ? 93  ARG   A NH2 1 
ATOM   700  N  N   . TYR   A 1 94  ? -6.324  14.801  -3.489  0.67 25.27 ? 94  TYR   A N   1 
ATOM   701  C  CA  . TYR   A 1 94  ? -6.666  14.088  -2.239  0.67 23.13 ? 94  TYR   A CA  1 
ATOM   702  C  C   . TYR   A 1 94  ? -6.509  12.586  -2.468  0.67 22.28 ? 94  TYR   A C   1 
ATOM   703  O  O   . TYR   A 1 94  ? -7.292  12.010  -3.221  0.67 20.70 ? 94  TYR   A O   1 
ATOM   704  C  CB  . TYR   A 1 94  ? -8.074  14.462  -1.780  0.67 23.21 ? 94  TYR   A CB  1 
ATOM   705  C  CG  . TYR   A 1 94  ? -8.146  15.839  -1.183  0.67 23.70 ? 94  TYR   A CG  1 
ATOM   706  C  CD1 . TYR   A 1 94  ? -7.876  16.049  0.160   0.67 23.77 ? 94  TYR   A CD1 1 
ATOM   707  C  CD2 . TYR   A 1 94  ? -8.406  16.942  -1.978  0.67 24.99 ? 94  TYR   A CD2 1 
ATOM   708  C  CE1 . TYR   A 1 94  ? -7.924  17.320  0.711   0.67 23.63 ? 94  TYR   A CE1 1 
ATOM   709  C  CE2 . TYR   A 1 94  ? -8.455  18.219  -1.439  0.67 23.87 ? 94  TYR   A CE2 1 
ATOM   710  C  CZ  . TYR   A 1 94  ? -8.212  18.409  -0.091  0.67 23.97 ? 94  TYR   A CZ  1 
ATOM   711  O  OH  . TYR   A 1 94  ? -8.261  19.657  0.458   0.67 21.99 ? 94  TYR   A OH  1 
ATOM   712  N  N   . GLN   A 1 95  ? -5.485  11.984  -1.865  0.67 21.42 ? 95  GLN   A N   1 
ATOM   713  C  CA  . GLN   A 1 95  ? -5.365  10.509  -1.781  0.67 20.22 ? 95  GLN   A CA  1 
ATOM   714  C  C   . GLN   A 1 95  ? -6.302  10.057  -0.662  0.67 18.89 ? 95  GLN   A C   1 
ATOM   715  O  O   . GLN   A 1 95  ? -6.368  10.761  0.374   0.67 16.87 ? 95  GLN   A O   1 
ATOM   716  C  CB  . GLN   A 1 95  ? -3.916  10.088  -1.545  0.67 18.68 ? 95  GLN   A CB  1 
ATOM   717  C  CG  . GLN   A 1 95  ? -3.752  8.582   -1.390  0.67 18.07 ? 95  GLN   A CG  1 
ATOM   718  C  CD  . GLN   A 1 95  ? -2.503  8.026   -2.023  0.67 17.09 ? 95  GLN   A CD  1 
ATOM   719  O  OE1 . GLN   A 1 95  ? -1.751  8.716   -2.713  0.67 19.41 ? 95  GLN   A OE1 1 
ATOM   720  N  NE2 . GLN   A 1 95  ? -2.285  6.740   -1.811  0.67 15.75 ? 95  GLN   A NE2 1 
ATOM   721  N  N   . SER   A 1 96  ? -7.027  8.966   -0.861  0.67 19.42 ? 96  SER   A N   1 
ATOM   722  C  CA  . SER   A 1 96  ? -7.955  8.436   0.166   0.67 18.97 ? 96  SER   A CA  1 
ATOM   723  C  C   . SER   A 1 96  ? -7.339  7.221   0.864   0.67 18.83 ? 96  SER   A C   1 
ATOM   724  O  O   . SER   A 1 96  ? -6.359  6.641   0.349   0.67 19.28 ? 96  SER   A O   1 
ATOM   725  C  CB  . SER   A 1 96  ? -9.315  8.094   -0.395  0.67 17.44 ? 96  SER   A CB  1 
ATOM   726  O  OG  . SER   A 1 96  ? -9.263  6.983   -1.283  0.67 17.87 ? 96  SER   A OG  1 
ATOM   727  N  N   . HIS   A 1 97  ? -7.914  6.850   2.001   1.00 19.88 ? 97  HIS   A N   1 
ATOM   728  C  CA  . HIS   A 1 97  ? -7.491  5.654   2.760   1.00 20.52 ? 97  HIS   A CA  1 
ATOM   729  C  C   . HIS   A 1 97  ? -5.976  5.687   3.025   1.00 17.99 ? 97  HIS   A C   1 
ATOM   730  O  O   . HIS   A 1 97  ? -5.406  4.591   2.987   1.00 15.74 ? 97  HIS   A O   1 
ATOM   731  C  CB  . HIS   A 1 97  ? -7.948  4.387   1.983   1.00 18.26 ? 97  HIS   A CB  1 
ATOM   732  C  CG  . HIS   A 1 97  ? -9.434  4.253   1.825   1.00 18.21 ? 97  HIS   A CG  1 
ATOM   733  N  ND1 . HIS   A 1 97  ? -10.272 3.556   2.752   1.00 15.51 ? 97  HIS   A ND1 1 
ATOM   734  C  CD2 . HIS   A 1 97  ? -10.259 4.731   0.874   1.00 20.88 ? 97  HIS   A CD2 1 
ATOM   735  C  CE1 . HIS   A 1 97  ? -11.512 3.617   2.332   1.00 18.88 ? 97  HIS   A CE1 1 
ATOM   736  N  NE2 . HIS   A 1 97  ? -11.533 4.299   1.202   1.00 16.25 ? 97  HIS   A NE2 1 
ATOM   737  N  N   . LEU   A 1 98  ? -5.391  6.852   3.255   1.00 23.00 ? 98  LEU   A N   1 
ATOM   738  C  CA  . LEU   A 1 98  ? -3.941  7.057   3.485   1.00 19.35 ? 98  LEU   A CA  1 
ATOM   739  C  C   . LEU   A 1 98  ? -3.597  7.117   4.974   1.00 17.66 ? 98  LEU   A C   1 
ATOM   740  O  O   . LEU   A 1 98  ? -4.383  7.750   5.768   1.00 17.52 ? 98  LEU   A O   1 
ATOM   741  C  CB  . LEU   A 1 98  ? -3.528  8.399   2.907   1.00 19.25 ? 98  LEU   A CB  1 
ATOM   742  C  CG  . LEU   A 1 98  ? -2.031  8.577   2.732   1.00 19.30 ? 98  LEU   A CG  1 
ATOM   743  C  CD1 . LEU   A 1 98  ? -1.440  7.396   1.989   1.00 20.33 ? 98  LEU   A CD1 1 
ATOM   744  C  CD2 . LEU   A 1 98  ? -1.810  9.879   2.000   1.00 19.35 ? 98  LEU   A CD2 1 
ATOM   745  N  N   . MET   A 1 99  ? -2.515  6.422   5.351   1.00 17.67 ? 99  MET   A N   1 
ATOM   746  C  CA  . MET   A 1 99  ? -2.010  6.476   6.743   1.00 17.50 ? 99  MET   A CA  1 
ATOM   747  C  C   . MET   A 1 99  ? -0.583  7.043   6.753   1.00 17.76 ? 99  MET   A C   1 
ATOM   748  O  O   . MET   A 1 99  ? 0.209   6.718   5.834   1.00 17.82 ? 99  MET   A O   1 
ATOM   749  C  CB  . MET   A 1 99  ? -2.074  5.079   7.380   1.00 15.83 ? 99  MET   A CB  1 
ATOM   750  C  CG  . MET   A 1 99  ? -3.457  4.388   7.368   1.00 18.20 ? 99  MET   A CG  1 
ATOM   751  S  SD  . MET   A 1 99  ? -3.238  2.628   7.691   1.00 20.94 ? 99  MET   A SD  1 
ATOM   752  C  CE  . MET   A 1 99  ? -2.495  2.002   6.187   1.00 17.77 ? 99  MET   A CE  1 
ATOM   753  N  N   . LEU   A 1 100 ? -0.274  7.881   7.758   1.00 18.26 ? 100 LEU   A N   1 
ATOM   754  C  CA  . LEU   A 1 100 ? 1.061   8.568   7.840   1.00 14.44 ? 100 LEU   A CA  1 
ATOM   755  C  C   . LEU   A 1 100 ? 1.824   8.093   9.056   1.00 15.62 ? 100 LEU   A C   1 
ATOM   756  O  O   . LEU   A 1 100 ? 1.265   7.778   10.053  1.00 13.98 ? 100 LEU   A O   1 
ATOM   757  C  CB  . LEU   A 1 100 ? 0.931   10.101  7.854   1.00 16.95 ? 100 LEU   A CB  1 
ATOM   758  C  CG  . LEU   A 1 100 ? 0.555   10.710  6.501   1.00 19.45 ? 100 LEU   A CG  1 
ATOM   759  C  CD1 . LEU   A 1 100 ? 0.576   12.211  6.540   1.00 23.27 ? 100 LEU   A CD1 1 
ATOM   760  C  CD2 . LEU   A 1 100 ? 1.457   10.208  5.391   1.00 23.87 ? 100 LEU   A CD2 1 
ATOM   761  N  N   . ALA   A 1 101 ? 3.098   7.967   8.875   1.00 16.66 ? 101 ALA   A N   1 
ATOM   762  C  CA  . ALA   A 1 101 ? 4.063   7.744   9.949   1.00 15.47 ? 101 ALA   A CA  1 
ATOM   763  C  C   . ALA   A 1 101 ? 5.259   8.654   9.745   1.00 16.61 ? 101 ALA   A C   1 
ATOM   764  O  O   . ALA   A 1 101 ? 5.582   8.990   8.612   1.00 19.85 ? 101 ALA   A O   1 
ATOM   765  C  CB  . ALA   A 1 101 ? 4.553   6.310   9.960   1.00 12.55 ? 101 ALA   A CB  1 
ATOM   766  N  N   . VAL   A 1 102 ? 5.939   8.947   10.824  1.00 18.05 ? 102 VAL   A N   1 
ATOM   767  C  CA  . VAL   A 1 102 ? 7.214   9.679   10.786  1.00 16.84 ? 102 VAL   A CA  1 
ATOM   768  C  C   . VAL   A 1 102 ? 8.265   8.616   10.474  1.00 19.75 ? 102 VAL   A C   1 
ATOM   769  O  O   . VAL   A 1 102 ? 8.455   7.603   11.242  1.00 20.25 ? 102 VAL   A O   1 
ATOM   770  C  CB  . VAL   A 1 102 ? 7.473   10.376  12.133  1.00 18.17 ? 102 VAL   A CB  1 
ATOM   771  C  CG1 . VAL   A 1 102 ? 8.890   10.954  12.228  1.00 18.97 ? 102 VAL   A CG1 1 
ATOM   772  C  CG2 . VAL   A 1 102 ? 6.399   11.402  12.504  1.00 20.29 ? 102 VAL   A CG2 1 
ATOM   773  N  N   . GLY   A 1 103 ? 8.887   8.775   9.319   1.00 18.13 ? 103 GLY   A N   1 
ATOM   774  C  CA  . GLY   A 1 103 ? 9.794   7.746   8.845   1.00 19.60 ? 103 GLY   A CA  1 
ATOM   775  C  C   . GLY   A 1 103 ? 10.345  8.128   7.499   1.00 21.96 ? 103 GLY   A C   1 
ATOM   776  O  O   . GLY   A 1 103 ? 9.798   9.069   6.865   1.00 20.31 ? 103 GLY   A O   1 
ATOM   777  N  N   . HIS   A 1 104 ? 11.424  7.437   7.137   1.00 19.70 ? 104 HIS   A N   1 
ATOM   778  C  CA  . HIS   A 1 104 ? 12.116  7.609   5.852   1.00 19.34 ? 104 HIS   A CA  1 
ATOM   779  C  C   . HIS   A 1 104 ? 11.411  6.825   4.744   1.00 18.20 ? 104 HIS   A C   1 
ATOM   780  O  O   . HIS   A 1 104 ? 11.066  5.647   4.932   1.00 20.37 ? 104 HIS   A O   1 
ATOM   781  C  CB  . HIS   A 1 104 ? 13.556  7.143   5.969   1.00 21.46 ? 104 HIS   A CB  1 
ATOM   782  C  CG  . HIS   A 1 104 ? 14.279  7.421   4.703   1.00 19.60 ? 104 HIS   A CG  1 
ATOM   783  N  ND1 . HIS   A 1 104 ? 14.480  8.690   4.333   1.00 17.46 ? 104 HIS   A ND1 1 
ATOM   784  C  CD2 . HIS   A 1 104 ? 14.672  6.640   3.667   1.00 20.20 ? 104 HIS   A CD2 1 
ATOM   785  C  CE1 . HIS   A 1 104 ? 15.082  8.724   3.153   1.00 18.04 ? 104 HIS   A CE1 1 
ATOM   786  N  NE2 . HIS   A 1 104 ? 15.175  7.473   2.681   1.00 19.52 ? 104 HIS   A NE2 1 
ATOM   787  N  N   . SER   A 1 105 ? 11.210  7.461   3.597   0.67 19.20 ? 105 SER   A N   1 
ATOM   788  C  CA  . SER   A 1 105 ? 10.780  6.778   2.357   0.67 19.40 ? 105 SER   A CA  1 
ATOM   789  C  C   . SER   A 1 105 ? 11.214  7.612   1.152   0.67 19.38 ? 105 SER   A C   1 
ATOM   790  O  O   . SER   A 1 105 ? 11.372  8.853   1.279   0.67 22.54 ? 105 SER   A O   1 
ATOM   791  C  CB  . SER   A 1 105 ? 9.305   6.525   2.363   0.67 18.75 ? 105 SER   A CB  1 
ATOM   792  O  OG  . SER   A 1 105 ? 8.619   7.757   2.292   0.67 18.81 ? 105 SER   A OG  1 
ATOM   793  N  N   . GLU   A 1 106 ? 11.400  6.919   0.034   1.00 21.61 ? 106 GLU   A N   1 
ATOM   794  C  CA  . GLU   A 1 106 ? 11.717  7.523   -1.276  1.00 23.21 ? 106 GLU   A CA  1 
ATOM   795  C  C   . GLU   A 1 106 ? 10.788  6.866   -2.291  1.00 24.81 ? 106 GLU   A C   1 
ATOM   796  O  O   . GLU   A 1 106 ? 10.134  5.881   -1.980  1.00 20.59 ? 106 GLU   A O   1 
ATOM   797  C  CB  . GLU   A 1 106 ? 13.201  7.308   -1.594  1.00 24.33 ? 106 GLU   A CB  1 
ATOM   798  C  CG  . GLU   A 1 106 ? 14.179  7.954   -0.619  1.00 27.27 ? 106 GLU   A CG  1 
ATOM   799  C  CD  . GLU   A 1 106 ? 15.618  7.476   -0.814  1.00 25.95 ? 106 GLU   A CD  1 
ATOM   800  O  OE1 . GLU   A 1 106 ? 15.959  7.149   -1.948  1.00 26.64 ? 106 GLU   A OE1 1 
ATOM   801  O  OE2 . GLU   A 1 106 ? 16.378  7.349   0.194   1.00 25.31 ? 106 GLU   A OE2 1 
ATOM   802  N  N   . PRO   A 1 107 ? 10.608  7.440   -3.501  1.00 26.13 ? 107 PRO   A N   1 
ATOM   803  C  CA  . PRO   A 1 107 ? 9.641   6.901   -4.456  1.00 26.13 ? 107 PRO   A CA  1 
ATOM   804  C  C   . PRO   A 1 107 ? 9.713   5.376   -4.648  1.00 24.55 ? 107 PRO   A C   1 
ATOM   805  O  O   . PRO   A 1 107 ? 8.678   4.767   -4.631  1.00 26.02 ? 107 PRO   A O   1 
ATOM   806  C  CB  . PRO   A 1 107 ? 10.000  7.657   -5.742  1.00 29.19 ? 107 PRO   A CB  1 
ATOM   807  C  CG  . PRO   A 1 107 ? 10.469  8.997   -5.241  1.00 27.46 ? 107 PRO   A CG  1 
ATOM   808  C  CD  . PRO   A 1 107 ? 11.228  8.688   -3.969  1.00 26.04 ? 107 PRO   A CD  1 
ATOM   809  N  N   . GLY   A 1 108 ? 10.902  4.814   -4.884  1.00 20.97 ? 108 GLY   A N   1 
ATOM   810  C  CA  . GLY   A 1 108 ? 11.153  3.371   -5.095  1.00 21.87 ? 108 GLY   A CA  1 
ATOM   811  C  C   . GLY   A 1 108 ? 10.865  2.541   -3.870  1.00 19.60 ? 108 GLY   A C   1 
ATOM   812  O  O   . GLY   A 1 108 ? 10.901  1.301   -3.946  1.00 18.73 ? 108 GLY   A O   1 
ATOM   813  N  N   . ASP   A 1 109 ? 10.535  3.170   -2.747  1.00 18.44 ? 109 ASP   A N   1 
ATOM   814  C  CA  . ASP   A 1 109 ? 10.175  2.360   -1.550  1.00 17.65 ? 109 ASP   A CA  1 
ATOM   815  C  C   . ASP   A 1 109 ? 8.707   1.904   -1.645  1.00 18.23 ? 109 ASP   A C   1 
ATOM   816  O  O   . ASP   A 1 109 ? 8.278   1.087   -0.813  1.00 18.63 ? 109 ASP   A O   1 
ATOM   817  C  CB  . ASP   A 1 109 ? 10.453  3.158   -0.275  1.00 16.56 ? 109 ASP   A CB  1 
ATOM   818  C  CG  . ASP   A 1 109 ? 11.920  3.260   0.072   1.00 14.21 ? 109 ASP   A CG  1 
ATOM   819  O  OD1 . ASP   A 1 109 ? 12.621  2.187   -0.086  1.00 18.19 ? 109 ASP   A OD1 1 
ATOM   820  O  OD2 . ASP   A 1 109 ? 12.284  4.393   0.554   1.00 14.19 ? 109 ASP   A OD2 1 
ATOM   821  N  N   . CYS   A 1 110 ? 7.978   2.424   -2.629  1.00 18.75 ? 110 CYS   A N   1 
ATOM   822  C  CA  . CYS   A 1 110 ? 6.562   2.086   -2.874  1.00 19.18 ? 110 CYS   A CA  1 
ATOM   823  C  C   . CYS   A 1 110 ? 6.461   0.581   -3.058  1.00 22.08 ? 110 CYS   A C   1 
ATOM   824  O  O   . CYS   A 1 110 ? 7.301   0.072   -3.789  1.00 19.98 ? 110 CYS   A O   1 
ATOM   825  C  CB  . CYS   A 1 110 ? 6.056   2.781   -4.126  1.00 17.52 ? 110 CYS   A CB  1 
ATOM   826  S  SG  . CYS   A 1 110 ? 5.634   4.517   -3.854  1.00 19.32 ? 110 CYS   A SG  1 
ATOM   827  N  N   . GLY   A 1 111 ? 5.441   -0.065  -2.464  1.00 21.66 ? 111 GLY   A N   1 
ATOM   828  C  CA  . GLY   A 1 111 ? 5.242   -1.521  -2.516  1.00 22.73 ? 111 GLY   A CA  1 
ATOM   829  C  C   . GLY   A 1 111 ? 5.757   -2.164  -1.248  1.00 20.99 ? 111 GLY   A C   1 
ATOM   830  O  O   . GLY   A 1 111 ? 5.402   -3.312  -0.975  1.00 18.73 ? 111 GLY   A O   1 
ATOM   831  N  N   . GLY   A 1 112 ? 6.568   -1.442  -0.499  1.00 20.03 ? 112 GLY   A N   1 
ATOM   832  C  CA  . GLY   A 1 112 ? 6.982   -1.902  0.822   1.00 15.50 ? 112 GLY   A CA  1 
ATOM   833  C  C   . GLY   A 1 112 ? 5.778   -2.231  1.685   1.00 15.43 ? 112 GLY   A C   1 
ATOM   834  O  O   . GLY   A 1 112 ? 4.908   -1.321  1.818   1.00 17.85 ? 112 GLY   A O   1 
ATOM   835  N  N   . ILE   A 1 113 ? 5.749   -3.394  2.363   1.00 16.77 ? 113 ILE   A N   1 
ATOM   836  C  CA  . ILE   A 1 113 ? 4.582   -3.778  3.227   1.00 16.65 ? 113 ILE   A CA  1 
ATOM   837  C  C   . ILE   A 1 113 ? 4.681   -3.145  4.623   1.00 14.63 ? 113 ILE   A C   1 
ATOM   838  O  O   . ILE   A 1 113 ? 5.814   -3.193  5.232   1.00 17.23 ? 113 ILE   A O   1 
ATOM   839  C  CB  . ILE   A 1 113 ? 4.351   -5.300  3.252   1.00 18.61 ? 113 ILE   A CB  1 
ATOM   840  C  CG1 . ILE   A 1 113 ? 3.949   -5.798  1.857   1.00 18.98 ? 113 ILE   A CG1 1 
ATOM   841  C  CG2 . ILE   A 1 113 ? 3.282   -5.589  4.287   1.00 19.23 ? 113 ILE   A CG2 1 
ATOM   842  C  CD1 . ILE   A 1 113 ? 4.383   -7.234  1.539   1.00 20.35 ? 113 ILE   A CD1 1 
ATOM   843  N  N   . LEU   A 1 114 ? 3.529   -2.661  5.116   1.00 17.03 ? 114 LEU   A N   1 
ATOM   844  C  CA  . LEU   A 1 114 ? 3.401   -2.269  6.526   1.00 14.40 ? 114 LEU   A CA  1 
ATOM   845  C  C   . LEU   A 1 114 ? 2.643   -3.395  7.209   1.00 16.29 ? 114 LEU   A C   1 
ATOM   846  O  O   . LEU   A 1 114 ? 1.593   -3.809  6.667   1.00 15.91 ? 114 LEU   A O   1 
ATOM   847  C  CB  . LEU   A 1 114 ? 2.652   -0.940  6.631   1.00 16.39 ? 114 LEU   A CB  1 
ATOM   848  C  CG  . LEU   A 1 114 ? 2.219   -0.498  8.025   1.00 16.26 ? 114 LEU   A CG  1 
ATOM   849  C  CD1 . LEU   A 1 114 ? 3.454   -0.212  8.880   1.00 16.88 ? 114 LEU   A CD1 1 
ATOM   850  C  CD2 . LEU   A 1 114 ? 1.282   0.727   7.940   1.00 16.54 ? 114 LEU   A CD2 1 
ATOM   851  N  N   . ARG   A 1 115 ? 3.136   -3.929  8.316   1.00 19.97 ? 115 ARG   A N   1 
ATOM   852  C  CA  . ARG   A 1 115 ? 2.418   -5.073  8.906   1.00 21.47 ? 115 ARG   A CA  1 
ATOM   853  C  C   . ARG   A 1 115 ? 2.378   -4.946  10.415  1.00 21.22 ? 115 ARG   A C   1 
ATOM   854  O  O   . ARG   A 1 115 ? 3.173   -4.186  10.992  1.00 18.75 ? 115 ARG   A O   1 
ATOM   855  C  CB  . ARG   A 1 115 ? 2.947   -6.384  8.331   1.00 28.32 ? 115 ARG   A CB  1 
ATOM   856  C  CG  . ARG   A 1 115 ? 4.244   -6.908  8.900   1.00 34.95 ? 115 ARG   A CG  1 
ATOM   857  C  CD  . ARG   A 1 115 ? 4.410   -8.336  8.396   1.00 37.24 ? 115 ARG   A CD  1 
ATOM   858  N  NE  . ARG   A 1 115 ? 4.578   -8.416  6.944   1.00 34.46 ? 115 ARG   A NE  1 
ATOM   859  C  CZ  . ARG   A 1 115 ? 3.935   -9.249  6.105   1.00 35.69 ? 115 ARG   A CZ  1 
ATOM   860  N  NH1 . ARG   A 1 115 ? 3.015   -10.106 6.530   1.00 37.38 ? 115 ARG   A NH1 1 
ATOM   861  N  NH2 . ARG   A 1 115 ? 4.200   -9.178  4.813   1.00 39.11 ? 115 ARG   A NH2 1 
ATOM   862  N  N   . CYS   A 1 116 ? 1.284   -5.446  10.976  1.00 21.22 ? 116 CYS   A N   1 
ATOM   863  C  CA  . CYS   A 1 116 ? 1.049   -5.559  12.449  1.00 23.33 ? 116 CYS   A CA  1 
ATOM   864  C  C   . CYS   A 1 116 ? 0.894   -7.040  12.830  1.00 24.12 ? 116 CYS   A C   1 
ATOM   865  O  O   . CYS   A 1 116 ? 1.040   -7.886  11.932  1.00 27.34 ? 116 CYS   A O   1 
ATOM   866  C  CB  . CYS   A 1 116 ? -0.186  -4.766  12.822  1.00 22.12 ? 116 CYS   A CB  1 
ATOM   867  S  SG  . CYS   A 1 116 ? -1.702  -5.421  12.067  1.00 22.67 ? 116 CYS   A SG  1 
ATOM   868  N  N   . GLN   A 1 117 ? 0.586   -7.369  14.094  1.00 26.54 ? 117 GLN   A N   1 
ATOM   869  C  CA  . GLN   A 1 117 ? 0.515   -8.799  14.548  1.00 31.06 ? 117 GLN   A CA  1 
ATOM   870  C  C   . GLN   A 1 117 ? -0.655  -9.528  13.857  1.00 30.33 ? 117 GLN   A C   1 
ATOM   871  O  O   . GLN   A 1 117 ? -0.572  -10.767 13.751  1.00 34.62 ? 117 GLN   A O   1 
ATOM   872  C  CB  . GLN   A 1 117 ? 0.505   -8.949  16.081  1.00 31.53 ? 117 GLN   A CB  1 
ATOM   873  C  CG  . GLN   A 1 117 ? -0.819  -8.670  16.779  1.00 31.34 ? 117 GLN   A CG  1 
ATOM   874  C  CD  . GLN   A 1 117 ? -1.005  -7.201  17.049  1.00 39.23 ? 117 GLN   A CD  1 
ATOM   875  O  OE1 . GLN   A 1 117 ? -0.633  -6.349  16.236  1.00 48.63 ? 117 GLN   A OE1 1 
ATOM   876  N  NE2 . GLN   A 1 117 ? -1.537  -6.889  18.222  1.00 41.51 ? 117 GLN   A NE2 1 
ATOM   877  N  N   . HIS   A 1 118 ? -1.640  -8.804  13.319  1.00 29.05 ? 118 HIS   A N   1 
ATOM   878  C  CA  . HIS   A 1 118 ? -2.802  -9.370  12.582  1.00 25.02 ? 118 HIS   A CA  1 
ATOM   879  C  C   . HIS   A 1 118 ? -2.474  -9.636  11.086  1.00 23.00 ? 118 HIS   A C   1 
ATOM   880  O  O   . HIS   A 1 118 ? -3.263  -10.351 10.392  1.00 24.48 ? 118 HIS   A O   1 
ATOM   881  C  CB  . HIS   A 1 118 ? -3.969  -8.395  12.743  1.00 23.19 ? 118 HIS   A CB  1 
ATOM   882  C  CG  . HIS   A 1 118 ? -4.377  -8.057  14.139  1.00 22.75 ? 118 HIS   A CG  1 
ATOM   883  N  ND1 . HIS   A 1 118 ? -4.434  -6.755  14.586  1.00 24.81 ? 118 HIS   A ND1 1 
ATOM   884  C  CD2 . HIS   A 1 118 ? -4.821  -8.818  15.178  1.00 18.58 ? 118 HIS   A CD2 1 
ATOM   885  C  CE1 . HIS   A 1 118 ? -4.890  -6.720  15.823  1.00 26.38 ? 118 HIS   A CE1 1 
ATOM   886  N  NE2 . HIS   A 1 118 ? -5.153  -7.973  16.194  1.00 23.25 ? 118 HIS   A NE2 1 
ATOM   887  N  N   . GLY   A 1 119 ? -1.377  -9.068  10.557  1.00 21.57 ? 119 GLY   A N   1 
ATOM   888  C  CA  . GLY   A 1 119 ? -0.958  -9.304  9.162   1.00 20.27 ? 119 GLY   A CA  1 
ATOM   889  C  C   . GLY   A 1 119 ? -0.677  -8.030  8.381   1.00 18.73 ? 119 GLY   A C   1 
ATOM   890  O  O   . GLY   A 1 119 ? -0.201  -7.051  8.960   1.00 22.82 ? 119 GLY   A O   1 
ATOM   891  N  N   . VAL   A 1 120 ? -1.033  -8.011  7.098   1.00 17.36 ? 120 VAL   A N   1 
ATOM   892  C  CA  . VAL   A 1 120 ? -0.716  -6.899  6.162   1.00 18.97 ? 120 VAL   A CA  1 
ATOM   893  C  C   . VAL   A 1 120 ? -1.761  -5.812  6.407   1.00 17.97 ? 120 VAL   A C   1 
ATOM   894  O  O   . VAL   A 1 120 ? -2.993  -6.159  6.332   1.00 16.60 ? 120 VAL   A O   1 
ATOM   895  C  CB  . VAL   A 1 120 ? -0.705  -7.367  4.707   1.00 20.63 ? 120 VAL   A CB  1 
ATOM   896  C  CG1 . VAL   A 1 120 ? -0.625  -6.200  3.747   1.00 20.90 ? 120 VAL   A CG1 1 
ATOM   897  C  CG2 . VAL   A 1 120 ? 0.396   -8.376  4.412   1.00 21.42 ? 120 VAL   A CG2 1 
ATOM   898  N  N   . VAL   A 1 121 ? -1.291  -4.599  6.720   1.00 20.44 ? 121 VAL   A N   1 
ATOM   899  C  CA  . VAL   A 1 121 ? -2.075  -3.344  6.930   1.00 19.67 ? 121 VAL   A CA  1 
ATOM   900  C  C   . VAL   A 1 121 ? -2.097  -2.563  5.623   1.00 19.21 ? 121 VAL   A C   1 
ATOM   901  O  O   . VAL   A 1 121 ? -3.128  -2.055  5.194   1.00 18.87 ? 121 VAL   A O   1 
ATOM   902  C  CB  . VAL   A 1 121 ? -1.464  -2.462  8.031   1.00 18.36 ? 121 VAL   A CB  1 
ATOM   903  C  CG1 . VAL   A 1 121 ? -2.281  -1.207  8.265   1.00 20.64 ? 121 VAL   A CG1 1 
ATOM   904  C  CG2 . VAL   A 1 121 ? -1.293  -3.236  9.325   1.00 18.95 ? 121 VAL   A CG2 1 
ATOM   905  N  N   . GLY   A 1 122 ? -0.925  -2.356  5.033   1.00 17.16 ? 122 GLY   A N   1 
ATOM   906  C  CA  . GLY   A 1 122 ? -0.931  -1.773  3.690   1.00 16.77 ? 122 GLY   A CA  1 
ATOM   907  C  C   . GLY   A 1 122 ? 0.440   -1.687  3.039   1.00 16.31 ? 122 GLY   A C   1 
ATOM   908  O  O   . GLY   A 1 122 ? 1.328   -2.443  3.389   1.00 17.76 ? 122 GLY   A O   1 
ATOM   909  N  N   . ILE   A 1 123 ? 0.523   -0.799  2.054   1.00 18.15 ? 123 ILE   A N   1 
ATOM   910  C  CA  . ILE   A 1 123 ? 1.759   -0.701  1.251   1.00 16.23 ? 123 ILE   A CA  1 
ATOM   911  C  C   . ILE   A 1 123 ? 2.212   0.751   1.127   1.00 17.95 ? 123 ILE   A C   1 
ATOM   912  O  O   . ILE   A 1 123 ? 1.390   1.718   1.038   1.00 16.84 ? 123 ILE   A O   1 
ATOM   913  C  CB  . ILE   A 1 123 ? 1.656   -1.417  -0.111  1.00 13.82 ? 123 ILE   A CB  1 
ATOM   914  C  CG1 . ILE   A 1 123 ? 0.476   -0.954  -0.959  1.00 16.99 ? 123 ILE   A CG1 1 
ATOM   915  C  CG2 . ILE   A 1 123 ? 1.665   -2.926  0.145   1.00 14.06 ? 123 ILE   A CG2 1 
ATOM   916  C  CD1 . ILE   A 1 123 ? 0.741   -1.036  -2.449  1.00 15.91 ? 123 ILE   A CD1 1 
ATOM   917  N  N   . VAL   A 1 124 ? 3.518   0.931   1.106   1.00 17.36 ? 124 VAL   A N   1 
ATOM   918  C  CA  . VAL   A 1 124 ? 4.072   2.304   1.033   1.00 17.84 ? 124 VAL   A CA  1 
ATOM   919  C  C   . VAL   A 1 124 ? 3.610   2.894   -0.300  1.00 14.93 ? 124 VAL   A C   1 
ATOM   920  O  O   . VAL   A 1 124 ? 3.716   2.163   -1.366  1.00 14.92 ? 124 VAL   A O   1 
ATOM   921  C  CB  . VAL   A 1 124 ? 5.600   2.258   1.113   1.00 15.78 ? 124 VAL   A CB  1 
ATOM   922  C  CG1 . VAL   A 1 124 ? 6.311   3.544   0.768   1.00 14.12 ? 124 VAL   A CG1 1 
ATOM   923  C  CG2 . VAL   A 1 124 ? 6.106   1.810   2.458   1.00 17.41 ? 124 VAL   A CG2 1 
ATOM   924  N  N   . SER   A 1 125 ? 3.105   4.137   -0.285  1.00 16.15 ? 125 SER   A N   1 
ATOM   925  C  CA  . SER   A 1 125 ? 2.468   4.779   -1.464  1.00 15.44 ? 125 SER   A CA  1 
ATOM   926  C  C   . SER   A 1 125 ? 2.993   6.199   -1.777  1.00 19.46 ? 125 SER   A C   1 
ATOM   927  O  O   . SER   A 1 125 ? 3.129   6.533   -2.948  1.00 23.36 ? 125 SER   A O   1 
ATOM   928  C  CB  . SER   A 1 125 ? 0.984   4.777   -1.297  1.00 16.16 ? 125 SER   A CB  1 
ATOM   929  O  OG  . SER   A 1 125 ? 0.325   5.417   -2.383  1.00 17.95 ? 125 SER   A OG  1 
ATOM   930  N  N   . THR   A 1 126 ? 3.304   7.005   -0.762  0.67 19.90 ? 126 THR   A N   1 
ATOM   931  C  CA  . THR   A 1 126 ? 3.806   8.389   -0.943  0.67 21.13 ? 126 THR   A CA  1 
ATOM   932  C  C   . THR   A 1 126 ? 4.687   8.769   0.249   0.67 20.32 ? 126 THR   A C   1 
ATOM   933  O  O   . THR   A 1 126 ? 4.628   8.073   1.310   0.67 18.75 ? 126 THR   A O   1 
ATOM   934  C  CB  . THR   A 1 126 ? 2.631   9.362   -1.142  0.67 21.65 ? 126 THR   A CB  1 
ATOM   935  O  OG1 . THR   A 1 126 ? 3.083   10.491  -1.895  0.67 21.74 ? 126 THR   A OG1 1 
ATOM   936  C  CG2 . THR   A 1 126 ? 2.017   9.821   0.164   0.67 23.03 ? 126 THR   A CG2 1 
ATOM   937  N  N   . GLY   A 1 127 ? 5.457   9.851   0.083   1.00 20.70 ? 127 GLY   A N   1 
ATOM   938  C  CA  . GLY   A 1 127 ? 6.272   10.410  1.165   1.00 21.40 ? 127 GLY   A CA  1 
ATOM   939  C  C   . GLY   A 1 127 ? 6.515   11.875  0.964   1.00 22.52 ? 127 GLY   A C   1 
ATOM   940  O  O   . GLY   A 1 127 ? 6.289   12.405  -0.124  1.00 26.89 ? 127 GLY   A O   1 
ATOM   941  N  N   . GLY   A 1 128 ? 7.011   12.507  2.000   1.00 25.84 ? 128 GLY   A N   1 
ATOM   942  C  CA  . GLY   A 1 128 ? 7.756   13.785  1.890   1.00 27.72 ? 128 GLY   A CA  1 
ATOM   943  C  C   . GLY   A 1 128 ? 7.850   14.410  3.261   1.00 27.71 ? 128 GLY   A C   1 
ATOM   944  O  O   . GLY   A 1 128 ? 7.149   13.911  4.114   1.00 23.91 ? 128 GLY   A O   1 
ATOM   945  N  N   . ASN   A 1 129 ? 8.658   15.451  3.481   1.00 21.53 ? 129 ASN   A N   1 
ATOM   946  C  CA  . ASN   A 1 129 ? 8.628   16.185  4.775   1.00 23.25 ? 129 ASN   A CA  1 
ATOM   947  C  C   . ASN   A 1 129 ? 8.802   15.185  5.933   1.00 22.68 ? 129 ASN   A C   1 
ATOM   948  O  O   . ASN   A 1 129 ? 8.276   15.481  7.011   1.00 31.08 ? 129 ASN   A O   1 
ATOM   949  C  CB  . ASN   A 1 129 ? 7.319   16.977  4.931   1.00 23.86 ? 129 ASN   A CB  1 
ATOM   950  C  CG  . ASN   A 1 129 ? 6.960   17.845  3.735   1.00 27.45 ? 129 ASN   A CG  1 
ATOM   951  O  OD1 . ASN   A 1 129 ? 7.830   18.404  3.085   1.00 31.09 ? 129 ASN   A OD1 1 
ATOM   952  N  ND2 . ASN   A 1 129 ? 5.672   17.964  3.436   1.00 29.26 ? 129 ASN   A ND2 1 
ATOM   953  N  N   . GLY   A 1 130 ? 9.522   14.079  5.714   1.00 25.00 ? 130 GLY   A N   1 
ATOM   954  C  CA  . GLY   A 1 130 ? 9.890   13.092  6.747   1.00 24.99 ? 130 GLY   A CA  1 
ATOM   955  C  C   . GLY   A 1 130 ? 8.722   12.209  7.215   1.00 21.71 ? 130 GLY   A C   1 
ATOM   956  O  O   . GLY   A 1 130 ? 8.795   11.625  8.289   1.00 20.24 ? 130 GLY   A O   1 
ATOM   957  N  N   . LEU   A 1 131 ? 7.618   12.193  6.487   1.00 18.00 ? 131 LEU   A N   1 
ATOM   958  C  CA  . LEU   A 1 131 ? 6.480   11.268  6.716   1.00 17.13 ? 131 LEU   A CA  1 
ATOM   959  C  C   . LEU   A 1 131 ? 6.356   10.262  5.564   1.00 18.37 ? 131 LEU   A C   1 
ATOM   960  O  O   . LEU   A 1 131 ? 6.609   10.640  4.405   1.00 19.81 ? 131 LEU   A O   1 
ATOM   961  C  CB  . LEU   A 1 131 ? 5.241   12.142  6.828   1.00 20.28 ? 131 LEU   A CB  1 
ATOM   962  C  CG  . LEU   A 1 131 ? 5.368   13.259  7.850   1.00 22.57 ? 131 LEU   A CG  1 
ATOM   963  C  CD1 . LEU   A 1 131 ? 4.616   14.493  7.373   1.00 23.39 ? 131 LEU   A CD1 1 
ATOM   964  C  CD2 . LEU   A 1 131 ? 4.911   12.765  9.214   1.00 22.36 ? 131 LEU   A CD2 1 
ATOM   965  N  N   . VAL   A 1 132 ? 6.075   8.995   5.875   1.00 16.97 ? 132 VAL   A N   1 
ATOM   966  C  CA  . VAL   A 1 132 ? 5.830   7.890   4.913   1.00 18.03 ? 132 VAL   A CA  1 
ATOM   967  C  C   . VAL   A 1 132 ? 4.316   7.727   4.886   1.00 16.37 ? 132 VAL   A C   1 
ATOM   968  O  O   . VAL   A 1 132 ? 3.727   7.752   5.976   1.00 18.65 ? 132 VAL   A O   1 
ATOM   969  C  CB  . VAL   A 1 132 ? 6.635   6.617   5.239   1.00 22.20 ? 132 VAL   A CB  1 
ATOM   970  C  CG1 . VAL   A 1 132 ? 6.642   6.238   6.705   1.00 23.19 ? 132 VAL   A CG1 1 
ATOM   971  C  CG2 . VAL   A 1 132 ? 6.183   5.456   4.360   1.00 24.86 ? 132 VAL   A CG2 1 
ATOM   972  N  N   . GLY   A 1 133 ? 3.705   7.763   3.689   1.00 15.60 ? 133 GLY   A N   1 
ATOM   973  C  CA  . GLY   A 1 133 ? 2.292   7.425   3.538   1.00 17.12 ? 133 GLY   A CA  1 
ATOM   974  C  C   . GLY   A 1 133 ? 2.105   6.000   3.079   1.00 17.09 ? 133 GLY   A C   1 
ATOM   975  O  O   . GLY   A 1 133 ? 2.692   5.589   2.037   1.00 22.40 ? 133 GLY   A O   1 
ATOM   976  N  N   . PHE   A 1 134 ? 1.183   5.310   3.730   1.00 16.18 ? 134 PHE   A N   1 
ATOM   977  C  CA  . PHE   A 1 134 ? 0.809   3.930   3.338   1.00 18.21 ? 134 PHE   A CA  1 
ATOM   978  C  C   . PHE   A 1 134 ? -0.669  3.877   2.965   1.00 17.87 ? 134 PHE   A C   1 
ATOM   979  O  O   . PHE   A 1 134 ? -1.519  4.501   3.588   1.00 18.64 ? 134 PHE   A O   1 
ATOM   980  C  CB  . PHE   A 1 134 ? 1.021   2.966   4.501   1.00 18.53 ? 134 PHE   A CB  1 
ATOM   981  C  CG  . PHE   A 1 134 ? 2.340   3.057   5.201   1.00 19.28 ? 134 PHE   A CG  1 
ATOM   982  C  CD1 . PHE   A 1 134 ? 3.378   2.252   4.804   1.00 18.30 ? 134 PHE   A CD1 1 
ATOM   983  C  CD2 . PHE   A 1 134 ? 2.537   3.889   6.284   1.00 18.23 ? 134 PHE   A CD2 1 
ATOM   984  C  CE1 . PHE   A 1 134 ? 4.574   2.243   5.510   1.00 18.63 ? 134 PHE   A CE1 1 
ATOM   985  C  CE2 . PHE   A 1 134 ? 3.747   3.930   6.956   1.00 17.64 ? 134 PHE   A CE2 1 
ATOM   986  C  CZ  . PHE   A 1 134 ? 4.763   3.101   6.559   1.00 17.40 ? 134 PHE   A CZ  1 
ATOM   987  N  N   . ALA   A 1 135 ? -0.908  3.159   1.893   1.00 16.78 ? 135 ALA   A N   1 
ATOM   988  C  CA  . ALA   A 1 135 ? -2.220  2.896   1.318   1.00 15.34 ? 135 ALA   A CA  1 
ATOM   989  C  C   . ALA   A 1 135 ? -2.808  1.710   2.075   1.00 16.53 ? 135 ALA   A C   1 
ATOM   990  O  O   . ALA   A 1 135 ? -2.226  0.609   1.977   1.00 19.23 ? 135 ALA   A O   1 
ATOM   991  C  CB  . ALA   A 1 135 ? -2.113  2.616   -0.167  1.00 15.44 ? 135 ALA   A CB  1 
ATOM   992  N  N   . ASP   A 1 136 ? -3.919  1.918   2.791   1.00 16.68 ? 136 ASP   A N   1 
ATOM   993  C  CA  . ASP   A 1 136 ? -4.526  0.889   3.652   1.00 15.97 ? 136 ASP   A CA  1 
ATOM   994  C  C   . ASP   A 1 136 ? -5.238  -0.133  2.747   1.00 17.92 ? 136 ASP   A C   1 
ATOM   995  O  O   . ASP   A 1 136 ? -5.747  0.278   1.658   1.00 21.40 ? 136 ASP   A O   1 
ATOM   996  C  CB  . ASP   A 1 136 ? -5.506  1.447   4.693   1.00 16.52 ? 136 ASP   A CB  1 
ATOM   997  C  CG  . ASP   A 1 136 ? -6.095  0.364   5.590   1.00 17.66 ? 136 ASP   A CG  1 
ATOM   998  O  OD1 . ASP   A 1 136 ? -5.337  -0.437  6.200   1.00 17.49 ? 136 ASP   A OD1 1 
ATOM   999  O  OD2 . ASP   A 1 136 ? -7.314  0.300   5.636   1.00 20.88 ? 136 ASP   A OD2 1 
ATOM   1000 N  N   . VAL   A 1 137 ? -5.174  -1.425  3.101   1.00 17.31 ? 137 VAL   A N   1 
ATOM   1001 C  CA  . VAL   A 1 137 ? -5.894  -2.519  2.399   1.00 17.60 ? 137 VAL   A CA  1 
ATOM   1002 C  C   . VAL   A 1 137 ? -6.836  -3.268  3.360   1.00 19.68 ? 137 VAL   A C   1 
ATOM   1003 O  O   . VAL   A 1 137 ? -7.556  -4.167  2.904   1.00 22.29 ? 137 VAL   A O   1 
ATOM   1004 C  CB  . VAL   A 1 137 ? -4.874  -3.481  1.754   1.00 17.72 ? 137 VAL   A CB  1 
ATOM   1005 C  CG1 . VAL   A 1 137 ? -3.982  -2.799  0.726   1.00 16.31 ? 137 VAL   A CG1 1 
ATOM   1006 C  CG2 . VAL   A 1 137 ? -4.014  -4.138  2.795   1.00 16.04 ? 137 VAL   A CG2 1 
ATOM   1007 N  N   . ARG   A 1 138 ? -6.855  -2.930  4.664   1.00 19.89 ? 138 ARG   A N   1 
ATOM   1008 C  CA  . ARG   A 1 138 ? -7.595  -3.741  5.659   1.00 17.54 ? 138 ARG   A CA  1 
ATOM   1009 C  C   . ARG   A 1 138 ? -9.099  -3.636  5.424   1.00 20.41 ? 138 ARG   A C   1 
ATOM   1010 O  O   . ARG   A 1 138 ? -9.850  -4.539  5.889   1.00 21.67 ? 138 ARG   A O   1 
ATOM   1011 C  CB  . ARG   A 1 138 ? -7.316  -3.257  7.073   1.00 21.19 ? 138 ARG   A CB  1 
ATOM   1012 C  CG  . ARG   A 1 138 ? -5.847  -3.345  7.455   1.00 17.71 ? 138 ARG   A CG  1 
ATOM   1013 C  CD  . ARG   A 1 138 ? -5.661  -2.896  8.878   1.00 16.12 ? 138 ARG   A CD  1 
ATOM   1014 N  NE  . ARG   A 1 138 ? -5.769  -1.449  8.824   1.00 18.46 ? 138 ARG   A NE  1 
ATOM   1015 C  CZ  . ARG   A 1 138 ? -5.290  -0.651  9.755   1.00 19.12 ? 138 ARG   A CZ  1 
ATOM   1016 N  NH1 . ARG   A 1 138 ? -4.856  -1.154  10.894  1.00 19.47 ? 138 ARG   A NH1 1 
ATOM   1017 N  NH2 . ARG   A 1 138 ? -5.383  0.645   9.621   1.00 20.05 ? 138 ARG   A NH2 1 
ATOM   1018 N  N   . ASP   A 1 139 ? -9.537  -2.600  4.707   1.00 18.60 ? 139 ASP   A N   1 
ATOM   1019 C  CA  . ASP   A 1 139 ? -11.010 -2.457  4.499   1.00 20.40 ? 139 ASP   A CA  1 
ATOM   1020 C  C   . ASP   A 1 139 ? -11.512 -3.377  3.365   1.00 23.65 ? 139 ASP   A C   1 
ATOM   1021 O  O   . ASP   A 1 139 ? -12.744 -3.628  3.287   1.00 22.46 ? 139 ASP   A O   1 
ATOM   1022 C  CB  . ASP   A 1 139 ? -11.482 -1.016  4.271   1.00 22.68 ? 139 ASP   A CB  1 
ATOM   1023 C  CG  . ASP   A 1 139 ? -11.000 -0.366  2.997   1.00 25.93 ? 139 ASP   A CG  1 
ATOM   1024 O  OD1 . ASP   A 1 139 ? -9.841  -0.599  2.646   1.00 22.30 ? 139 ASP   A OD1 1 
ATOM   1025 O  OD2 . ASP   A 1 139 ? -11.761 0.433   2.409   1.00 23.15 ? 139 ASP   A OD2 1 
ATOM   1026 N  N   . LEU   A 1 140 ? -10.620 -3.895  2.520   1.00 20.39 ? 140 LEU   A N   1 
ATOM   1027 C  CA  . LEU   A 1 140 ? -11.002 -4.725  1.337   1.00 20.38 ? 140 LEU   A CA  1 
ATOM   1028 C  C   . LEU   A 1 140 ? -11.204 -6.159  1.806   1.00 21.41 ? 140 LEU   A C   1 
ATOM   1029 O  O   . LEU   A 1 140 ? -10.314 -6.967  1.609   1.00 20.91 ? 140 LEU   A O   1 
ATOM   1030 C  CB  . LEU   A 1 140 ? -9.910  -4.623  0.273   1.00 19.13 ? 140 LEU   A CB  1 
ATOM   1031 C  CG  . LEU   A 1 140 ? -9.472  -3.192  0.023   1.00 20.70 ? 140 LEU   A CG  1 
ATOM   1032 C  CD1 . LEU   A 1 140 ? -8.184  -3.203  -0.785  1.00 21.33 ? 140 LEU   A CD1 1 
ATOM   1033 C  CD2 . LEU   A 1 140 ? -10.560 -2.411  -0.678  1.00 18.12 ? 140 LEU   A CD2 1 
ATOM   1034 N  N   . LEU   A 1 141 ? -12.366 -6.409  2.432   0.50 18.75 ? 141 LEU   A N   1 
ATOM   1035 C  CA  . LEU   A 1 141 ? -12.771 -7.718  3.013   0.50 18.29 ? 141 LEU   A CA  1 
ATOM   1036 C  C   . LEU   A 1 141 ? -12.829 -8.756  1.885   0.50 18.99 ? 141 LEU   A C   1 
ATOM   1037 O  O   . LEU   A 1 141 ? -12.706 -9.957  2.181   0.50 19.96 ? 141 LEU   A O   1 
ATOM   1038 C  CB  . LEU   A 1 141 ? -14.141 -7.598  3.693   0.50 17.25 ? 141 LEU   A CB  1 
ATOM   1039 C  CG  . LEU   A 1 141 ? -14.242 -6.666  4.898   0.50 17.26 ? 141 LEU   A CG  1 
ATOM   1040 C  CD1 . LEU   A 1 141 ? -15.344 -7.147  5.827   0.50 16.98 ? 141 LEU   A CD1 1 
ATOM   1041 C  CD2 . LEU   A 1 141 ? -12.913 -6.559  5.640   0.50 16.96 ? 141 LEU   A CD2 1 
ATOM   1042 N  N   . TRP   A 1 142 ? -13.011 -8.317  0.634   0.50 19.34 ? 142 TRP   A N   1 
ATOM   1043 C  CA  . TRP   A 1 142 ? -13.194 -9.222  -0.528  0.50 18.78 ? 142 TRP   A CA  1 
ATOM   1044 C  C   . TRP   A 1 142 ? -11.863 -9.832  -0.966  0.50 20.31 ? 142 TRP   A C   1 
ATOM   1045 O  O   . TRP   A 1 142 ? -11.905 -10.742 -1.802  0.50 19.85 ? 142 TRP   A O   1 
ATOM   1046 C  CB  . TRP   A 1 142 ? -13.876 -8.502  -1.694  0.50 17.83 ? 142 TRP   A CB  1 
ATOM   1047 C  CG  . TRP   A 1 142 ? -13.154 -7.287  -2.183  0.50 17.57 ? 142 TRP   A CG  1 
ATOM   1048 C  CD1 . TRP   A 1 142 ? -13.456 -5.984  -1.908  0.50 16.60 ? 142 TRP   A CD1 1 
ATOM   1049 C  CD2 . TRP   A 1 142 ? -11.989 -7.262  -3.028  0.50 15.90 ? 142 TRP   A CD2 1 
ATOM   1050 N  NE1 . TRP   A 1 142 ? -12.552 -5.149  -2.507  0.50 16.28 ? 142 TRP   A NE1 1 
ATOM   1051 C  CE2 . TRP   A 1 142 ? -11.656 -5.904  -3.225  0.50 17.00 ? 142 TRP   A CE2 1 
ATOM   1052 C  CE3 . TRP   A 1 142 ? -11.221 -8.251  -3.655  0.50 16.63 ? 142 TRP   A CE3 1 
ATOM   1053 C  CZ2 . TRP   A 1 142 ? -10.569 -5.524  -4.009  0.50 16.88 ? 142 TRP   A CZ2 1 
ATOM   1054 C  CZ3 . TRP   A 1 142 ? -10.148 -7.869  -4.426  0.50 16.37 ? 142 TRP   A CZ3 1 
ATOM   1055 C  CH2 . TRP   A 1 142 ? -9.836  -6.520  -4.605  0.50 15.70 ? 142 TRP   A CH2 1 
ATOM   1056 N  N   . LEU   A 1 143 ? -10.731 -9.347  -0.447  0.50 20.82 ? 143 LEU   A N   1 
ATOM   1057 C  CA  . LEU   A 1 143 ? -9.388  -9.902  -0.782  0.50 21.09 ? 143 LEU   A CA  1 
ATOM   1058 C  C   . LEU   A 1 143 ? -9.212  -11.265 -0.101  0.50 22.51 ? 143 LEU   A C   1 
ATOM   1059 O  O   . LEU   A 1 143 ? -8.356  -12.043 -0.575  0.50 23.53 ? 143 LEU   A O   1 
ATOM   1060 C  CB  . LEU   A 1 143 ? -8.285  -8.930  -0.349  0.50 19.97 ? 143 LEU   A CB  1 
ATOM   1061 C  CG  . LEU   A 1 143 ? -7.834  -7.905  -1.390  0.50 19.32 ? 143 LEU   A CG  1 
ATOM   1062 C  CD1 . LEU   A 1 143 ? -6.998  -6.820  -0.737  0.50 18.49 ? 143 LEU   A CD1 1 
ATOM   1063 C  CD2 . LEU   A 1 143 ? -7.045  -8.564  -2.517  0.50 18.59 ? 143 LEU   A CD2 1 
ATOM   1064 N  N   . ASP   A 1 144 ? -9.984  -11.530 0.961   0.50 24.23 ? 144 ASP   A N   1 
ATOM   1065 C  CA  . ASP   A 1 144 ? -9.903  -12.758 1.803   0.50 25.83 ? 144 ASP   A CA  1 
ATOM   1066 C  C   . ASP   A 1 144 ? -10.980 -13.770 1.405   0.50 27.47 ? 144 ASP   A C   1 
ATOM   1067 O  O   . ASP   A 1 144 ? -11.413 -14.539 2.287   0.50 29.13 ? 144 ASP   A O   1 
ATOM   1068 C  CB  . ASP   A 1 144 ? -10.057 -12.434 3.292   0.50 26.27 ? 144 ASP   A CB  1 
ATOM   1069 C  CG  . ASP   A 1 144 ? -8.827  -12.796 4.103   0.50 26.28 ? 144 ASP   A CG  1 
ATOM   1070 O  OD1 . ASP   A 1 144 ? -8.590  -14.002 4.289   0.50 27.51 ? 144 ASP   A OD1 1 
ATOM   1071 O  OD2 . ASP   A 1 144 ? -8.115  -11.872 4.528   0.50 25.86 ? 144 ASP   A OD2 1 
ATOM   1072 N  N   . GLU   A 1 145 ? -11.380 -13.780 0.130   0.50 28.54 ? 145 GLU   A N   1 
ATOM   1073 C  CA  . GLU   A 1 145 ? -12.335 -14.763 -0.446  0.50 29.99 ? 145 GLU   A CA  1 
ATOM   1074 C  C   . GLU   A 1 145 ? -11.718 -15.365 -1.716  0.50 29.88 ? 145 GLU   A C   1 
ATOM   1075 O  O   . GLU   A 1 145 ? -11.690 -14.634 -2.735  0.50 29.31 ? 145 GLU   A O   1 
ATOM   1076 C  CB  . GLU   A 1 145 ? -13.676 -14.086 -0.745  0.50 31.09 ? 145 GLU   A CB  1 
ATOM   1077 C  CG  . GLU   A 1 145 ? -14.021 -12.959 0.217   0.50 31.43 ? 145 GLU   A CG  1 
ATOM   1078 C  CD  . GLU   A 1 145 ? -14.568 -13.397 1.564   0.50 32.21 ? 145 GLU   A CD  1 
ATOM   1079 O  OE1 . GLU   A 1 145 ? -15.496 -12.722 2.060   0.50 32.69 ? 145 GLU   A OE1 1 
ATOM   1080 O  OE2 . GLU   A 1 145 ? -14.069 -14.410 2.109   0.50 31.05 ? 145 GLU   A OE2 1 
HETATM 1081 N  N1  . A1AM3 B 2 .   ? 9.688   10.826  -0.392  0.67 14.50 ? 201 A1AM3 A N1  1 
HETATM 1082 C  C4  . A1AM3 B 2 .   ? 9.809   12.148  -0.978  0.67 13.66 ? 201 A1AM3 A C4  1 
HETATM 1083 C  C5  . A1AM3 B 2 .   ? 10.887  12.147  -2.028  0.67 14.59 ? 201 A1AM3 A C5  1 
HETATM 1084 C  C6  . A1AM3 B 2 .   ? 12.191  11.836  -1.666  0.67 14.58 ? 201 A1AM3 A C6  1 
HETATM 1085 C  C7  . A1AM3 B 2 .   ? 13.197  11.786  -2.620  0.67 15.32 ? 201 A1AM3 A C7  1 
HETATM 1086 C  C8  . A1AM3 B 2 .   ? 12.908  12.053  -3.954  0.67 14.42 ? 201 A1AM3 A C8  1 
HETATM 1087 C  C10 . A1AM3 B 2 .   ? 10.611  12.414  -3.366  0.67 16.02 ? 201 A1AM3 A C10 1 
HETATM 1088 N  N   . A1AM3 B 2 .   ? 7.716   8.168   -1.223  0.67 12.62 ? 201 A1AM3 A N   1 
HETATM 1089 C  C   . A1AM3 B 2 .   ? 7.116   6.882   -0.901  0.67 10.21 ? 201 A1AM3 A C   1 
HETATM 1090 C  C1  . A1AM3 B 2 .   ? 7.413   8.997   -2.315  0.67 12.87 ? 201 A1AM3 A C1  1 
HETATM 1091 C  C2  . A1AM3 B 2 .   ? 8.106   10.150  -2.140  0.67 13.01 ? 201 A1AM3 A C2  1 
HETATM 1092 C  C3  . A1AM3 B 2 .   ? 8.853   9.919   -0.913  0.67 12.80 ? 201 A1AM3 A C3  1 
HETATM 1093 C  C9  . A1AM3 B 2 .   ? 11.617  12.380  -4.322  0.67 16.28 ? 201 A1AM3 A C9  1 
HETATM 1094 N  N2  . A1AM3 B 2 .   ? 8.608   8.700   -0.374  0.67 13.05 ? 201 A1AM3 A N2  1 
HETATM 1095 ZN ZN  . ZN    C 3 .   ? -3.502  -5.188  13.652  1.00 26.02 ? 202 ZN    A ZN  1 
HETATM 1096 S  S   . DMS   D 4 .   ? -11.557 6.884   -7.455  1.00 57.88 ? 203 DMS   A S   1 
HETATM 1097 O  O   . DMS   D 4 .   ? -10.241 7.317   -8.076  1.00 40.64 ? 203 DMS   A O   1 
HETATM 1098 C  C1  . DMS   D 4 .   ? -12.351 8.368   -6.867  1.00 53.14 ? 203 DMS   A C1  1 
HETATM 1099 C  C2  . DMS   D 4 .   ? -12.655 6.555   -8.819  1.00 53.77 ? 203 DMS   A C2  1 
HETATM 1100 S  S   . DMS   E 4 .   ? 12.707  8.296   12.845  1.00 62.67 ? 204 DMS   A S   1 
HETATM 1101 O  O   . DMS   E 4 .   ? 12.171  9.336   11.899  1.00 45.01 ? 204 DMS   A O   1 
HETATM 1102 C  C1  . DMS   E 4 .   ? 14.472  8.336   12.696  1.00 59.32 ? 204 DMS   A C1  1 
HETATM 1103 C  C2  . DMS   E 4 .   ? 12.579  8.961   14.500  1.00 61.29 ? 204 DMS   A C2  1 
HETATM 1104 O  O   . HOH   F 5 .   ? 1.116   -11.981 4.671   1.00 33.23 ? 301 HOH   A O   1 
HETATM 1105 O  O   . HOH   F 5 .   ? -2.086  -13.979 -4.620  1.00 26.16 ? 302 HOH   A O   1 
HETATM 1106 O  O   . HOH   F 5 .   ? -8.266  -13.537 -9.010  1.00 44.17 ? 303 HOH   A O   1 
HETATM 1107 O  O   . HOH   F 5 .   ? -0.061  8.207   -4.493  1.00 25.14 ? 304 HOH   A O   1 
HETATM 1108 O  O   . HOH   F 5 .   ? 3.732   -1.851  -5.858  1.00 18.17 ? 305 HOH   A O   1 
HETATM 1109 O  O   . HOH   F 5 .   ? 7.276   5.156   -6.694  1.00 28.76 ? 306 HOH   A O   1 
HETATM 1110 O  O   . HOH   F 5 .   ? 0.286   -3.985  16.340  1.00 40.67 ? 307 HOH   A O   1 
HETATM 1111 O  O   . HOH   F 5 .   ? 10.900  3.921   13.283  1.00 31.53 ? 308 HOH   A O   1 
HETATM 1112 O  O   . HOH   F 5 .   ? 0.772   1.387   -14.410 1.00 23.21 ? 309 HOH   A O   1 
HETATM 1113 O  O   . HOH   F 5 .   ? -4.125  9.379   8.222   0.67 13.43 ? 310 HOH   A O   1 
HETATM 1114 O  O   . HOH   F 5 .   ? -9.323  2.112   4.683   1.00 26.17 ? 311 HOH   A O   1 
HETATM 1115 O  O   . HOH   F 5 .   ? -9.919  4.601   -10.312 1.00 25.32 ? 312 HOH   A O   1 
HETATM 1116 O  O   . HOH   F 5 .   ? 8.809   4.855   -8.949  1.00 38.99 ? 313 HOH   A O   1 
HETATM 1117 O  O   . HOH   F 5 .   ? -8.724  -0.233  10.331  1.00 19.77 ? 314 HOH   A O   1 
HETATM 1118 O  O   . HOH   F 5 .   ? -5.611  2.584   0.335   1.00 20.37 ? 315 HOH   A O   1 
HETATM 1119 O  O   . HOH   F 5 .   ? 0.215   -15.363 -6.410  1.00 23.95 ? 316 HOH   A O   1 
HETATM 1120 O  O   . HOH   F 5 .   ? -4.315  4.980   -0.266  1.00 16.26 ? 317 HOH   A O   1 
HETATM 1121 O  O   . HOH   F 5 .   ? 4.525   -3.695  -10.390 1.00 40.89 ? 318 HOH   A O   1 
HETATM 1122 O  O   . HOH   F 5 .   ? -9.011  0.144   7.724   1.00 16.26 ? 319 HOH   A O   1 
HETATM 1123 O  O   . HOH   F 5 .   ? 10.069  -0.263  0.687   1.00 14.46 ? 320 HOH   A O   1 
HETATM 1124 O  O   . HOH   F 5 .   ? 9.162   9.860   3.988   1.00 26.82 ? 321 HOH   A O   1 
HETATM 1125 O  O   . HOH   F 5 .   ? 6.339   6.150   15.000  1.00 20.92 ? 322 HOH   A O   1 
HETATM 1126 O  O   . HOH   F 5 .   ? 4.185   -9.950  -0.390  1.00 30.98 ? 323 HOH   A O   1 
HETATM 1127 O  O   . HOH   F 5 .   ? -2.096  -0.081  17.604  1.00 30.20 ? 324 HOH   A O   1 
HETATM 1128 O  O   . HOH   F 5 .   ? 4.974   8.086   13.655  1.00 14.68 ? 325 HOH   A O   1 
HETATM 1129 O  O   . HOH   F 5 .   ? -1.841  4.993   -10.952 1.00 23.44 ? 326 HOH   A O   1 
HETATM 1130 O  O   . HOH   F 5 .   ? 18.810  7.333   -1.186  1.00 25.16 ? 327 HOH   A O   1 
HETATM 1131 O  O   . HOH   F 5 .   ? 19.547  4.817   -0.070  1.00 26.73 ? 328 HOH   A O   1 
HETATM 1132 O  O   . HOH   F 5 .   ? -5.257  2.540   11.756  1.00 22.32 ? 329 HOH   A O   1 
HETATM 1133 O  O   . HOH   F 5 .   ? 12.270  5.448   9.037   1.00 28.53 ? 330 HOH   A O   1 
HETATM 1134 O  O   . HOH   F 5 .   ? -5.624  8.118   13.743  1.00 28.37 ? 331 HOH   A O   1 
HETATM 1135 O  O   . HOH   F 5 .   ? 10.168  -2.846  -1.005  1.00 19.90 ? 332 HOH   A O   1 
HETATM 1136 O  O   . HOH   F 5 .   ? -1.541  -12.075 16.133  1.00 49.36 ? 333 HOH   A O   1 
HETATM 1137 O  O   . HOH   F 5 .   ? -5.548  6.497   -14.988 1.00 25.89 ? 334 HOH   A O   1 
HETATM 1138 O  O   . HOH   F 5 .   ? -10.308 7.906   3.261   1.00 20.26 ? 335 HOH   A O   1 
HETATM 1139 O  O   . HOH   F 5 .   ? -12.019 -0.818  -10.431 1.00 22.24 ? 336 HOH   A O   1 
HETATM 1140 O  O   . HOH   F 5 .   ? 18.282  9.168   1.512   1.00 28.53 ? 337 HOH   A O   1 
HETATM 1141 O  O   . HOH   F 5 .   ? -12.321 2.329   -2.159  1.00 33.54 ? 338 HOH   A O   1 
HETATM 1142 O  O   . HOH   F 5 .   ? -0.108  -15.298 -11.159 1.00 39.53 ? 339 HOH   A O   1 
HETATM 1143 O  O   . HOH   F 5 .   ? 7.147   -5.155  7.063   1.00 29.85 ? 340 HOH   A O   1 
HETATM 1144 O  O   . HOH   F 5 .   ? 2.496   7.902   17.989  1.00 22.81 ? 341 HOH   A O   1 
HETATM 1145 O  O   . HOH   F 5 .   ? 7.775   -5.583  1.696   1.00 23.46 ? 342 HOH   A O   1 
HETATM 1146 O  O   . HOH   F 5 .   ? 22.834  -0.788  2.679   1.00 27.71 ? 343 HOH   A O   1 
HETATM 1147 O  O   . HOH   F 5 .   ? 5.626   18.290  0.383   1.00 43.81 ? 344 HOH   A O   1 
HETATM 1148 O  O   . HOH   F 5 .   ? -15.119 -4.833  1.689   1.00 27.52 ? 345 HOH   A O   1 
HETATM 1149 O  O   . HOH   F 5 .   ? 1.035   -9.035  -19.463 1.00 45.79 ? 346 HOH   A O   1 
HETATM 1150 O  O   . HOH   F 5 .   ? 5.618   -2.994  -7.618  1.00 26.89 ? 347 HOH   A O   1 
HETATM 1151 O  O   . HOH   F 5 .   ? 1.949   -8.622  -13.048 1.00 34.09 ? 348 HOH   A O   1 
HETATM 1152 O  O   . HOH   F 5 .   ? -3.567  -10.835 17.212  1.00 52.64 ? 349 HOH   A O   1 
HETATM 1153 O  O   . HOH   F 5 .   ? -1.240  -14.150 14.541  1.00 57.22 ? 350 HOH   A O   1 
HETATM 1154 O  O   . HOH   F 5 .   ? -14.097 -3.017  -0.126  1.00 29.20 ? 351 HOH   A O   1 
HETATM 1155 O  O   . HOH   F 5 .   ? -8.062  2.311   11.657  1.00 24.90 ? 352 HOH   A O   1 
HETATM 1156 O  O   . HOH   F 5 .   ? 13.316  10.536  8.119   1.00 32.24 ? 353 HOH   A O   1 
HETATM 1157 O  O   . HOH   F 5 .   ? 7.159   11.819  -4.540  0.67 28.66 ? 354 HOH   A O   1 
HETATM 1158 O  O   . HOH   F 5 .   ? -14.162 -6.900  -6.490  1.00 29.59 ? 355 HOH   A O   1 
# 
